data_5AXE
# 
_entry.id   5AXE 
# 
_audit_conform.dict_name       mmcif_pdbx.dic 
_audit_conform.dict_version    5.380 
_audit_conform.dict_location   http://mmcif.pdb.org/dictionaries/ascii/mmcif_pdbx.dic 
# 
loop_
_database_2.database_id 
_database_2.database_code 
_database_2.pdbx_database_accession 
_database_2.pdbx_DOI 
PDB   5AXE         pdb_00005axe 10.2210/pdb5axe/pdb 
WWPDB D_1300000124 ?            ?                   
# 
_pdbx_database_related.content_type   unspecified 
_pdbx_database_related.db_id          5AXF 
_pdbx_database_related.db_name        PDB 
_pdbx_database_related.details        . 
# 
_pdbx_database_status.status_code                     REL 
_pdbx_database_status.status_code_sf                  REL 
_pdbx_database_status.status_code_mr                  ? 
_pdbx_database_status.entry_id                        5AXE 
_pdbx_database_status.recvd_initial_deposition_date   2015-07-28 
_pdbx_database_status.SG_entry                        N 
_pdbx_database_status.deposit_site                    PDBJ 
_pdbx_database_status.process_site                    PDBJ 
_pdbx_database_status.status_code_cs                  ? 
_pdbx_database_status.methods_development_category    ? 
_pdbx_database_status.pdb_format_compatible           Y 
_pdbx_database_status.status_code_nmr_data            ? 
# 
loop_
_audit_author.name 
_audit_author.pdbx_ordinal 
'Mitsuoka, Y.' 1  
'Aoyama, H.'   2  
'Kugimiya, A.' 3  
'Fujimura, Y.' 4  
'Yamamoto, T.' 5  
'Waki, R.'     6  
'Wada, F.'     7  
'Tahara, S.'   8  
'Sawamura, M.' 9  
'Noda, M.'     10 
'Hari, Y.'     11 
'Obika, S.'    12 
# 
_citation.abstract                  ? 
_citation.abstract_id_CAS           ? 
_citation.book_id_ISBN              ? 
_citation.book_publisher            ? 
_citation.book_publisher_city       ? 
_citation.book_title                ? 
_citation.coordinate_linkage        ? 
_citation.country                   UK 
_citation.database_id_Medline       ? 
_citation.details                   ? 
_citation.id                        primary 
_citation.journal_abbrev            Org.Biomol.Chem. 
_citation.journal_id_ASTM           ? 
_citation.journal_id_CSD            ? 
_citation.journal_id_ISSN           1477-0539 
_citation.journal_full              ? 
_citation.journal_issue             ? 
_citation.journal_volume            14 
_citation.language                  ? 
_citation.page_first                6531 
_citation.page_last                 6538 
_citation.title                     
'Effect of an N-substituent in sulfonamide-bridged nucleic acid (SuNA) on hybridization ability and duplex structure.' 
_citation.year                      2016 
_citation.database_id_CSD           ? 
_citation.pdbx_database_id_DOI      10.1039/c6ob01051b 
_citation.pdbx_database_id_PubMed   27296230 
_citation.unpublished_flag          ? 
# 
loop_
_citation_author.citation_id 
_citation_author.name 
_citation_author.ordinal 
_citation_author.identifier_ORCID 
primary 'Mitsuoka, Y.' 1  ? 
primary 'Aoyama, H.'   2  ? 
primary 'Kugimiya, A.' 3  ? 
primary 'Fujimura, Y.' 4  ? 
primary 'Yamamoto, T.' 5  ? 
primary 'Waki, R.'     6  ? 
primary 'Wada, F.'     7  ? 
primary 'Tahara, S.'   8  ? 
primary 'Sawamura, M.' 9  ? 
primary 'Noda, M.'     10 ? 
primary 'Hari, Y.'     11 ? 
primary 'Obika, S.'    12 ? 
# 
_cell.entry_id           5AXE 
_cell.length_a           23.685 
_cell.length_b           42.905 
_cell.length_c           45.205 
_cell.angle_alpha        90.00 
_cell.angle_beta         90.00 
_cell.angle_gamma        90.00 
_cell.Z_PDB              8 
_cell.pdbx_unique_axis   ? 
# 
_symmetry.entry_id                         5AXE 
_symmetry.space_group_name_H-M             'P 21 21 21' 
_symmetry.pdbx_full_space_group_name_H-M   ? 
_symmetry.cell_setting                     ? 
_symmetry.Int_Tables_number                19 
# 
loop_
_entity.id 
_entity.type 
_entity.src_method 
_entity.pdbx_description 
_entity.formula_weight 
_entity.pdbx_number_of_molecules 
_entity.pdbx_ec 
_entity.pdbx_mutation 
_entity.pdbx_fragment 
_entity.details 
1 polymer syn 
;DNA (5'-D(*GP*CP*GP*TP*AP*(LSH)P*AP*CP*GP*C)-3')
;
3136.095 2   ? ? ? ? 
2 water   nat water                                              18.015   140 ? ? ? ? 
# 
_entity_poly.entity_id                      1 
_entity_poly.type                           polydeoxyribonucleotide 
_entity_poly.nstd_linkage                   no 
_entity_poly.nstd_monomer                   yes 
_entity_poly.pdbx_seq_one_letter_code       '(DG)(DC)(DG)(DT)(DA)(LSH)(DA)(DC)(DG)(DC)' 
_entity_poly.pdbx_seq_one_letter_code_can   GCGTAXACGC 
_entity_poly.pdbx_strand_id                 A,B 
_entity_poly.pdbx_target_identifier         ? 
# 
loop_
_entity_poly_seq.entity_id 
_entity_poly_seq.num 
_entity_poly_seq.mon_id 
_entity_poly_seq.hetero 
1 1  DG  n 
1 2  DC  n 
1 3  DG  n 
1 4  DT  n 
1 5  DA  n 
1 6  LSH n 
1 7  DA  n 
1 8  DC  n 
1 9  DG  n 
1 10 DC  n 
# 
_pdbx_entity_src_syn.entity_id              1 
_pdbx_entity_src_syn.pdbx_src_id            1 
_pdbx_entity_src_syn.pdbx_alt_source_flag   sample 
_pdbx_entity_src_syn.pdbx_beg_seq_num       1 
_pdbx_entity_src_syn.pdbx_end_seq_num       10 
_pdbx_entity_src_syn.organism_scientific    'synthetic construct' 
_pdbx_entity_src_syn.organism_common_name   ? 
_pdbx_entity_src_syn.ncbi_taxonomy_id       32630 
_pdbx_entity_src_syn.details                ? 
# 
_struct_ref.id                         1 
_struct_ref.db_name                    PDB 
_struct_ref.db_code                    5AXE 
_struct_ref.pdbx_db_accession          5AXE 
_struct_ref.pdbx_db_isoform            ? 
_struct_ref.entity_id                  1 
_struct_ref.pdbx_seq_one_letter_code   ? 
_struct_ref.pdbx_align_begin           1 
# 
loop_
_struct_ref_seq.align_id 
_struct_ref_seq.ref_id 
_struct_ref_seq.pdbx_PDB_id_code 
_struct_ref_seq.pdbx_strand_id 
_struct_ref_seq.seq_align_beg 
_struct_ref_seq.pdbx_seq_align_beg_ins_code 
_struct_ref_seq.seq_align_end 
_struct_ref_seq.pdbx_seq_align_end_ins_code 
_struct_ref_seq.pdbx_db_accession 
_struct_ref_seq.db_align_beg 
_struct_ref_seq.pdbx_db_align_beg_ins_code 
_struct_ref_seq.db_align_end 
_struct_ref_seq.pdbx_db_align_end_ins_code 
_struct_ref_seq.pdbx_auth_seq_align_beg 
_struct_ref_seq.pdbx_auth_seq_align_end 
1 1 5AXE A 1 ? 10 ? 5AXE 1  ? 10 ? 1  10 
2 1 5AXE B 1 ? 10 ? 5AXE 11 ? 20 ? 11 20 
# 
loop_
_chem_comp.id 
_chem_comp.type 
_chem_comp.mon_nstd_flag 
_chem_comp.name 
_chem_comp.pdbx_synonyms 
_chem_comp.formula 
_chem_comp.formula_weight 
DA  'DNA linking' y "2'-DEOXYADENOSINE-5'-MONOPHOSPHATE" ? 'C10 H14 N5 O6 P'    331.222 
DC  'DNA linking' y "2'-DEOXYCYTIDINE-5'-MONOPHOSPHATE" ? 'C9 H14 N3 O7 P'     307.197 
DG  'DNA linking' y "2'-DEOXYGUANOSINE-5'-MONOPHOSPHATE" ? 'C10 H14 N5 O7 P'    347.221 
DT  'DNA linking' y "THYMIDINE-5'-MONOPHOSPHATE" ? 'C10 H15 N2 O8 P'    322.208 
HOH non-polymer   . WATER ? 'H2 O'               18.015  
LSH 'DNA linking' n 
;[(1R,5R,7R,8S)-7-[5-methyl-2,4-bis(oxidanylidene)pyrimidin-1-yl]-8-oxidanyl-3,3-bis(oxidanylidene)-6-oxa-3$l^{6}-thia-2-azabicyclo[3.2.1]octan-5-yl]methyl dihydrogen phosphate
;
? 'C11 H16 N3 O10 P S' 413.298 
# 
_exptl.absorpt_coefficient_mu     ? 
_exptl.absorpt_correction_T_max   ? 
_exptl.absorpt_correction_T_min   ? 
_exptl.absorpt_correction_type    ? 
_exptl.absorpt_process_details    ? 
_exptl.entry_id                   5AXE 
_exptl.crystals_number            1 
_exptl.details                    ? 
_exptl.method                     'X-RAY DIFFRACTION' 
_exptl.method_details             ? 
# 
_exptl_crystal.colour                      ? 
_exptl_crystal.density_diffrn              ? 
_exptl_crystal.density_Matthews            1.83 
_exptl_crystal.density_method              ? 
_exptl_crystal.density_percent_sol         32.82 
_exptl_crystal.description                 'THE ENTRY CONTAINS FRIEDEL PAIRS IN F_PLUS/MINUS AND I_PLUS/MINUS COLUMNS' 
_exptl_crystal.F_000                       ? 
_exptl_crystal.id                          1 
_exptl_crystal.preparation                 ? 
_exptl_crystal.size_max                    ? 
_exptl_crystal.size_mid                    ? 
_exptl_crystal.size_min                    ? 
_exptl_crystal.size_rad                    ? 
_exptl_crystal.colour_lustre               ? 
_exptl_crystal.colour_modifier             ? 
_exptl_crystal.colour_primary              ? 
_exptl_crystal.density_meas                ? 
_exptl_crystal.density_meas_esd            ? 
_exptl_crystal.density_meas_gt             ? 
_exptl_crystal.density_meas_lt             ? 
_exptl_crystal.density_meas_temp           ? 
_exptl_crystal.density_meas_temp_esd       ? 
_exptl_crystal.density_meas_temp_gt        ? 
_exptl_crystal.density_meas_temp_lt        ? 
_exptl_crystal.pdbx_crystal_image_url      ? 
_exptl_crystal.pdbx_crystal_image_format   ? 
_exptl_crystal.pdbx_mosaicity              ? 
_exptl_crystal.pdbx_mosaicity_esd          ? 
# 
_exptl_crystal_grow.apparatus       ? 
_exptl_crystal_grow.atmosphere      ? 
_exptl_crystal_grow.crystal_id      1 
_exptl_crystal_grow.details         ? 
_exptl_crystal_grow.method          'VAPOR DIFFUSION, HANGING DROP' 
_exptl_crystal_grow.method_ref      ? 
_exptl_crystal_grow.pH              7.0 
_exptl_crystal_grow.pressure        ? 
_exptl_crystal_grow.pressure_esd    ? 
_exptl_crystal_grow.seeding         ? 
_exptl_crystal_grow.seeding_ref     ? 
_exptl_crystal_grow.temp            293 
_exptl_crystal_grow.temp_details    ? 
_exptl_crystal_grow.temp_esd        ? 
_exptl_crystal_grow.time            ? 
_exptl_crystal_grow.pdbx_details    MPD 
_exptl_crystal_grow.pdbx_pH_range   ? 
# 
_diffrn.ambient_environment    ? 
_diffrn.ambient_temp           100 
_diffrn.ambient_temp_details   ? 
_diffrn.ambient_temp_esd       ? 
_diffrn.crystal_id             1 
_diffrn.crystal_support        ? 
_diffrn.crystal_treatment      ? 
_diffrn.details                ? 
_diffrn.id                     1 
_diffrn.ambient_pressure       ? 
_diffrn.ambient_pressure_esd   ? 
_diffrn.ambient_pressure_gt    ? 
_diffrn.ambient_pressure_lt    ? 
_diffrn.ambient_temp_gt        ? 
_diffrn.ambient_temp_lt        ? 
# 
_diffrn_detector.details                      mirrors 
_diffrn_detector.detector                     CCD 
_diffrn_detector.diffrn_id                    1 
_diffrn_detector.type                         'RAYONIX MX300HE' 
_diffrn_detector.area_resol_mean              ? 
_diffrn_detector.dtime                        ? 
_diffrn_detector.pdbx_frames_total            ? 
_diffrn_detector.pdbx_collection_time_total   ? 
_diffrn_detector.pdbx_collection_date         2014-05-14 
# 
_diffrn_radiation.collimation                      ? 
_diffrn_radiation.diffrn_id                        1 
_diffrn_radiation.filter_edge                      ? 
_diffrn_radiation.inhomogeneity                    ? 
_diffrn_radiation.monochromator                    ? 
_diffrn_radiation.polarisn_norm                    ? 
_diffrn_radiation.polarisn_ratio                   ? 
_diffrn_radiation.probe                            ? 
_diffrn_radiation.type                             ? 
_diffrn_radiation.xray_symbol                      ? 
_diffrn_radiation.wavelength_id                    1 
_diffrn_radiation.pdbx_monochromatic_or_laue_m_l   M 
_diffrn_radiation.pdbx_wavelength_list             ? 
_diffrn_radiation.pdbx_wavelength                  ? 
_diffrn_radiation.pdbx_diffrn_protocol             'SINGLE WAVELENGTH' 
_diffrn_radiation.pdbx_analyzer                    ? 
_diffrn_radiation.pdbx_scattering_type             x-ray 
# 
_diffrn_radiation_wavelength.id           1 
_diffrn_radiation_wavelength.wavelength   0.9 
_diffrn_radiation_wavelength.wt           1.0 
# 
_diffrn_source.current                     ? 
_diffrn_source.details                     ? 
_diffrn_source.diffrn_id                   1 
_diffrn_source.power                       ? 
_diffrn_source.size                        ? 
_diffrn_source.source                      SYNCHROTRON 
_diffrn_source.target                      ? 
_diffrn_source.type                        'SPRING-8 BEAMLINE BL44XU' 
_diffrn_source.voltage                     ? 
_diffrn_source.take-off_angle              ? 
_diffrn_source.pdbx_wavelength_list        0.9 
_diffrn_source.pdbx_wavelength             ? 
_diffrn_source.pdbx_synchrotron_beamline   BL44XU 
_diffrn_source.pdbx_synchrotron_site       SPring-8 
# 
_reflns.pdbx_diffrn_id               1 
_reflns.pdbx_ordinal                 1 
_reflns.entry_id                     5AXE 
_reflns.observed_criterion_sigma_I   ? 
_reflns.observed_criterion_sigma_F   ? 
_reflns.d_resolution_low             23.680 
_reflns.d_resolution_high            0.950 
_reflns.number_obs                   29154 
_reflns.number_all                   ? 
_reflns.percent_possible_obs         98.8 
_reflns.pdbx_Rmerge_I_obs            0.05900 
_reflns.pdbx_Rsym_value              ? 
_reflns.pdbx_netI_over_sigmaI        27.6000 
_reflns.B_iso_Wilson_estimate        4.93 
_reflns.pdbx_redundancy              13.70 
# 
_reflns_shell.pdbx_diffrn_id         1 
_reflns_shell.pdbx_ordinal           1 
_reflns_shell.d_res_high             0.95 
_reflns_shell.d_res_low              0.97 
_reflns_shell.percent_possible_all   97.1 
_reflns_shell.Rmerge_I_obs           0.24100 
_reflns_shell.pdbx_Rsym_value        ? 
_reflns_shell.meanI_over_sigI_obs    7.000 
_reflns_shell.pdbx_redundancy        12.50 
# 
_refine.pdbx_refine_id                           'X-RAY DIFFRACTION' 
_refine.entry_id                                 5AXE 
_refine.pdbx_diffrn_id                           1 
_refine.pdbx_TLS_residual_ADP_flag               ? 
_refine.ls_number_reflns_obs                     29154 
_refine.ls_number_reflns_all                     ? 
_refine.pdbx_ls_sigma_I                          ? 
_refine.pdbx_ls_sigma_F                          1.080 
_refine.pdbx_data_cutoff_high_absF               ? 
_refine.pdbx_data_cutoff_low_absF                ? 
_refine.pdbx_data_cutoff_high_rms_absF           ? 
_refine.ls_d_res_low                             16.35 
_refine.ls_d_res_high                            0.95 
_refine.ls_percent_reflns_obs                    98.8 
_refine.ls_R_factor_obs                          0.126 
_refine.ls_R_factor_all                          ? 
_refine.ls_R_factor_R_work                       0.125 
_refine.ls_R_factor_R_free                       0.144 
_refine.ls_R_factor_R_free_error                 ? 
_refine.ls_R_factor_R_free_error_details         ? 
_refine.ls_percent_reflns_R_free                 5.030 
_refine.ls_number_reflns_R_free                  2762 
_refine.ls_number_parameters                     ? 
_refine.ls_number_restraints                     ? 
_refine.occupancy_min                            ? 
_refine.occupancy_max                            ? 
_refine.correlation_coeff_Fo_to_Fc               ? 
_refine.correlation_coeff_Fo_to_Fc_free          ? 
_refine.B_iso_mean                               11.50 
_refine.aniso_B[1][1]                            ? 
_refine.aniso_B[2][2]                            ? 
_refine.aniso_B[3][3]                            ? 
_refine.aniso_B[1][2]                            ? 
_refine.aniso_B[1][3]                            ? 
_refine.aniso_B[2][3]                            ? 
_refine.solvent_model_details                    'FLAT BULK SOLVENT MODEL' 
_refine.solvent_model_param_ksol                 ? 
_refine.solvent_model_param_bsol                 ? 
_refine.pdbx_solvent_vdw_probe_radii             1.11 
_refine.pdbx_solvent_ion_probe_radii             ? 
_refine.pdbx_solvent_shrinkage_radii             0.90 
_refine.pdbx_ls_cross_valid_method               NONE 
_refine.details                                  
;THE ENTRY CONTAINS FRIEDEL PAIRS IN
 F_PLUS/MINUS AND I_PLUS/MINUS COLUMNS
;
_refine.pdbx_starting_model                      1I5W 
_refine.pdbx_method_to_determine_struct          'MOLECULAR REPLACEMENT' 
_refine.pdbx_isotropic_thermal_model             ? 
_refine.pdbx_stereochemistry_target_values       ML 
_refine.pdbx_stereochem_target_val_spec_case     ? 
_refine.pdbx_R_Free_selection_details            ? 
_refine.pdbx_overall_ESU_R                       ? 
_refine.pdbx_overall_ESU_R_Free                  ? 
_refine.overall_SU_ML                            0.050 
_refine.pdbx_overall_phase_error                 10.760 
_refine.overall_SU_B                             ? 
_refine.overall_SU_R_Cruickshank_DPI             ? 
_refine.pdbx_overall_SU_R_free_Cruickshank_DPI   ? 
_refine.pdbx_overall_SU_R_Blow_DPI               ? 
_refine.pdbx_overall_SU_R_free_Blow_DPI          ? 
# 
_refine_hist.pdbx_refine_id                   'X-RAY DIFFRACTION' 
_refine_hist.cycle_id                         LAST 
_refine_hist.pdbx_number_atoms_protein        0 
_refine_hist.pdbx_number_atoms_nucleic_acid   414 
_refine_hist.pdbx_number_atoms_ligand         0 
_refine_hist.number_atoms_solvent             140 
_refine_hist.number_atoms_total               554 
_refine_hist.d_res_high                       0.95 
_refine_hist.d_res_low                        16.35 
# 
loop_
_refine_ls_restr.type 
_refine_ls_restr.dev_ideal 
_refine_ls_restr.dev_ideal_target 
_refine_ls_restr.weight 
_refine_ls_restr.number 
_refine_ls_restr.pdbx_refine_id 
_refine_ls_restr.pdbx_restraint_function 
f_bond_d           0.010  ? ? 734  'X-RAY DIFFRACTION' ? 
f_angle_d          1.600  ? ? 1138 'X-RAY DIFFRACTION' ? 
f_dihedral_angle_d 16.223 ? ? 322  'X-RAY DIFFRACTION' ? 
f_chiral_restr     0.287  ? ? 128  'X-RAY DIFFRACTION' ? 
f_plane_restr      0.017  ? ? 32   'X-RAY DIFFRACTION' ? 
# 
loop_
_refine_ls_shell.pdbx_refine_id 
_refine_ls_shell.pdbx_total_number_of_bins_used 
_refine_ls_shell.d_res_high 
_refine_ls_shell.d_res_low 
_refine_ls_shell.number_reflns_R_work 
_refine_ls_shell.R_factor_R_work 
_refine_ls_shell.percent_reflns_obs 
_refine_ls_shell.R_factor_R_free 
_refine_ls_shell.R_factor_R_free_error 
_refine_ls_shell.percent_reflns_R_free 
_refine_ls_shell.number_reflns_R_free 
_refine_ls_shell.number_reflns_all 
_refine_ls_shell.R_factor_all 
'X-RAY DIFFRACTION' . 0.9528 0.9692  2521 0.1413 97.00  0.1379 . . 158 . . 
'X-RAY DIFFRACTION' . 0.9692 0.9868  2672 0.1295 100.00 0.1656 . . 122 . . 
'X-RAY DIFFRACTION' . 0.9868 1.0058  2622 0.1199 100.00 0.1695 . . 140 . . 
'X-RAY DIFFRACTION' . 1.0058 1.0263  2657 0.1100 100.00 0.1259 . . 147 . . 
'X-RAY DIFFRACTION' . 1.0263 1.0487  2605 0.1051 100.00 0.1236 . . 165 . . 
'X-RAY DIFFRACTION' . 1.0487 1.0730  2636 0.1041 100.00 0.1324 . . 154 . . 
'X-RAY DIFFRACTION' . 1.0730 1.0999  2625 0.1063 100.00 0.1273 . . 127 . . 
'X-RAY DIFFRACTION' . 1.0999 1.1296  2692 0.1011 100.00 0.1164 . . 128 . . 
'X-RAY DIFFRACTION' . 1.1296 1.1628  2585 0.1056 100.00 0.1149 . . 158 . . 
'X-RAY DIFFRACTION' . 1.1628 1.2004  2628 0.1036 100.00 0.1226 . . 152 . . 
'X-RAY DIFFRACTION' . 1.2004 1.2432  2703 0.1059 100.00 0.1346 . . 100 . . 
'X-RAY DIFFRACTION' . 1.2432 1.2930  2667 0.1123 100.00 0.1249 . . 105 . . 
'X-RAY DIFFRACTION' . 1.2930 1.3518  2629 0.1124 100.00 0.1417 . . 151 . . 
'X-RAY DIFFRACTION' . 1.3518 1.4231  2635 0.1223 100.00 0.1430 . . 152 . . 
'X-RAY DIFFRACTION' . 1.4231 1.5122  2648 0.1278 100.00 0.1465 . . 118 . . 
'X-RAY DIFFRACTION' . 1.5122 1.6288  2627 0.1242 100.00 0.1561 . . 152 . . 
'X-RAY DIFFRACTION' . 1.6288 1.7925  2657 0.1181 100.00 0.1270 . . 126 . . 
'X-RAY DIFFRACTION' . 1.7925 2.0515  2657 0.1274 100.00 0.1391 . . 125 . . 
'X-RAY DIFFRACTION' . 2.0515 2.5830  2616 0.1498 100.00 0.1525 . . 164 . . 
'X-RAY DIFFRACTION' . 2.5830 16.3540 2084 0.1556 79.00  0.1842 . . 118 . . 
# 
_struct.entry_id                     5AXE 
_struct.title                        
'Crystal Structure Analysis of DNA Duplexes containing sulfoamide-bridged nucleic acid (SuNA-NH)' 
_struct.pdbx_model_details           ? 
_struct.pdbx_formula_weight          ? 
_struct.pdbx_formula_weight_method   ? 
_struct.pdbx_model_type_details      ? 
_struct.pdbx_CASP_flag               ? 
# 
_struct_keywords.entry_id        5AXE 
_struct_keywords.text            'A-FORM DNA, SULFONAMIDE-BRIDGED NUCLEIC ACID, SuNA[NH], ANTISENSE, DNA' 
_struct_keywords.pdbx_keywords   DNA 
# 
loop_
_struct_asym.id 
_struct_asym.pdbx_blank_PDB_chainid_flag 
_struct_asym.pdbx_modified 
_struct_asym.entity_id 
_struct_asym.details 
A N N 1 ? 
B N N 1 ? 
C N N 2 ? 
D N N 2 ? 
# 
loop_
_struct_conn.id 
_struct_conn.conn_type_id 
_struct_conn.pdbx_leaving_atom_flag 
_struct_conn.pdbx_PDB_id 
_struct_conn.ptnr1_label_asym_id 
_struct_conn.ptnr1_label_comp_id 
_struct_conn.ptnr1_label_seq_id 
_struct_conn.ptnr1_label_atom_id 
_struct_conn.pdbx_ptnr1_label_alt_id 
_struct_conn.pdbx_ptnr1_PDB_ins_code 
_struct_conn.pdbx_ptnr1_standard_comp_id 
_struct_conn.ptnr1_symmetry 
_struct_conn.ptnr2_label_asym_id 
_struct_conn.ptnr2_label_comp_id 
_struct_conn.ptnr2_label_seq_id 
_struct_conn.ptnr2_label_atom_id 
_struct_conn.pdbx_ptnr2_label_alt_id 
_struct_conn.pdbx_ptnr2_PDB_ins_code 
_struct_conn.ptnr1_auth_asym_id 
_struct_conn.ptnr1_auth_comp_id 
_struct_conn.ptnr1_auth_seq_id 
_struct_conn.ptnr2_auth_asym_id 
_struct_conn.ptnr2_auth_comp_id 
_struct_conn.ptnr2_auth_seq_id 
_struct_conn.ptnr2_symmetry 
_struct_conn.pdbx_ptnr3_label_atom_id 
_struct_conn.pdbx_ptnr3_label_seq_id 
_struct_conn.pdbx_ptnr3_label_comp_id 
_struct_conn.pdbx_ptnr3_label_asym_id 
_struct_conn.pdbx_ptnr3_label_alt_id 
_struct_conn.pdbx_ptnr3_PDB_ins_code 
_struct_conn.details 
_struct_conn.pdbx_dist_value 
_struct_conn.pdbx_value_order 
_struct_conn.pdbx_role 
covale1  covale one ? A DA  5  "O3'" ? ? ? 1_555 A LSH 6  P  ? ? A DA  5  A LSH 6  1_555 ? ? ? ? ? ? ?            1.607 ? ? 
covale2  covale one ? A LSH 6  "O3'" ? ? ? 1_555 A DA  7  P  ? ? A LSH 6  A DA  7  1_555 ? ? ? ? ? ? ?            1.604 ? ? 
covale3  covale one ? B DA  5  "O3'" ? ? ? 1_555 B LSH 6  P  ? ? B DA  15 B LSH 16 1_555 ? ? ? ? ? ? ?            1.599 ? ? 
covale4  covale one ? B LSH 6  "O3'" ? ? ? 1_555 B DA  7  P  ? ? B LSH 16 B DA  17 1_555 ? ? ? ? ? ? ?            1.606 ? ? 
hydrog1  hydrog ?   ? A DG  1  N1    A ? ? 1_555 B DC  10 N3 A ? A DG  1  B DC  20 1_555 ? ? ? ? ? ? WATSON-CRICK ?     ? ? 
hydrog2  hydrog ?   ? A DG  1  N2    A ? ? 1_555 B DC  10 O2 A ? A DG  1  B DC  20 1_555 ? ? ? ? ? ? WATSON-CRICK ?     ? ? 
hydrog3  hydrog ?   ? A DG  1  O6    A ? ? 1_555 B DC  10 N4 A ? A DG  1  B DC  20 1_555 ? ? ? ? ? ? WATSON-CRICK ?     ? ? 
hydrog4  hydrog ?   ? A DC  2  N3    A ? ? 1_555 B DG  9  N1 A ? A DC  2  B DG  19 1_555 ? ? ? ? ? ? WATSON-CRICK ?     ? ? 
hydrog5  hydrog ?   ? A DC  2  N4    A ? ? 1_555 B DG  9  O6 A ? A DC  2  B DG  19 1_555 ? ? ? ? ? ? WATSON-CRICK ?     ? ? 
hydrog6  hydrog ?   ? A DC  2  O2    A ? ? 1_555 B DG  9  N2 A ? A DC  2  B DG  19 1_555 ? ? ? ? ? ? WATSON-CRICK ?     ? ? 
hydrog7  hydrog ?   ? A DG  3  N1    A ? ? 1_555 B DC  8  N3 A ? A DG  3  B DC  18 1_555 ? ? ? ? ? ? WATSON-CRICK ?     ? ? 
hydrog8  hydrog ?   ? A DG  3  N2    A ? ? 1_555 B DC  8  O2 A ? A DG  3  B DC  18 1_555 ? ? ? ? ? ? WATSON-CRICK ?     ? ? 
hydrog9  hydrog ?   ? A DG  3  O6    A ? ? 1_555 B DC  8  N4 A ? A DG  3  B DC  18 1_555 ? ? ? ? ? ? WATSON-CRICK ?     ? ? 
hydrog10 hydrog ?   ? A DT  4  N3    ? ? ? 1_555 B DA  7  N1 ? ? A DT  4  B DA  17 1_555 ? ? ? ? ? ? WATSON-CRICK ?     ? ? 
hydrog11 hydrog ?   ? A DT  4  O4    ? ? ? 1_555 B DA  7  N6 ? ? A DT  4  B DA  17 1_555 ? ? ? ? ? ? WATSON-CRICK ?     ? ? 
hydrog12 hydrog ?   ? A DA  5  N1    ? ? ? 1_555 B LSH 6  N3 ? ? A DA  5  B LSH 16 1_555 ? ? ? ? ? ? WATSON-CRICK ?     ? ? 
hydrog13 hydrog ?   ? A DA  5  N6    ? ? ? 1_555 B LSH 6  O4 ? ? A DA  5  B LSH 16 1_555 ? ? ? ? ? ? WATSON-CRICK ?     ? ? 
hydrog14 hydrog ?   ? A LSH 6  N3    ? ? ? 1_555 B DA  5  N1 ? ? A LSH 6  B DA  15 1_555 ? ? ? ? ? ? WATSON-CRICK ?     ? ? 
hydrog15 hydrog ?   ? A LSH 6  O4    ? ? ? 1_555 B DA  5  N6 ? ? A LSH 6  B DA  15 1_555 ? ? ? ? ? ? WATSON-CRICK ?     ? ? 
hydrog16 hydrog ?   ? A DA  7  N1    ? ? ? 1_555 B DT  4  N3 ? ? A DA  7  B DT  14 1_555 ? ? ? ? ? ? WATSON-CRICK ?     ? ? 
hydrog17 hydrog ?   ? A DA  7  N6    ? ? ? 1_555 B DT  4  O4 ? ? A DA  7  B DT  14 1_555 ? ? ? ? ? ? WATSON-CRICK ?     ? ? 
hydrog18 hydrog ?   ? A DC  8  N3    A ? ? 1_555 B DG  3  N1 A ? A DC  8  B DG  13 1_555 ? ? ? ? ? ? WATSON-CRICK ?     ? ? 
hydrog19 hydrog ?   ? A DC  8  N4    A ? ? 1_555 B DG  3  O6 A ? A DC  8  B DG  13 1_555 ? ? ? ? ? ? WATSON-CRICK ?     ? ? 
hydrog20 hydrog ?   ? A DC  8  O2    A ? ? 1_555 B DG  3  N2 A ? A DC  8  B DG  13 1_555 ? ? ? ? ? ? WATSON-CRICK ?     ? ? 
hydrog21 hydrog ?   ? A DG  9  N1    A ? ? 1_555 B DC  2  N3 A ? A DG  9  B DC  12 1_555 ? ? ? ? ? ? WATSON-CRICK ?     ? ? 
hydrog22 hydrog ?   ? A DG  9  N2    A ? ? 1_555 B DC  2  O2 A ? A DG  9  B DC  12 1_555 ? ? ? ? ? ? WATSON-CRICK ?     ? ? 
hydrog23 hydrog ?   ? A DG  9  O6    A ? ? 1_555 B DC  2  N4 A ? A DG  9  B DC  12 1_555 ? ? ? ? ? ? WATSON-CRICK ?     ? ? 
hydrog24 hydrog ?   ? A DC  10 N3    A ? ? 1_555 B DG  1  N1 A ? A DC  10 B DG  11 1_555 ? ? ? ? ? ? WATSON-CRICK ?     ? ? 
hydrog25 hydrog ?   ? A DC  10 N4    A ? ? 1_555 B DG  1  O6 A ? A DC  10 B DG  11 1_555 ? ? ? ? ? ? WATSON-CRICK ?     ? ? 
hydrog26 hydrog ?   ? A DC  10 O2    A ? ? 1_555 B DG  1  N2 A ? A DC  10 B DG  11 1_555 ? ? ? ? ? ? WATSON-CRICK ?     ? ? 
# 
loop_
_struct_conn_type.id 
_struct_conn_type.criteria 
_struct_conn_type.reference 
covale ? ? 
hydrog ? ? 
# 
_atom_sites.entry_id                    5AXE 
_atom_sites.fract_transf_matrix[1][1]   0.04171799 
_atom_sites.fract_transf_matrix[1][2]   -0.00641332 
_atom_sites.fract_transf_matrix[1][3]   0.00104456 
_atom_sites.fract_transf_matrix[2][1]   -0.00075909 
_atom_sites.fract_transf_matrix[2][2]   -0.00847208 
_atom_sites.fract_transf_matrix[2][3]   -0.02169940 
_atom_sites.fract_transf_matrix[3][1]   0.00332732 
_atom_sites.fract_transf_matrix[3][2]   0.02033201 
_atom_sites.fract_transf_matrix[3][3]   -0.00805461 
_atom_sites.fract_transf_vector[1]      0.143483 
_atom_sites.fract_transf_vector[2]      1.028305 
_atom_sites.fract_transf_vector[3]      1.177977 
# 
loop_
_atom_type.symbol 
C 
N 
O 
P 
S 
# 
loop_
_atom_site.group_PDB 
_atom_site.id 
_atom_site.type_symbol 
_atom_site.label_atom_id 
_atom_site.label_alt_id 
_atom_site.label_comp_id 
_atom_site.label_asym_id 
_atom_site.label_entity_id 
_atom_site.label_seq_id 
_atom_site.pdbx_PDB_ins_code 
_atom_site.Cartn_x 
_atom_site.Cartn_y 
_atom_site.Cartn_z 
_atom_site.occupancy 
_atom_site.B_iso_or_equiv 
_atom_site.pdbx_formal_charge 
_atom_site.auth_seq_id 
_atom_site.auth_comp_id 
_atom_site.auth_asym_id 
_atom_site.auth_atom_id 
_atom_site.pdbx_PDB_model_num 
ATOM   1   O "O5'" A DG  A 1 1  ? -5.388  8.668   6.131   0.52 10.16 ? 1   DG  A "O5'" 1 
ATOM   2   O "O5'" B DG  A 1 1  ? -4.992  8.224   5.813   0.48 9.21  ? 1   DG  A "O5'" 1 
ATOM   3   C "C5'" A DG  A 1 1  ? -4.672  9.654   6.875   0.52 9.32  ? 1   DG  A "C5'" 1 
ATOM   4   C "C5'" B DG  A 1 1  ? -4.847  9.374   6.626   0.48 8.68  ? 1   DG  A "C5'" 1 
ATOM   5   C "C4'" A DG  A 1 1  ? -4.335  9.169   8.277   0.52 7.87  ? 1   DG  A "C4'" 1 
ATOM   6   C "C4'" B DG  A 1 1  ? -4.570  8.999   8.077   0.48 7.69  ? 1   DG  A "C4'" 1 
ATOM   7   O "O4'" A DG  A 1 1  ? -5.531  8.685   8.940   0.52 7.33  ? 1   DG  A "O4'" 1 
ATOM   8   O "O4'" B DG  A 1 1  ? -5.767  8.461   8.686   0.48 7.32  ? 1   DG  A "O4'" 1 
ATOM   9   C "C3'" A DG  A 1 1  ? -3.343  8.021   8.359   0.52 7.02  ? 1   DG  A "C3'" 1 
ATOM   10  C "C3'" B DG  A 1 1  ? -3.520  7.928   8.286   0.48 7.10  ? 1   DG  A "C3'" 1 
ATOM   11  O "O3'" A DG  A 1 1  ? -2.016  8.539   8.339   0.52 7.31  ? 1   DG  A "O3'" 1 
ATOM   12  O "O3'" B DG  A 1 1  ? -2.245  8.514   8.286   0.48 7.58  ? 1   DG  A "O3'" 1 
ATOM   13  C "C2'" A DG  A 1 1  ? -3.692  7.428   9.716   0.52 6.41  ? 1   DG  A "C2'" 1 
ATOM   14  C "C2'" B DG  A 1 1  ? -3.900  7.402   9.663   0.48 6.50  ? 1   DG  A "C2'" 1 
ATOM   15  C "C1'" A DG  A 1 1  ? -5.217  7.543   9.712   0.52 6.57  ? 1   DG  A "C1'" 1 
ATOM   16  C "C1'" B DG  A 1 1  ? -5.425  7.406   9.569   0.48 6.67  ? 1   DG  A "C1'" 1 
ATOM   17  N N9    A DG  A 1 1  ? -5.854  6.390   9.096   0.52 6.47  ? 1   DG  A N9    1 
ATOM   18  N N9    B DG  A 1 1  ? -5.952  6.170   9.008   0.48 6.42  ? 1   DG  A N9    1 
ATOM   19  C C8    A DG  A 1 1  ? -6.347  6.301   7.820   0.52 6.53  ? 1   DG  A C8    1 
ATOM   20  C C8    B DG  A 1 1  ? -6.333  5.961   7.709   0.48 6.75  ? 1   DG  A C8    1 
ATOM   21  N N7    A DG  A 1 1  ? -6.835  5.128   7.532   0.52 6.30  ? 1   DG  A N7    1 
ATOM   22  N N7    B DG  A 1 1  ? -6.747  4.751   7.476   0.48 6.57  ? 1   DG  A N7    1 
ATOM   23  C C5    A DG  A 1 1  ? -6.651  4.396   8.692   0.52 5.89  ? 1   DG  A C5    1 
ATOM   24  C C5    B DG  A 1 1  ? -6.636  4.113   8.700   0.48 6.14  ? 1   DG  A C5    1 
ATOM   25  C C6    A DG  A 1 1  ? -6.977  3.053   8.979   0.52 5.60  ? 1   DG  A C6    1 
ATOM   26  C C6    B DG  A 1 1  ? -6.929  2.780   9.056   0.48 5.92  ? 1   DG  A C6    1 
ATOM   27  O O6    A DG  A 1 1  ? -7.533  2.220   8.247   0.52 5.85  ? 1   DG  A O6    1 
ATOM   28  O O6    B DG  A 1 1  ? -7.387  1.877   8.343   0.48 5.94  ? 1   DG  A O6    1 
ATOM   29  N N1    A DG  A 1 1  ? -6.616  2.703   10.274  0.52 5.52  ? 1   DG  A N1    1 
ATOM   30  N N1    B DG  A 1 1  ? -6.668  2.536   10.399  0.48 5.88  ? 1   DG  A N1    1 
ATOM   31  C C2    A DG  A 1 1  ? -6.014  3.542   11.176  0.52 5.72  ? 1   DG  A C2    1 
ATOM   32  C C2    B DG  A 1 1  ? -6.176  3.462   11.286  0.48 5.77  ? 1   DG  A C2    1 
ATOM   33  N N2    A DG  A 1 1  ? -5.744  3.017   12.376  0.52 5.94  ? 1   DG  A N2    1 
ATOM   34  N N2    B DG  A 1 1  ? -5.996  3.040   12.544  0.48 6.07  ? 1   DG  A N2    1 
ATOM   35  N N3    A DG  A 1 1  ? -5.699  4.806   10.920  0.52 5.99  ? 1   DG  A N3    1 
ATOM   36  N N3    B DG  A 1 1  ? -5.898  4.722   10.966  0.48 5.68  ? 1   DG  A N3    1 
ATOM   37  C C4    A DG  A 1 1  ? -6.042  5.159   9.662   0.52 5.98  ? 1   DG  A C4    1 
ATOM   38  C C4    B DG  A 1 1  ? -6.139  4.971   9.657   0.48 5.91  ? 1   DG  A C4    1 
ATOM   39  P P     A DC  A 1 2  ? -0.803  7.719   7.680   0.52 7.41  ? 2   DC  A P     1 
ATOM   40  P P     B DC  A 1 2  ? -1.076  7.878   7.400   0.48 7.74  ? 2   DC  A P     1 
ATOM   41  O OP1   A DC  A 1 2  ? 0.365   8.618   7.825   0.52 8.13  ? 2   DC  A OP1   1 
ATOM   42  O OP1   B DC  A 1 2  ? 0.030   8.865   7.428   0.48 7.97  ? 2   DC  A OP1   1 
ATOM   43  O OP2   A DC  A 1 2  ? -1.188  7.157   6.363   0.52 7.87  ? 2   DC  A OP2   1 
ATOM   44  O OP2   B DC  A 1 2  ? -1.637  7.447   6.100   0.48 8.68  ? 2   DC  A OP2   1 
ATOM   45  O "O5'" A DC  A 1 2  ? -0.626  6.439   8.618   0.52 6.74  ? 2   DC  A "O5'" 1 
ATOM   46  O "O5'" B DC  A 1 2  ? -0.658  6.571   8.214   0.48 7.53  ? 2   DC  A "O5'" 1 
ATOM   47  C "C5'" A DC  A 1 2  ? -0.086  6.579   9.915   0.52 6.45  ? 2   DC  A "C5'" 1 
ATOM   48  C "C5'" B DC  A 1 2  ? -0.094  6.704   9.492   0.48 7.37  ? 2   DC  A "C5'" 1 
ATOM   49  C "C4'" A DC  A 1 2  ? -0.281  5.306   10.712  0.52 6.19  ? 2   DC  A "C4'" 1 
ATOM   50  C "C4'" B DC  A 1 2  ? -0.272  5.432   10.290  0.48 7.07  ? 2   DC  A "C4'" 1 
ATOM   51  O "O4'" A DC  A 1 2  ? -1.699  5.041   10.845  0.52 5.62  ? 2   DC  A "O4'" 1 
ATOM   52  O "O4'" B DC  A 1 2  ? -1.683  5.173   10.503  0.48 6.85  ? 2   DC  A "O4'" 1 
ATOM   53  C "C3'" A DC  A 1 2  ? 0.267   4.038   10.081  0.52 6.10  ? 2   DC  A "C3'" 1 
ATOM   54  C "C3'" B DC  A 1 2  ? 0.201   4.166   9.621   0.48 6.94  ? 2   DC  A "C3'" 1 
ATOM   55  O "O3'" A DC  A 1 2  ? 1.659   3.929   10.306  0.52 6.42  ? 2   DC  A "O3'" 1 
ATOM   56  O "O3'" B DC  A 1 2  ? 1.597   4.064   9.668   0.48 7.46  ? 2   DC  A "O3'" 1 
ATOM   57  C "C2'" A DC  A 1 2  ? -0.526  2.996   10.855  0.52 6.02  ? 2   DC  A "C2'" 1 
ATOM   58  C "C2'" B DC  A 1 2  ? -0.482  3.146   10.510  0.48 6.73  ? 2   DC  A "C2'" 1 
ATOM   59  C "C1'" A DC  A 1 2  ? -1.915  3.647   10.857  0.52 5.63  ? 2   DC  A "C1'" 1 
ATOM   60  C "C1'" B DC  A 1 2  ? -1.878  3.769   10.590  0.48 6.59  ? 2   DC  A "C1'" 1 
ATOM   61  N N1    A DC  A 1 2  ? -2.698  3.259   9.664   0.52 5.47  ? 2   DC  A N1    1 
ATOM   62  N N1    B DC  A 1 2  ? -2.740  3.301   9.472   0.48 6.18  ? 2   DC  A N1    1 
ATOM   63  C C2    A DC  A 1 2  ? -3.379  2.055   9.695   0.52 5.29  ? 2   DC  A C2    1 
ATOM   64  C C2    B DC  A 1 2  ? -3.312  2.044   9.576   0.48 6.20  ? 2   DC  A C2    1 
ATOM   65  O O2    A DC  A 1 2  ? -3.357  1.397   10.736  0.52 5.64  ? 2   DC  A O2    1 
ATOM   66  O O2    B DC  A 1 2  ? -3.130  1.403   10.611  0.48 6.26  ? 2   DC  A O2    1 
ATOM   67  N N3    A DC  A 1 2  ? -4.060  1.649   8.601   0.52 5.10  ? 2   DC  A N3    1 
ATOM   68  N N3    B DC  A 1 2  ? -4.055  1.565   8.556   0.48 6.20  ? 2   DC  A N3    1 
ATOM   69  C C4    A DC  A 1 2  ? -4.053  2.394   7.500   0.52 5.11  ? 2   DC  A C4    1 
ATOM   70  C C4    B DC  A 1 2  ? -4.218  2.291   7.455   0.48 6.25  ? 2   DC  A C4    1 
ATOM   71  N N4    A DC  A 1 2  ? -4.739  1.948   6.447   0.52 5.34  ? 2   DC  A N4    1 
ATOM   72  N N4    B DC  A 1 2  ? -4.966  1.773   6.478   0.48 6.58  ? 2   DC  A N4    1 
ATOM   73  C C5    A DC  A 1 2  ? -3.343  3.628   7.434   0.52 5.39  ? 2   DC  A C5    1 
ATOM   74  C C5    B DC  A 1 2  ? -3.623  3.581   7.311   0.48 6.17  ? 2   DC  A C5    1 
ATOM   75  C C6    A DC  A 1 2  ? -2.678  4.016   8.528   0.52 5.76  ? 2   DC  A C6    1 
ATOM   76  C C6    B DC  A 1 2  ? -2.895  4.042   8.332   0.48 6.16  ? 2   DC  A C6    1 
ATOM   77  P P     A DG  A 1 3  ? 2.606   3.201   9.222   0.52 6.42  ? 3   DG  A P     1 
ATOM   78  P P     B DG  A 1 3  ? 2.361   3.244   8.524   0.48 8.05  ? 3   DG  A P     1 
ATOM   79  O OP1   A DG  A 1 3  ? 3.994   3.474   9.628   0.52 6.90  ? 3   DG  A OP1   1 
ATOM   80  O OP1   B DG  A 1 3  ? 3.799   3.537   8.694   0.48 9.00  ? 3   DG  A OP1   1 
ATOM   81  O OP2   A DG  A 1 3  ? 2.177   3.533   7.843   0.52 6.73  ? 3   DG  A OP2   1 
ATOM   82  O OP2   B DG  A 1 3  ? 1.696   3.501   7.224   0.48 9.00  ? 3   DG  A OP2   1 
ATOM   83  O "O5'" A DG  A 1 3  ? 2.296   1.647   9.419   0.52 5.85  ? 3   DG  A "O5'" 1 
ATOM   84  O "O5'" B DG  A 1 3  ? 2.082   1.720   8.889   0.48 7.34  ? 3   DG  A "O5'" 1 
ATOM   85  C "C5'" A DG  A 1 3  ? 2.630   1.016   10.631  0.52 5.76  ? 3   DG  A "C5'" 1 
ATOM   86  C "C5'" B DG  A 1 3  ? 2.544   1.198   10.112  0.48 6.76  ? 3   DG  A "C5'" 1 
ATOM   87  C "C4'" A DG  A 1 3  ? 1.964   -0.333  10.725  0.52 5.47  ? 3   DG  A "C4'" 1 
ATOM   88  C "C4'" B DG  A 1 3  ? 1.894   -0.138  10.392  0.48 6.04  ? 3   DG  A "C4'" 1 
ATOM   89  O "O4'" A DG  A 1 3  ? 0.532   -0.163  10.666  0.52 5.38  ? 3   DG  A "O4'" 1 
ATOM   90  O "O4'" B DG  A 1 3  ? 0.455   0.011   10.337  0.48 5.87  ? 3   DG  A "O4'" 1 
ATOM   91  C "C3'" A DG  A 1 3  ? 2.246   -1.286  9.586   0.52 5.53  ? 3   DG  A "C3'" 1 
ATOM   92  C "C3'" B DG  A 1 3  ? 2.186   -1.228  9.381   0.48 5.69  ? 3   DG  A "C3'" 1 
ATOM   93  O "O3'" A DG  A 1 3  ? 3.525   -1.869  9.737   0.52 5.44  ? 3   DG  A "O3'" 1 
ATOM   94  O "O3'" B DG  A 1 3  ? 3.448   -1.826  9.658   0.48 5.72  ? 3   DG  A "O3'" 1 
ATOM   95  C "C2'" A DG  A 1 3  ? 1.123   -2.280  9.817   0.52 5.60  ? 3   DG  A "C2'" 1 
ATOM   96  C "C2'" B DG  A 1 3  ? 1.024   -2.178  9.645   0.48 5.60  ? 3   DG  A "C2'" 1 
ATOM   97  C "C1'" A DG  A 1 3  ? -0.028  -1.315  10.061  0.52 5.25  ? 3   DG  A "C1'" 1 
ATOM   98  C "C1'" B DG  A 1 3  ? -0.118  -1.186  9.841   0.48 5.61  ? 3   DG  A "C1'" 1 
ATOM   99  N N9    A DG  A 1 3  ? -0.693  -0.943  8.822   0.52 4.75  ? 3   DG  A N9    1 
ATOM   100 N N9    B DG  A 1 3  ? -0.845  -0.909  8.607   0.48 5.39  ? 3   DG  A N9    1 
ATOM   101 C C8    A DG  A 1 3  ? -0.648  0.249   8.137   0.52 4.52  ? 3   DG  A C8    1 
ATOM   102 C C8    B DG  A 1 3  ? -0.930  0.276   7.906   0.48 5.55  ? 3   DG  A C8    1 
ATOM   103 N N7    A DG  A 1 3  ? -1.362  0.236   7.039   0.52 4.66  ? 3   DG  A N7    1 
ATOM   104 N N7    B DG  A 1 3  ? -1.671  0.184   6.829   0.48 5.37  ? 3   DG  A N7    1 
ATOM   105 C C5    A DG  A 1 3  ? -1.910  -1.039  7.010   0.52 4.59  ? 3   DG  A C5    1 
ATOM   106 C C5    B DG  A 1 3  ? -2.108  -1.138  6.832   0.48 4.84  ? 3   DG  A C5    1 
ATOM   107 C C6    A DG  A 1 3  ? -2.760  -1.659  6.060   0.52 4.54  ? 3   DG  A C6    1 
ATOM   108 C C6    B DG  A 1 3  ? -2.931  -1.837  5.916   0.48 4.38  ? 3   DG  A C6    1 
ATOM   109 O O6    A DG  A 1 3  ? -3.248  -1.176  5.028   0.52 5.04  ? 3   DG  A O6    1 
ATOM   110 O O6    B DG  A 1 3  ? -3.481  -1.407  4.892   0.48 4.50  ? 3   DG  A O6    1 
ATOM   111 N N1    A DG  A 1 3  ? -3.047  -2.978  6.413   0.52 4.50  ? 3   DG  A N1    1 
ATOM   112 N N1    B DG  A 1 3  ? -3.101  -3.173  6.291   0.48 4.30  ? 3   DG  A N1    1 
ATOM   113 C C2    A DG  A 1 3  ? -2.555  -3.612  7.523   0.52 4.54  ? 3   DG  A C2    1 
ATOM   114 C C2    B DG  A 1 3  ? -2.532  -3.755  7.396   0.48 3.93  ? 3   DG  A C2    1 
ATOM   115 N N2    A DG  A 1 3  ? -2.921  -4.882  7.697   0.52 5.35  ? 3   DG  A N2    1 
ATOM   116 N N2    B DG  A 1 3  ? -2.784  -5.060  7.580   0.48 3.64  ? 3   DG  A N2    1 
ATOM   117 N N3    A DG  A 1 3  ? -1.772  -3.041  8.412   0.52 4.41  ? 3   DG  A N3    1 
ATOM   118 N N3    B DG  A 1 3  ? -1.765  -3.110  8.257   0.48 4.53  ? 3   DG  A N3    1 
ATOM   119 C C4    A DG  A 1 3  ? -1.492  -1.766  8.094   0.52 4.45  ? 3   DG  A C4    1 
ATOM   120 C C4    B DG  A 1 3  ? -1.601  -1.813  7.915   0.48 4.75  ? 3   DG  A C4    1 
ATOM   121 P P     . DT  A 1 4  ? 4.164   -2.732  8.543   1.00 5.65  ? 4   DT  A P     1 
ATOM   122 O OP1   . DT  A 1 4  ? 5.526   -3.056  9.023   1.00 6.32  ? 4   DT  A OP1   1 
ATOM   123 O OP2   . DT  A 1 4  ? 4.007   -2.081  7.226   1.00 6.70  ? 4   DT  A OP2   1 
ATOM   124 O "O5'" . DT  A 1 4  ? 3.252   -4.029  8.460   1.00 5.64  ? 4   DT  A "O5'" 1 
ATOM   125 C "C5'" . DT  A 1 4  ? 3.268   -5.019  9.468   1.00 5.51  ? 4   DT  A "C5'" 1 
ATOM   126 C "C4'" . DT  A 1 4  ? 2.601   -6.270  8.935   1.00 5.11  ? 4   DT  A "C4'" 1 
ATOM   127 O "O4'" . DT  A 1 4  ? 1.227   -5.981  8.606   1.00 5.23  ? 4   DT  A "O4'" 1 
ATOM   128 C "C3'" . DT  A 1 4  ? 3.191   -6.784  7.638   1.00 4.91  ? 4   DT  A "C3'" 1 
ATOM   129 O "O3'" . DT  A 1 4  ? 4.338   -7.574  7.943   1.00 5.31  ? 4   DT  A "O3'" 1 
ATOM   130 C "C2'" . DT  A 1 4  ? 2.038   -7.600  7.068   1.00 5.03  ? 4   DT  A "C2'" 1 
ATOM   131 C "C1'" . DT  A 1 4  ? 0.846   -6.748  7.473   1.00 5.00  ? 4   DT  A "C1'" 1 
ATOM   132 N N1    . DT  A 1 4  ? 0.350   -5.832  6.411   1.00 4.65  ? 4   DT  A N1    1 
ATOM   133 C C2    . DT  A 1 4  ? -0.519  -6.335  5.495   1.00 4.40  ? 4   DT  A C2    1 
ATOM   134 O O2    . DT  A 1 4  ? -0.869  -7.498  5.486   1.00 5.13  ? 4   DT  A O2    1 
ATOM   135 N N3    . DT  A 1 4  ? -0.971  -5.442  4.578   1.00 4.49  ? 4   DT  A N3    1 
ATOM   136 C C4    . DT  A 1 4  ? -0.636  -4.119  4.461   1.00 4.44  ? 4   DT  A C4    1 
ATOM   137 O O4    . DT  A 1 4  ? -1.143  -3.406  3.593   1.00 4.94  ? 4   DT  A O4    1 
ATOM   138 C C5    . DT  A 1 4  ? 0.341   -3.651  5.414   1.00 4.57  ? 4   DT  A C5    1 
ATOM   139 C C7    . DT  A 1 4  ? 0.827   -2.237  5.356   1.00 5.35  ? 4   DT  A C7    1 
ATOM   140 C C6    . DT  A 1 4  ? 0.780   -4.518  6.342   1.00 4.65  ? 4   DT  A C6    1 
ATOM   141 P P     . DA  A 1 5  ? 5.628   -7.484  7.006   1.00 5.48  ? 5   DA  A P     1 
ATOM   142 O OP1   . DA  A 1 5  ? 6.647   -8.299  7.706   1.00 7.20  ? 5   DA  A OP1   1 
ATOM   143 O OP2   . DA  A 1 5  ? 5.948   -6.075  6.629   1.00 6.19  ? 5   DA  A OP2   1 
ATOM   144 O "O5'" . DA  A 1 5  ? 5.138   -8.279  5.722   1.00 6.63  ? 5   DA  A "O5'" 1 
ATOM   145 C "C5'" . DA  A 1 5  ? 5.393   -7.799  4.417   1.00 6.60  ? 5   DA  A "C5'" 1 
ATOM   146 C "C4'" . DA  A 1 5  ? 4.486   -8.511  3.466   1.00 6.37  ? 5   DA  A "C4'" 1 
ATOM   147 O "O4'" . DA  A 1 5  ? 3.119   -8.120  3.740   1.00 6.62  ? 5   DA  A "O4'" 1 
ATOM   148 C "C3'" . DA  A 1 5  ? 4.681   -8.161  2.011   1.00 6.65  ? 5   DA  A "C3'" 1 
ATOM   149 O "O3'" . DA  A 1 5  ? 5.807   -8.869  1.472   1.00 6.97  ? 5   DA  A "O3'" 1 
ATOM   150 C "C2'" . DA  A 1 5  ? 3.352   -8.629  1.449   1.00 6.78  ? 5   DA  A "C2'" 1 
ATOM   151 C "C1'" . DA  A 1 5  ? 2.390   -8.125  2.532   1.00 6.42  ? 5   DA  A "C1'" 1 
ATOM   152 N N9    . DA  A 1 5  ? 1.883   -6.778  2.259   1.00 5.51  ? 5   DA  A N9    1 
ATOM   153 C C8    . DA  A 1 5  ? 2.214   -5.587  2.869   1.00 5.32  ? 5   DA  A C8    1 
ATOM   154 N N7    . DA  A 1 5  ? 1.579   -4.550  2.355   1.00 5.40  ? 5   DA  A N7    1 
ATOM   155 C C5    . DA  A 1 5  ? 0.805   -5.104  1.336   1.00 5.23  ? 5   DA  A C5    1 
ATOM   156 C C6    . DA  A 1 5  ? -0.106  -4.549  0.416   1.00 5.47  ? 5   DA  A C6    1 
ATOM   157 N N6    . DA  A 1 5  ? -0.415  -3.251  0.370   1.00 5.96  ? 5   DA  A N6    1 
ATOM   158 N N1    . DA  A 1 5  ? -0.697  -5.390  -0.451  1.00 5.91  ? 5   DA  A N1    1 
ATOM   159 C C2    . DA  A 1 5  ? -0.414  -6.686  -0.395  1.00 6.33  ? 5   DA  A C2    1 
ATOM   160 N N3    . DA  A 1 5  ? 0.405   -7.325  0.427   1.00 6.34  ? 5   DA  A N3    1 
ATOM   161 C C4    . DA  A 1 5  ? 0.978   -6.470  1.282   1.00 5.64  ? 5   DA  A C4    1 
HETATM 162 P P     . LSH A 1 6  ? 6.546   -8.321  0.155   1.00 6.98  ? 6   LSH A P     1 
HETATM 163 O OP2   . LSH A 1 6  ? 6.638   -6.860  0.238   1.00 7.39  ? 6   LSH A OP2   1 
HETATM 164 O "O5'" . LSH A 1 6  ? 5.460   -8.699  -1.027  1.00 6.43  ? 6   LSH A "O5'" 1 
HETATM 165 C "C5'" . LSH A 1 6  ? 5.141   -10.040 -1.270  1.00 6.40  ? 6   LSH A "C5'" 1 
HETATM 166 C "C4'" . LSH A 1 6  ? 3.989   -10.072 -2.255  1.00 5.87  ? 6   LSH A "C4'" 1 
HETATM 167 C "C6'" . LSH A 1 6  ? 3.480   -11.521 -2.398  1.00 6.48  ? 6   LSH A "C6'" 1 
HETATM 168 S S     . LSH A 1 6  ? 2.068   -11.630 -3.312  1.00 6.36  ? 6   LSH A S     1 
HETATM 169 O "O7'" . LSH A 1 6  ? 1.958   -12.911 -3.946  1.00 7.33  ? 6   LSH A "O7'" 1 
HETATM 170 O "O8'" . LSH A 1 6  ? 0.956   -11.267 -2.461  1.00 7.14  ? 6   LSH A "O8'" 1 
HETATM 171 N "N2'" . LSH A 1 6  ? 2.237   -10.507 -4.467  1.00 5.96  ? 6   LSH A "N2'" 1 
HETATM 172 C "C2'" . LSH A 1 6  ? 2.934   -9.246  -4.169  1.00 5.48  ? 6   LSH A "C2'" 1 
HETATM 173 C "C1'" . LSH A 1 6  ? 2.343   -8.609  -2.958  1.00 5.55  ? 6   LSH A "C1'" 1 
HETATM 174 O "O4'" . LSH A 1 6  ? 2.940   -9.216  -1.799  1.00 5.68  ? 6   LSH A "O4'" 1 
HETATM 175 N N1    . LSH A 1 6  ? 2.368   -7.152  -2.805  1.00 5.22  ? 6   LSH A N1    1 
HETATM 176 C C2    . LSH A 1 6  ? 1.467   -6.414  -3.493  1.00 5.37  ? 6   LSH A C2    1 
HETATM 177 O O2    . LSH A 1 6  ? 0.755   -6.929  -4.388  1.00 5.82  ? 6   LSH A O2    1 
HETATM 178 N N3    . LSH A 1 6  ? 1.382   -5.086  -3.204  1.00 5.21  ? 6   LSH A N3    1 
HETATM 179 C C4    . LSH A 1 6  ? 2.131   -4.480  -2.247  1.00 5.39  ? 6   LSH A C4    1 
HETATM 180 O O4    . LSH A 1 6  ? 1.955   -3.258  -2.006  1.00 5.82  ? 6   LSH A O4    1 
HETATM 181 C C5    . LSH A 1 6  ? 3.069   -5.243  -1.565  1.00 5.59  ? 6   LSH A C5    1 
HETATM 182 C C7    . LSH A 1 6  ? 3.941   -4.624  -0.504  1.00 6.25  ? 6   LSH A C7    1 
HETATM 183 C C6    . LSH A 1 6  ? 3.151   -6.590  -1.863  1.00 5.49  ? 6   LSH A C6    1 
HETATM 184 C "C3'" . LSH A 1 6  ? 4.316   -9.503  -3.627  1.00 5.23  ? 6   LSH A "C3'" 1 
HETATM 185 O "O3'" . LSH A 1 6  ? 5.066   -10.426 -4.404  1.00 5.37  ? 6   LSH A "O3'" 1 
HETATM 186 O OP3   . LSH A 1 6  ? 7.749   -9.170  0.061   1.00 8.03  ? 6   LSH A OP3   1 
ATOM   187 P P     . DA  A 1 7  ? 6.203   -9.882  -5.396  1.00 5.13  ? 7   DA  A P     1 
ATOM   188 O OP1   . DA  A 1 7  ? 6.764   -11.064 -6.108  1.00 5.54  ? 7   DA  A OP1   1 
ATOM   189 O OP2   . DA  A 1 7  ? 7.135   -8.982  -4.674  1.00 6.09  ? 7   DA  A OP2   1 
ATOM   190 O "O5'" . DA  A 1 7  ? 5.320   -9.026  -6.387  1.00 5.51  ? 7   DA  A "O5'" 1 
ATOM   191 C "C5'" . DA  A 1 7  ? 5.823   -7.873  -7.038  1.00 5.78  ? 7   DA  A "C5'" 1 
ATOM   192 C "C4'" . DA  A 1 7  ? 4.694   -7.232  -7.799  1.00 5.84  ? 7   DA  A "C4'" 1 
ATOM   193 O "O4'" . DA  A 1 7  ? 3.641   -6.900  -6.868  1.00 5.62  ? 7   DA  A "O4'" 1 
ATOM   194 C "C3'" . DA  A 1 7  ? 5.017   -5.919  -8.471  1.00 6.39  ? 7   DA  A "C3'" 1 
ATOM   195 O "O3'" . DA  A 1 7  ? 5.717   -6.150  -9.685  1.00 6.93  ? 7   DA  A "O3'" 1 
ATOM   196 C "C2'" . DA  A 1 7  ? 3.608   -5.386  -8.687  1.00 6.55  ? 7   DA  A "C2'" 1 
ATOM   197 C "C1'" . DA  A 1 7  ? 2.977   -5.744  -7.338  1.00 6.01  ? 7   DA  A "C1'" 1 
ATOM   198 N N9    . DA  A 1 7  ? 3.125   -4.685  -6.353  1.00 5.50  ? 7   DA  A N9    1 
ATOM   199 C C8    . DA  A 1 7  ? 3.999   -4.614  -5.306  1.00 5.54  ? 7   DA  A C8    1 
ATOM   200 N N7    . DA  A 1 7  ? 3.901   -3.497  -4.612  1.00 5.60  ? 7   DA  A N7    1 
ATOM   201 C C5    . DA  A 1 7  ? 2.893   -2.798  -5.256  1.00 5.36  ? 7   DA  A C5    1 
ATOM   202 C C6    . DA  A 1 7  ? 2.290   -1.552  -5.007  1.00 5.41  ? 7   DA  A C6    1 
ATOM   203 N N6    . DA  A 1 7  ? 2.627   -0.758  -3.987  1.00 5.78  ? 7   DA  A N6    1 
ATOM   204 N N1    . DA  A 1 7  ? 1.320   -1.145  -5.857  1.00 5.20  ? 7   DA  A N1    1 
ATOM   205 C C2    . DA  A 1 7  ? 0.979   -1.938  -6.871  1.00 5.38  ? 7   DA  A C2    1 
ATOM   206 N N3    . DA  A 1 7  ? 1.461   -3.134  -7.194  1.00 5.38  ? 7   DA  A N3    1 
ATOM   207 C C4    . DA  A 1 7  ? 2.418   -3.508  -6.336  1.00 5.22  ? 7   DA  A C4    1 
ATOM   208 P P     A DC  A 1 8  ? 6.989   -5.242  -10.048 0.52 6.92  ? 8   DC  A P     1 
ATOM   209 P P     B DC  A 1 8  ? 6.848   -5.123  -10.198 0.48 6.89  ? 8   DC  A P     1 
ATOM   210 O OP1   A DC  A 1 8  ? 7.759   -6.006  -11.051 0.52 7.50  ? 8   DC  A OP1   1 
ATOM   211 O OP1   B DC  A 1 8  ? 7.524   -5.775  -11.340 0.48 7.45  ? 8   DC  A OP1   1 
ATOM   212 O OP2   A DC  A 1 8  ? 7.640   -4.825  -8.787  0.52 8.03  ? 8   DC  A OP2   1 
ATOM   213 O OP2   B DC  A 1 8  ? 7.641   -4.580  -9.075  0.48 7.36  ? 8   DC  A OP2   1 
ATOM   214 O "O5'" A DC  A 1 8  ? 6.355   -3.939  -10.699 0.52 6.22  ? 8   DC  A "O5'" 1 
ATOM   215 O "O5'" B DC  A 1 8  ? 6.016   -3.890  -10.759 0.48 7.10  ? 8   DC  A "O5'" 1 
ATOM   216 C "C5'" A DC  A 1 8  ? 5.569   -4.045  -11.862 0.52 6.01  ? 8   DC  A "C5'" 1 
ATOM   217 C "C5'" B DC  A 1 8  ? 5.231   -4.035  -11.929 0.48 7.49  ? 8   DC  A "C5'" 1 
ATOM   218 C "C4'" A DC  A 1 8  ? 4.563   -2.912  -11.938 0.52 5.29  ? 8   DC  A "C4'" 1 
ATOM   219 C "C4'" B DC  A 1 8  ? 4.267   -2.877  -12.063 0.48 7.78  ? 8   DC  A "C4'" 1 
ATOM   220 O "O4'" A DC  A 1 8  ? 3.725   -2.907  -10.755 0.52 5.09  ? 8   DC  A "O4'" 1 
ATOM   221 O "O4'" B DC  A 1 8  ? 3.438   -2.811  -10.879 0.48 7.86  ? 8   DC  A "O4'" 1 
ATOM   222 C "C3'" A DC  A 1 8  ? 5.140   -1.514  -11.968 0.52 5.22  ? 8   DC  A "C3'" 1 
ATOM   223 C "C3'" B DC  A 1 8  ? 4.910   -1.503  -12.149 0.48 8.09  ? 8   DC  A "C3'" 1 
ATOM   224 O "O3'" A DC  A 1 8  ? 5.639   -1.212  -13.264 0.52 5.57  ? 8   DC  A "O3'" 1 
ATOM   225 O "O3'" B DC  A 1 8  ? 5.300   -1.232  -13.492 0.48 8.67  ? 8   DC  A "O3'" 1 
ATOM   226 C "C2'" A DC  A 1 8  ? 3.894   -0.716  -11.619 0.52 5.10  ? 8   DC  A "C2'" 1 
ATOM   227 C "C2'" B DC  A 1 8  ? 3.754   -0.621  -11.707 0.48 8.11  ? 8   DC  A "C2'" 1 
ATOM   228 C "C1'" A DC  A 1 8  ? 3.334   -1.568  -10.478 0.52 4.88  ? 8   DC  A "C1'" 1 
ATOM   229 C "C1'" B DC  A 1 8  ? 3.166   -1.456  -10.571 0.48 7.99  ? 8   DC  A "C1'" 1 
ATOM   230 N N1    A DC  A 1 8  ? 3.876   -1.144  -9.164  0.52 4.48  ? 8   DC  A N1    1 
ATOM   231 N N1    B DC  A 1 8  ? 3.759   -1.131  -9.251  0.48 7.97  ? 8   DC  A N1    1 
ATOM   232 C C2    A DC  A 1 8  ? 3.310   -0.036  -8.546  0.52 4.52  ? 8   DC  A C2    1 
ATOM   233 C C2    B DC  A 1 8  ? 3.356   0.036   -8.608  0.48 8.00  ? 8   DC  A C2    1 
ATOM   234 O O2    A DC  A 1 8  ? 2.362   0.530   -9.098  0.52 4.81  ? 8   DC  A O2    1 
ATOM   235 O O2    B DC  A 1 8  ? 2.515   0.758   -9.156  0.48 8.02  ? 8   DC  A O2    1 
ATOM   236 N N3    A DC  A 1 8  ? 3.810   0.393   -7.365  0.52 4.35  ? 8   DC  A N3    1 
ATOM   237 N N3    B DC  A 1 8  ? 3.899   0.349   -7.407  0.48 8.04  ? 8   DC  A N3    1 
ATOM   238 C C4    A DC  A 1 8  ? 4.837   -0.244  -6.807  0.52 4.53  ? 8   DC  A C4    1 
ATOM   239 C C4    B DC  A 1 8  ? 4.809   -0.456  -6.857  0.48 8.21  ? 8   DC  A C4    1 
ATOM   240 N N4    A DC  A 1 8  ? 5.297   0.215   -5.641  0.52 4.96  ? 8   DC  A N4    1 
ATOM   241 N N4    B DC  A 1 8  ? 5.319   -0.107  -5.670  0.48 8.42  ? 8   DC  A N4    1 
ATOM   242 C C5    A DC  A 1 8  ? 5.443   -1.379  -7.429  0.52 4.58  ? 8   DC  A C5    1 
ATOM   243 C C5    B DC  A 1 8  ? 5.238   -1.655  -7.502  0.48 8.27  ? 8   DC  A C5    1 
ATOM   244 C C6    A DC  A 1 8  ? 4.938   -1.786  -8.599  0.52 4.59  ? 8   DC  A C6    1 
ATOM   245 C C6    B DC  A 1 8  ? 4.690   -1.950  -8.686  0.48 8.15  ? 8   DC  A C6    1 
ATOM   246 P P     A DG  A 1 9  ? 6.759   -0.077  -13.467 0.52 5.71  ? 9   DG  A P     1 
ATOM   247 P P     B DG  A 1 9  ? 6.429   -0.131  -13.824 0.48 8.77  ? 9   DG  A P     1 
ATOM   248 O OP1   A DG  A 1 9  ? 7.195   -0.218  -14.876 0.52 6.34  ? 9   DG  A OP1   1 
ATOM   249 O OP1   B DG  A 1 9  ? 6.650   -0.173  -15.285 0.48 9.04  ? 9   DG  A OP1   1 
ATOM   250 O OP2   A DG  A 1 9  ? 7.754   -0.122  -12.377 0.52 6.66  ? 9   DG  A OP2   1 
ATOM   251 O OP2   B DG  A 1 9  ? 7.591   -0.265  -12.921 0.48 9.32  ? 9   DG  A OP2   1 
ATOM   252 O "O5'" A DG  A 1 9  ? 5.988   1.287   -13.241 0.52 5.72  ? 9   DG  A "O5'" 1 
ATOM   253 O "O5'" B DG  A 1 9  ? 5.746   1.247   -13.433 0.48 8.25  ? 9   DG  A "O5'" 1 
ATOM   254 C "C5'" A DG  A 1 9  ? 5.028   1.726   -14.163 0.52 5.75  ? 9   DG  A "C5'" 1 
ATOM   255 C "C5'" B DG  A 1 9  ? 4.771   1.802   -14.275 0.48 7.72  ? 9   DG  A "C5'" 1 
ATOM   256 C "C4'" A DG  A 1 9  ? 4.401   3.005   -13.666 0.52 5.74  ? 9   DG  A "C4'" 1 
ATOM   257 C "C4'" B DG  A 1 9  ? 4.260   3.102   -13.700 0.48 7.52  ? 9   DG  A "C4'" 1 
ATOM   258 O "O4'" A DG  A 1 9  ? 3.733   2.760   -12.404 0.52 6.21  ? 9   DG  A "O4'" 1 
ATOM   259 O "O4'" B DG  A 1 9  ? 3.715   2.871   -12.391 0.48 7.74  ? 9   DG  A "O4'" 1 
ATOM   260 C "C3'" A DG  A 1 9  ? 5.373   4.116   -13.342 0.52 5.82  ? 9   DG  A "C3'" 1 
ATOM   261 C "C3'" B DG  A 1 9  ? 5.296   4.187   -13.506 0.48 7.17  ? 9   DG  A "C3'" 1 
ATOM   262 O "O3'" A DG  A 1 9  ? 5.769   4.776   -14.520 0.52 6.38  ? 9   DG  A "O3'" 1 
ATOM   263 O "O3'" B DG  A 1 9  ? 5.438   4.889   -14.707 0.48 7.11  ? 9   DG  A "O3'" 1 
ATOM   264 C "C2'" A DG  A 1 9  ? 4.513   4.984   -12.444 0.52 6.02  ? 9   DG  A "C2'" 1 
ATOM   265 C "C2'" B DG  A 1 9  ? 4.647   5.055   -12.441 0.48 7.52  ? 9   DG  A "C2'" 1 
ATOM   266 C "C1'" A DG  A 1 9  ? 3.893   3.899   -11.575 0.52 6.17  ? 9   DG  A "C1'" 1 
ATOM   267 C "C1'" B DG  A 1 9  ? 3.913   4.019   -11.595 0.48 7.70  ? 9   DG  A "C1'" 1 
ATOM   268 N N9    A DG  A 1 9  ? 4.710   3.537   -10.420 0.52 5.84  ? 9   DG  A N9    1 
ATOM   269 N N9    B DG  A 1 9  ? 4.615   3.629   -10.381 0.48 7.30  ? 9   DG  A N9    1 
ATOM   270 C C8    A DG  A 1 9  ? 5.493   2.421   -10.246 0.52 5.59  ? 9   DG  A C8    1 
ATOM   271 C C8    B DG  A 1 9  ? 5.231   2.432   -10.111 0.48 7.52  ? 9   DG  A C8    1 
ATOM   272 N N7    A DG  A 1 9  ? 6.073   2.376   -9.073  0.52 5.66  ? 9   DG  A N7    1 
ATOM   273 N N7    B DG  A 1 9  ? 5.746   2.375   -8.912  0.48 7.05  ? 9   DG  A N7    1 
ATOM   274 C C5    A DG  A 1 9  ? 5.649   3.535   -8.443  0.52 5.86  ? 9   DG  A C5    1 
ATOM   275 C C5    B DG  A 1 9  ? 5.429   3.607   -8.353  0.48 6.31  ? 9   DG  A C5    1 
ATOM   276 C C6    A DG  A 1 9  ? 5.945   4.045   -7.155  0.52 6.65  ? 9   DG  A C6    1 
ATOM   277 C C6    B DG  A 1 9  ? 5.715   4.141   -7.072  0.48 5.58  ? 9   DG  A C6    1 
ATOM   278 O O6    A DG  A 1 9  ? 6.667   3.551   -6.275  0.52 7.68  ? 9   DG  A O6    1 
ATOM   279 O O6    B DG  A 1 9  ? 6.315   3.603   -6.126  0.48 5.55  ? 9   DG  A O6    1 
ATOM   280 N N1    A DG  A 1 9  ? 5.306   5.263   -6.928  0.52 6.77  ? 9   DG  A N1    1 
ATOM   281 N N1    B DG  A 1 9  ? 5.211   5.434   -6.934  0.48 5.57  ? 9   DG  A N1    1 
ATOM   282 C C2    A DG  A 1 9  ? 4.487   5.901   -7.828  0.52 6.75  ? 9   DG  A C2    1 
ATOM   283 C C2    B DG  A 1 9  ? 4.528   6.120   -7.910  0.48 5.50  ? 9   DG  A C2    1 
ATOM   284 N N2    A DG  A 1 9  ? 3.959   7.070   -7.435  0.52 7.13  ? 9   DG  A N2    1 
ATOM   285 N N2    B DG  A 1 9  ? 4.122   7.358   -7.600  0.48 5.26  ? 9   DG  A N2    1 
ATOM   286 N N3    A DG  A 1 9  ? 4.198   5.428   -9.027  0.52 6.21  ? 9   DG  A N3    1 
ATOM   287 N N3    B DG  A 1 9  ? 4.257   5.629   -9.105  0.48 5.96  ? 9   DG  A N3    1 
ATOM   288 C C4    A DG  A 1 9  ? 4.817   4.256   -9.267  0.52 5.86  ? 9   DG  A C4    1 
ATOM   289 C C4    B DG  A 1 9  ? 4.734   4.380   -9.254  0.48 6.47  ? 9   DG  A C4    1 
ATOM   290 P P     A DC  A 1 10 ? 7.261   5.352   -14.626 0.52 7.18  ? 10  DC  A P     1 
ATOM   291 P P     B DC  A 1 10 ? 6.783   5.698   -15.018 0.48 7.43  ? 10  DC  A P     1 
ATOM   292 O OP1   A DC  A 1 10 ? 7.404   5.846   -16.021 0.52 7.79  ? 10  DC  A OP1   1 
ATOM   293 O OP1   B DC  A 1 10 ? 6.566   6.358   -16.321 0.48 7.85  ? 10  DC  A OP1   1 
ATOM   294 O OP2   A DC  A 1 10 ? 8.225   4.359   -14.101 0.52 7.61  ? 10  DC  A OP2   1 
ATOM   295 O OP2   B DC  A 1 10 ? 7.927   4.787   -14.823 0.48 8.27  ? 10  DC  A OP2   1 
ATOM   296 O "O5'" A DC  A 1 10 ? 7.248   6.575   -13.598 0.52 7.44  ? 10  DC  A "O5'" 1 
ATOM   297 O "O5'" B DC  A 1 10 ? 6.881   6.764   -13.843 0.48 7.83  ? 10  DC  A "O5'" 1 
ATOM   298 C "C5'" A DC  A 1 10 ? 6.356   7.668   -13.805 0.52 7.35  ? 10  DC  A "C5'" 1 
ATOM   299 C "C5'" B DC  A 1 10 ? 6.263   8.007   -13.983 0.48 8.00  ? 10  DC  A "C5'" 1 
ATOM   300 C "C4'" A DC  A 1 10 ? 6.454   8.670   -12.669 0.52 7.09  ? 10  DC  A "C4'" 1 
ATOM   301 C "C4'" B DC  A 1 10 ? 6.611   8.901   -12.815 0.48 7.63  ? 10  DC  A "C4'" 1 
ATOM   302 O "O4'" A DC  A 1 10 ? 5.995   8.061   -11.435 0.52 6.73  ? 10  DC  A "O4'" 1 
ATOM   303 O "O4'" B DC  A 1 10 ? 6.097   8.323   -11.594 0.48 7.02  ? 10  DC  A "O4'" 1 
ATOM   304 C "C3'" A DC  A 1 10 ? 7.861   9.150   -12.356 0.52 7.17  ? 10  DC  A "C3'" 1 
ATOM   305 C "C3'" B DC  A 1 10 ? 8.092   9.067   -12.528 0.48 7.49  ? 10  DC  A "C3'" 1 
ATOM   306 O "O3'" A DC  A 1 10 ? 8.214   10.243  -13.203 0.52 7.57  ? 10  DC  A "O3'" 1 
ATOM   307 O "O3'" B DC  A 1 10 ? 8.679   10.012  -13.405 0.48 7.81  ? 10  DC  A "O3'" 1 
ATOM   308 C "C2'" A DC  A 1 10 ? 7.721   9.604   -10.911 0.52 6.56  ? 10  DC  A "C2'" 1 
ATOM   309 C "C2'" B DC  A 1 10 ? 8.036   9.593   -11.105 0.48 6.97  ? 10  DC  A "C2'" 1 
ATOM   310 C "C1'" A DC  A 1 10 ? 6.721   8.599   -10.344 0.52 6.20  ? 10  DC  A "C1'" 1 
ATOM   311 C "C1'" B DC  A 1 10 ? 6.912   8.745   -10.512 0.48 6.59  ? 10  DC  A "C1'" 1 
ATOM   312 N N1    A DC  A 1 10 ? 7.373   7.506   -9.597  0.52 5.83  ? 10  DC  A N1    1 
ATOM   313 N N1    B DC  A 1 10 ? 7.432   7.568   -9.804  0.48 6.00  ? 10  DC  A N1    1 
ATOM   314 C C2    A DC  A 1 10 ? 7.740   7.744   -8.278  0.52 5.54  ? 10  DC  A C2    1 
ATOM   315 C C2    B DC  A 1 10 ? 7.819   7.719   -8.480  0.48 5.24  ? 10  DC  A C2    1 
ATOM   316 O O2    A DC  A 1 10 ? 7.491   8.856   -7.782  0.52 5.70  ? 10  DC  A O2    1 
ATOM   317 O O2    B DC  A 1 10 ? 7.680   8.832   -7.942  0.48 4.89  ? 10  DC  A O2    1 
ATOM   318 N N3    A DC  A 1 10 ? 8.355   6.757   -7.572  0.52 5.43  ? 10  DC  A N3    1 
ATOM   319 N N3    B DC  A 1 10 ? 8.328   6.650   -7.812  0.48 5.53  ? 10  DC  A N3    1 
ATOM   320 C C4    A DC  A 1 10 ? 8.614   5.586   -8.151  0.52 5.26  ? 10  DC  A C4    1 
ATOM   321 C C4    B DC  A 1 10 ? 8.479   5.485   -8.440  0.48 5.80  ? 10  DC  A C4    1 
ATOM   322 N N4    A DC  A 1 10 ? 9.224   4.646   -7.418  0.52 5.38  ? 10  DC  A N4    1 
ATOM   323 N N4    B DC  A 1 10 ? 8.986   4.460   -7.742  0.48 6.08  ? 10  DC  A N4    1 
ATOM   324 C C5    A DC  A 1 10 ? 8.269   5.334   -9.513  0.52 5.39  ? 10  DC  A C5    1 
ATOM   325 C C5    B DC  A 1 10 ? 8.112   5.318   -9.810  0.48 6.14  ? 10  DC  A C5    1 
ATOM   326 C C6    A DC  A 1 10 ? 7.656   6.314   -10.196 0.52 5.83  ? 10  DC  A C6    1 
ATOM   327 C C6    B DC  A 1 10 ? 7.604   6.379   -10.451 0.48 6.24  ? 10  DC  A C6    1 
ATOM   328 O "O5'" A DG  B 1 1  ? 10.564  7.220   3.650   0.51 10.72 ? 11  DG  B "O5'" 1 
ATOM   329 O "O5'" B DG  B 1 1  ? 9.375   5.933   2.210   0.49 11.96 ? 11  DG  B "O5'" 1 
ATOM   330 C "C5'" A DG  B 1 1  ? 9.316   7.201   2.948   0.51 9.76  ? 11  DG  B "C5'" 1 
ATOM   331 C "C5'" B DG  B 1 1  ? 9.637   7.127   2.932   0.49 11.01 ? 11  DG  B "C5'" 1 
ATOM   332 C "C4'" A DG  B 1 1  ? 9.088   8.508   2.202   0.51 8.41  ? 11  DG  B "C4'" 1 
ATOM   333 C "C4'" B DG  B 1 1  ? 9.358   8.349   2.076   0.49 9.66  ? 11  DG  B "C4'" 1 
ATOM   334 O "O4'" A DG  B 1 1  ? 10.127  8.692   1.212   0.51 7.74  ? 11  DG  B "O4'" 1 
ATOM   335 O "O4'" B DG  B 1 1  ? 10.324  8.418   1.001   0.49 8.97  ? 11  DG  B "O4'" 1 
ATOM   336 C "C3'" A DG  B 1 1  ? 7.763   8.593   1.450   0.51 7.57  ? 11  DG  B "C3'" 1 
ATOM   337 C "C3'" B DG  B 1 1  ? 7.998   8.359   1.393   0.49 9.05  ? 11  DG  B "C3'" 1 
ATOM   338 O "O3'" A DG  B 1 1  ? 6.812   9.256   2.259   0.51 7.56  ? 11  DG  B "O3'" 1 
ATOM   339 O "O3'" B DG  B 1 1  ? 7.018   8.928   2.260   0.49 9.25  ? 11  DG  B "O3'" 1 
ATOM   340 C "C2'" A DG  B 1 1  ? 8.110   9.418   0.220   0.51 7.40  ? 11  DG  B "C2'" 1 
ATOM   341 C "C2'" B DG  B 1 1  ? 8.263   9.226   0.174   0.49 8.55  ? 11  DG  B "C2'" 1 
ATOM   342 C "C1'" A DG  B 1 1  ? 9.553   9.024   -0.033  0.51 7.26  ? 11  DG  B "C1'" 1 
ATOM   343 C "C1'" B DG  B 1 1  ? 9.669   8.772   -0.198  0.49 8.32  ? 11  DG  B "C1'" 1 
ATOM   344 N N9    A DG  B 1 1  ? 9.738   7.895   -0.943  0.51 6.88  ? 11  DG  B N9    1 
ATOM   345 N N9    B DG  B 1 1  ? 9.731   7.630   -1.115  0.49 7.55  ? 11  DG  B N9    1 
ATOM   346 C C8    A DG  B 1 1  ? 10.401  6.722   -0.674  0.51 7.10  ? 11  DG  B C8    1 
ATOM   347 C C8    B DG  B 1 1  ? 10.259  6.382   -0.867  0.49 7.74  ? 11  DG  B C8    1 
ATOM   348 N N7    A DG  B 1 1  ? 10.465  5.913   -1.698  0.51 6.79  ? 11  DG  B N7    1 
ATOM   349 N N7    B DG  B 1 1  ? 10.220  5.589   -1.902  0.49 7.52  ? 11  DG  B N7    1 
ATOM   350 C C5    A DG  B 1 1  ? 9.815   6.602   -2.720  0.51 6.11  ? 11  DG  B C5    1 
ATOM   351 C C5    B DG  B 1 1  ? 9.644   6.364   -2.901  0.49 6.86  ? 11  DG  B C5    1 
ATOM   352 C C6    A DG  B 1 1  ? 9.575   6.238   -4.071  0.51 5.25  ? 11  DG  B C6    1 
ATOM   353 C C6    B DG  B 1 1  ? 9.348   6.054   -4.248  0.49 6.94  ? 11  DG  B C6    1 
ATOM   354 O O6    A DG  B 1 1  ? 9.900   5.199   -4.660  0.51 5.06  ? 11  DG  B O6    1 
ATOM   355 O O6    B DG  B 1 1  ? 9.542   4.995   -4.852  0.49 7.55  ? 11  DG  B O6    1 
ATOM   356 N N1    A DG  B 1 1  ? 8.906   7.242   -4.761  0.51 4.82  ? 11  DG  B N1    1 
ATOM   357 N N1    B DG  B 1 1  ? 8.776   7.138   -4.912  0.49 6.71  ? 11  DG  B N1    1 
ATOM   358 C C2    A DG  B 1 1  ? 8.505   8.433   -4.222  0.51 5.03  ? 11  DG  B C2    1 
ATOM   359 C C2    B DG  B 1 1  ? 8.521   8.358   -4.345  0.49 6.56  ? 11  DG  B C2    1 
ATOM   360 N N2    A DG  B 1 1  ? 7.852   9.258   -5.041  0.51 5.12  ? 11  DG  B N2    1 
ATOM   361 N N2    B DG  B 1 1  ? 7.954   9.272   -5.136  0.49 6.65  ? 11  DG  B N2    1 
ATOM   362 N N3    A DG  B 1 1  ? 8.710   8.784   -2.961  0.51 5.60  ? 11  DG  B N3    1 
ATOM   363 N N3    B DG  B 1 1  ? 8.786   8.656   -3.090  0.49 6.67  ? 11  DG  B N3    1 
ATOM   364 C C4    A DG  B 1 1  ? 9.370   7.825   -2.269  0.51 6.19  ? 11  DG  B C4    1 
ATOM   365 C C4    B DG  B 1 1  ? 9.345   7.619   -2.428  0.49 6.90  ? 11  DG  B C4    1 
ATOM   366 P P     A DC  B 1 2  ? 5.282   8.773   2.291   0.51 7.49  ? 12  DC  B P     1 
ATOM   367 P P     B DC  B 1 2  ? 5.517   8.353   2.273   0.49 9.28  ? 12  DC  B P     1 
ATOM   368 O OP1   A DC  B 1 2  ? 4.625   9.585   3.340   0.51 8.43  ? 12  DC  B OP1   1 
ATOM   369 O OP1   B DC  B 1 2  ? 4.838   8.923   3.455   0.49 9.75  ? 12  DC  B OP1   1 
ATOM   370 O OP2   A DC  B 1 2  ? 5.211   7.294   2.336   0.51 7.89  ? 12  DC  B OP2   1 
ATOM   371 O OP2   B DC  B 1 2  ? 5.577   6.884   2.095   0.49 9.69  ? 12  DC  B OP2   1 
ATOM   372 O "O5'" A DC  B 1 2  ? 4.708   9.233   0.882   0.51 7.32  ? 12  DC  B "O5'" 1 
ATOM   373 O "O5'" B DC  B 1 2  ? 4.864   8.928   0.934   0.49 8.87  ? 12  DC  B "O5'" 1 
ATOM   374 C "C5'" A DC  B 1 2  ? 4.564   10.609  0.602   0.51 7.15  ? 12  DC  B "C5'" 1 
ATOM   375 C "C5'" B DC  B 1 2  ? 4.612   10.319  0.788   0.49 8.38  ? 12  DC  B "C5'" 1 
ATOM   376 C "C4'" A DC  B 1 2  ? 4.218   10.824  -0.857  0.51 6.84  ? 12  DC  B "C4'" 1 
ATOM   377 C "C4'" B DC  B 1 2  ? 4.230   10.640  -0.646  0.49 7.94  ? 12  DC  B "C4'" 1 
ATOM   378 O "O4'" A DC  B 1 2  ? 5.321   10.397  -1.694  0.51 6.80  ? 12  DC  B "O4'" 1 
ATOM   379 O "O4'" B DC  B 1 2  ? 5.340   10.332  -1.525  0.49 7.73  ? 12  DC  B "O4'" 1 
ATOM   380 C "C3'" A DC  B 1 2  ? 3.038   10.023  -1.363  0.51 6.64  ? 12  DC  B "C3'" 1 
ATOM   381 C "C3'" B DC  B 1 2  ? 3.096   9.810   -1.212  0.49 7.76  ? 12  DC  B "C3'" 1 
ATOM   382 O "O3'" A DC  B 1 2  ? 1.841   10.682  -1.043  0.51 7.08  ? 12  DC  B "O3'" 1 
ATOM   383 O "O3'" B DC  B 1 2  ? 1.852   10.314  -0.805  0.49 8.17  ? 12  DC  B "O3'" 1 
ATOM   384 C "C2'" A DC  B 1 2  ? 3.301   10.023  -2.860  0.51 6.32  ? 12  DC  B "C2'" 1 
ATOM   385 C "C2'" B DC  B 1 2  ? 3.322   9.994   -2.700  0.49 7.32  ? 12  DC  B "C2'" 1 
ATOM   386 C "C1'" A DC  B 1 2  ? 4.807   9.825   -2.884  0.51 6.51  ? 12  DC  B "C1'" 1 
ATOM   387 C "C1'" B DC  B 1 2  ? 4.831   9.847   -2.760  0.49 7.12  ? 12  DC  B "C1'" 1 
ATOM   388 N N1    A DC  B 1 2  ? 5.229   8.393   -2.963  0.51 6.48  ? 12  DC  B N1    1 
ATOM   389 N N1    B DC  B 1 2  ? 5.281   8.439   -2.951  0.49 6.39  ? 12  DC  B N1    1 
ATOM   390 C C2    A DC  B 1 2  ? 5.248   7.775   -4.207  0.51 6.71  ? 12  DC  B C2    1 
ATOM   391 C C2    B DC  B 1 2  ? 5.147   7.855   -4.208  0.49 5.27  ? 12  DC  B C2    1 
ATOM   392 O O2    A DC  B 1 2  ? 4.889   8.418   -5.192  0.51 7.36  ? 12  DC  B O2    1 
ATOM   393 O O2    B DC  B 1 2  ? 4.628   8.506   -5.118  0.49 4.48  ? 12  DC  B O2    1 
ATOM   394 N N3    A DC  B 1 2  ? 5.655   6.492   -4.302  0.51 6.71  ? 12  DC  B N3    1 
ATOM   395 N N3    B DC  B 1 2  ? 5.578   6.589   -4.394  0.49 5.41  ? 12  DC  B N3    1 
ATOM   396 C C4    A DC  B 1 2  ? 6.024   5.827   -3.211  0.51 6.74  ? 12  DC  B C4    1 
ATOM   397 C C4    B DC  B 1 2  ? 6.115   5.911   -3.384  0.49 5.89  ? 12  DC  B C4    1 
ATOM   398 N N4    A DC  B 1 2  ? 6.419   4.560   -3.352  0.51 7.35  ? 12  DC  B N4    1 
ATOM   399 N N4    B DC  B 1 2  ? 6.532   4.663   -3.617  0.49 6.06  ? 12  DC  B N4    1 
ATOM   400 C C5    A DC  B 1 2  ? 6.008   6.434   -1.922  0.51 6.28  ? 12  DC  B C5    1 
ATOM   401 C C5    B DC  B 1 2  ? 6.259   6.485   -2.087  0.49 6.53  ? 12  DC  B C5    1 
ATOM   402 C C6    A DC  B 1 2  ? 5.604   7.705   -1.844  0.51 6.41  ? 12  DC  B C6    1 
ATOM   403 C C6    B DC  B 1 2  ? 5.836   7.739   -1.919  0.49 6.90  ? 12  DC  B C6    1 
ATOM   404 P P     A DG  B 1 3  ? 0.514   9.828   -0.771  0.51 7.73  ? 13  DG  B P     1 
ATOM   405 P P     B DG  B 1 3  ? 0.618   9.306   -0.651  0.49 8.52  ? 13  DG  B P     1 
ATOM   406 O OP1   A DG  B 1 3  ? -0.552  10.805  -0.458  0.51 8.18  ? 13  DG  B OP1   1 
ATOM   407 O OP1   B DG  B 1 3  ? -0.504  10.120  -0.136  0.49 8.95  ? 13  DG  B OP1   1 
ATOM   408 O OP2   A DG  B 1 3  ? 0.810   8.749   0.206   0.51 8.52  ? 13  DG  B OP2   1 
ATOM   409 O OP2   B DG  B 1 3  ? 1.045   8.103   0.093   0.49 9.13  ? 13  DG  B OP2   1 
ATOM   410 O "O5'" A DG  B 1 3  ? 0.208   9.138   -2.176  0.51 7.69  ? 13  DG  B "O5'" 1 
ATOM   411 O "O5'" B DG  B 1 3  ? 0.313   8.831   -2.145  0.49 8.11  ? 13  DG  B "O5'" 1 
ATOM   412 C "C5'" A DG  B 1 3  ? -0.205  9.934   -3.264  0.51 7.63  ? 13  DG  B "C5'" 1 
ATOM   413 C "C5'" B DG  B 1 3  ? -0.193  9.755   -3.078  0.49 8.09  ? 13  DG  B "C5'" 1 
ATOM   414 C "C4'" A DG  B 1 3  ? -0.245  9.118   -4.531  0.51 7.51  ? 13  DG  B "C4'" 1 
ATOM   415 C "C4'" B DG  B 1 3  ? -0.267  9.129   -4.449  0.49 7.93  ? 13  DG  B "C4'" 1 
ATOM   416 O "O4'" A DG  B 1 3  ? 1.072   8.612   -4.834  0.51 7.16  ? 13  DG  B "O4'" 1 
ATOM   417 O "O4'" B DG  B 1 3  ? 1.050   8.700   -4.863  0.49 7.64  ? 13  DG  B "O4'" 1 
ATOM   418 C "C3'" A DG  B 1 3  ? -1.094  7.870   -4.468  0.51 8.04  ? 13  DG  B "C3'" 1 
ATOM   419 C "C3'" B DG  B 1 3  ? -1.101  7.870   -4.530  0.49 8.33  ? 13  DG  B "C3'" 1 
ATOM   420 O "O3'" A DG  B 1 3  ? -2.471  8.202   -4.593  0.51 9.30  ? 13  DG  B "O3'" 1 
ATOM   421 O "O3'" B DG  B 1 3  ? -2.480  8.205   -4.608  0.49 9.47  ? 13  DG  B "O3'" 1 
ATOM   422 C "C2'" A DG  B 1 3  ? -0.573  7.129   -5.685  0.51 7.59  ? 13  DG  B "C2'" 1 
ATOM   423 C "C2'" B DG  B 1 3  ? -0.580  7.283   -5.830  0.49 7.87  ? 13  DG  B "C2'" 1 
ATOM   424 C "C1'" A DG  B 1 3  ? 0.925   7.418   -5.584  0.51 6.67  ? 13  DG  B "C1'" 1 
ATOM   425 C "C1'" B DG  B 1 3  ? 0.916   7.544   -5.676  0.49 7.21  ? 13  DG  B "C1'" 1 
ATOM   426 N N9    A DG  B 1 3  ? 1.687   6.339   -4.955  0.51 5.52  ? 13  DG  B N9    1 
ATOM   427 N N9    B DG  B 1 3  ? 1.636   6.434   -5.059  0.49 6.57  ? 13  DG  B N9    1 
ATOM   428 C C8    A DG  B 1 3  ? 2.208   6.282   -3.679  0.51 5.65  ? 13  DG  B C8    1 
ATOM   429 C C8    B DG  B 1 3  ? 2.191   6.378   -3.804  0.49 6.73  ? 13  DG  B C8    1 
ATOM   430 N N7    A DG  B 1 3  ? 2.853   5.165   -3.436  0.51 5.63  ? 13  DG  B N7    1 
ATOM   431 N N7    B DG  B 1 3  ? 2.777   5.237   -3.552  0.49 6.55  ? 13  DG  B N7    1 
ATOM   432 C C5    A DG  B 1 3  ? 2.748   4.450   -4.628  0.51 5.13  ? 13  DG  B C5    1 
ATOM   433 C C5    B DG  B 1 3  ? 2.596   4.498   -4.715  0.49 6.21  ? 13  DG  B C5    1 
ATOM   434 C C6    A DG  B 1 3  ? 3.247   3.166   -4.995  0.51 4.87  ? 13  DG  B C6    1 
ATOM   435 C C6    B DG  B 1 3  ? 3.013   3.183   -5.050  0.49 6.10  ? 13  DG  B C6    1 
ATOM   436 O O6    A DG  B 1 3  ? 3.926   2.374   -4.324  0.51 5.31  ? 13  DG  B O6    1 
ATOM   437 O O6    B DG  B 1 3  ? 3.656   2.375   -4.365  0.49 6.84  ? 13  DG  B O6    1 
ATOM   438 N N1    A DG  B 1 3  ? 2.897   2.840   -6.298  0.51 4.54  ? 13  DG  B N1    1 
ATOM   439 N N1    B DG  B 1 3  ? 2.612   2.832   -6.332  0.49 5.46  ? 13  DG  B N1    1 
ATOM   440 C C2    A DG  B 1 3  ? 2.160   3.630   -7.134  0.51 4.71  ? 13  DG  B C2    1 
ATOM   441 C C2    B DG  B 1 3  ? 1.896   3.637   -7.179  0.49 5.32  ? 13  DG  B C2    1 
ATOM   442 N N2    A DG  B 1 3  ? 1.920   3.136   -8.352  0.51 5.04  ? 13  DG  B N2    1 
ATOM   443 N N2    B DG  B 1 3  ? 1.589   3.116   -8.372  0.49 5.04  ? 13  DG  B N2    1 
ATOM   444 N N3    A DG  B 1 3  ? 1.696   4.820   -6.809  0.51 5.00  ? 13  DG  B N3    1 
ATOM   445 N N3    B DG  B 1 3  ? 1.503   4.862   -6.879  0.49 5.87  ? 13  DG  B N3    1 
ATOM   446 C C4    A DG  B 1 3  ? 2.033   5.166   -5.554  0.51 4.97  ? 13  DG  B C4    1 
ATOM   447 C C4    B DG  B 1 3  ? 1.893   5.225   -5.641  0.49 6.24  ? 13  DG  B C4    1 
ATOM   448 P P     . DT  B 1 4  ? -3.602  7.132   -4.190  1.00 10.99 ? 14  DT  B P     1 
ATOM   449 O OP1   . DT  B 1 4  ? -4.891  7.857   -4.240  1.00 12.34 ? 14  DT  B OP1   1 
ATOM   450 O OP2   . DT  B 1 4  ? -3.182  6.418   -2.968  1.00 12.15 ? 14  DT  B OP2   1 
ATOM   451 O "O5'" . DT  B 1 4  ? -3.551  6.047   -5.360  1.00 10.26 ? 14  DT  B "O5'" 1 
ATOM   452 C "C5'" . DT  B 1 4  ? -3.880  6.402   -6.700  1.00 10.11 ? 14  DT  B "C5'" 1 
ATOM   453 C "C4'" . DT  B 1 4  ? -3.673  5.219   -7.627  1.00 9.15  ? 14  DT  B "C4'" 1 
ATOM   454 O "O4'" . DT  B 1 4  ? -2.321  4.767   -7.534  1.00 7.55  ? 14  DT  B "O4'" 1 
ATOM   455 C "C3'" . DT  B 1 4  ? -4.519  4.022   -7.306  1.00 9.15  ? 14  DT  B "C3'" 1 
ATOM   456 O "O3'" . DT  B 1 4  ? -5.717  4.178   -8.009  1.00 9.73  ? 14  DT  B "O3'" 1 
ATOM   457 C "C2'" . DT  B 1 4  ? -3.686  2.845   -7.817  1.00 7.96  ? 14  DT  B "C2'" 1 
ATOM   458 C "C1'" . DT  B 1 4  ? -2.268  3.361   -7.655  1.00 6.84  ? 14  DT  B "C1'" 1 
ATOM   459 N N1    . DT  B 1 4  ? -1.504  2.832   -6.498  1.00 5.39  ? 14  DT  B N1    1 
ATOM   460 C C2    . DT  B 1 4  ? -0.863  1.629   -6.642  1.00 4.98  ? 14  DT  B C2    1 
ATOM   461 O O2    . DT  B 1 4  ? -0.979  0.932   -7.628  1.00 5.40  ? 14  DT  B O2    1 
ATOM   462 N N3    . DT  B 1 4  ? -0.114  1.248   -5.576  1.00 4.94  ? 14  DT  B N3    1 
ATOM   463 C C4    . DT  B 1 4  ? 0.029   1.902   -4.384  1.00 5.31  ? 14  DT  B C4    1 
ATOM   464 O O4    . DT  B 1 4  ? 0.742   1.458   -3.493  1.00 5.88  ? 14  DT  B O4    1 
ATOM   465 C C5    . DT  B 1 4  ? -0.687  3.152   -4.273  1.00 5.65  ? 14  DT  B C5    1 
ATOM   466 C C7    . DT  B 1 4  ? -0.586  3.957   -3.007  1.00 6.59  ? 14  DT  B C7    1 
ATOM   467 C C6    . DT  B 1 4  ? -1.415  3.557   -5.330  1.00 5.65  ? 14  DT  B C6    1 
ATOM   468 P P     . DA  B 1 5  ? -7.024  3.413   -7.522  1.00 10.01 ? 15  DA  B P     1 
ATOM   469 O OP1   . DA  B 1 5  ? -8.130  3.920   -8.359  1.00 10.91 ? 15  DA  B OP1   1 
ATOM   470 O OP2   . DA  B 1 5  ? -7.123  3.447   -6.044  1.00 11.96 ? 15  DA  B OP2   1 
ATOM   471 O "O5'" . DA  B 1 5  ? -6.685  1.914   -7.949  1.00 9.45  ? 15  DA  B "O5'" 1 
ATOM   472 C "C5'" . DA  B 1 5  ? -7.027  0.812   -7.146  1.00 7.92  ? 15  DA  B "C5'" 1 
ATOM   473 C "C4'" . DA  B 1 5  ? -6.340  -0.421  -7.682  1.00 6.42  ? 15  DA  B "C4'" 1 
ATOM   474 O "O4'" . DA  B 1 5  ? -4.909  -0.208  -7.718  1.00 6.25  ? 15  DA  B "O4'" 1 
ATOM   475 C "C3'" . DA  B 1 5  ? -6.507  -1.669  -6.855  1.00 5.98  ? 15  DA  B "C3'" 1 
ATOM   476 O "O3'" . DA  B 1 5  ? -7.755  -2.297  -7.167  1.00 6.07  ? 15  DA  B "O3'" 1 
ATOM   477 C "C2'" . DA  B 1 5  ? -5.313  -2.493  -7.327  1.00 6.11  ? 15  DA  B "C2'" 1 
ATOM   478 C "C1'" . DA  B 1 5  ? -4.240  -1.419  -7.423  1.00 5.81  ? 15  DA  B "C1'" 1 
ATOM   479 N N9    . DA  B 1 5  ? -3.477  -1.252  -6.188  1.00 5.56  ? 15  DA  B N9    1 
ATOM   480 C C8    . DA  B 1 5  ? -3.530  -0.213  -5.293  1.00 5.62  ? 15  DA  B C8    1 
ATOM   481 N N7    . DA  B 1 5  ? -2.701  -0.347  -4.286  1.00 5.66  ? 15  DA  B N7    1 
ATOM   482 C C5    . DA  B 1 5  ? -2.059  -1.559  -4.541  1.00 5.33  ? 15  DA  B C5    1 
ATOM   483 C C6    . DA  B 1 5  ? -1.052  -2.269  -3.858  1.00 5.19  ? 15  DA  B C6    1 
ATOM   484 N N6    . DA  B 1 5  ? -0.488  -1.847  -2.724  1.00 5.97  ? 15  DA  B N6    1 
ATOM   485 N N1    . DA  B 1 5  ? -0.654  -3.445  -4.390  1.00 5.39  ? 15  DA  B N1    1 
ATOM   486 C C2    . DA  B 1 5  ? -1.226  -3.870  -5.525  1.00 5.45  ? 15  DA  B C2    1 
ATOM   487 N N3    . DA  B 1 5  ? -2.163  -3.280  -6.259  1.00 5.68  ? 15  DA  B N3    1 
ATOM   488 C C4    . DA  B 1 5  ? -2.537  -2.122  -5.705  1.00 5.42  ? 15  DA  B C4    1 
HETATM 489 P P     . LSH B 1 6  ? -8.448  -3.263  -6.096  1.00 5.97  ? 16  LSH B P     1 
HETATM 490 O OP2   . LSH B 1 6  ? -8.499  -2.587  -4.792  1.00 6.79  ? 16  LSH B OP2   1 
HETATM 491 O "O5'" . LSH B 1 6  ? -7.362  -4.491  -5.944  1.00 5.60  ? 16  LSH B "O5'" 1 
HETATM 492 C "C5'" . LSH B 1 6  ? -7.188  -5.401  -7.004  1.00 5.70  ? 16  LSH B "C5'" 1 
HETATM 493 C "C4'" . LSH B 1 6  ? -6.091  -6.367  -6.615  1.00 5.77  ? 16  LSH B "C4'" 1 
HETATM 494 C "C6'" . LSH B 1 6  ? -5.815  -7.330  -7.789  1.00 6.70  ? 16  LSH B "C6'" 1 
HETATM 495 S S     . LSH B 1 6  ? -4.487  -8.343  -7.541  1.00 6.50  ? 16  LSH B S     1 
HETATM 496 O "O7'" . LSH B 1 6  ? -4.615  -9.567  -8.261  1.00 7.36  ? 16  LSH B "O7'" 1 
HETATM 497 O "O8'" . LSH B 1 6  ? -3.297  -7.599  -7.834  1.00 6.86  ? 16  LSH B "O8'" 1 
HETATM 498 N "N2'" . LSH B 1 6  ? -4.542  -8.670  -5.958  1.00 6.45  ? 16  LSH B "N2'" 1 
HETATM 499 C "C2'" . LSH B 1 6  ? -4.971  -7.623  -5.017  1.00 5.77  ? 16  LSH B "C2'" 1 
HETATM 500 C "C1'" . LSH B 1 6  ? -4.199  -6.342  -5.252  1.00 5.41  ? 16  LSH B "C1'" 1 
HETATM 501 O "O4'" . LSH B 1 6  ? -4.901  -5.635  -6.289  1.00 5.35  ? 16  LSH B "O4'" 1 
HETATM 502 N N1    . LSH B 1 6  ? -4.044  -5.461  -4.088  1.00 5.12  ? 16  LSH B N1    1 
HETATM 503 C C2    . LSH B 1 6  ? -3.035  -5.706  -3.234  1.00 5.55  ? 16  LSH B C2    1 
HETATM 504 O O2    . LSH B 1 6  ? -2.318  -6.719  -3.365  1.00 6.41  ? 16  LSH B O2    1 
HETATM 505 N N3    . LSH B 1 6  ? -2.807  -4.835  -2.228  1.00 5.65  ? 16  LSH B N3    1 
HETATM 506 C C4    . LSH B 1 6  ? -3.564  -3.733  -2.003  1.00 5.59  ? 16  LSH B C4    1 
HETATM 507 O O4    . LSH B 1 6  ? -3.288  -3.001  -1.014  1.00 6.35  ? 16  LSH B O4    1 
HETATM 508 C C5    . LSH B 1 6  ? -4.611  -3.475  -2.886  1.00 5.44  ? 16  LSH B C5    1 
HETATM 509 C C7    . LSH B 1 6  ? -5.485  -2.262  -2.707  1.00 6.05  ? 16  LSH B C7    1 
HETATM 510 C C6    . LSH B 1 6  ? -4.813  -4.367  -3.926  1.00 5.39  ? 16  LSH B C6    1 
HETATM 511 C "C3'" . LSH B 1 6  ? -6.368  -7.139  -5.329  1.00 5.46  ? 16  LSH B "C3'" 1 
HETATM 512 O "O3'" . LSH B 1 6  ? -7.330  -8.164  -5.498  1.00 5.74  ? 16  LSH B "O3'" 1 
HETATM 513 O OP3   . LSH B 1 6  ? -9.680  -3.690  -6.787  1.00 7.17  ? 16  LSH B OP3   1 
ATOM   514 P P     . DA  B 1 7  ? -8.521  -8.327  -4.434  1.00 5.79  ? 17  DA  B P     1 
ATOM   515 O OP1   . DA  B 1 7  ? -9.430  -9.349  -5.001  1.00 5.86  ? 17  DA  B OP1   1 
ATOM   516 O OP2   . DA  B 1 7  ? -9.044  -7.003  -4.045  1.00 6.88  ? 17  DA  B OP2   1 
ATOM   517 O "O5'" . DA  B 1 7  ? -7.799  -8.911  -3.142  1.00 6.14  ? 17  DA  B "O5'" 1 
ATOM   518 C "C5'" . DA  B 1 7  ? -7.497  -10.282 -3.114  1.00 5.73  ? 17  DA  B "C5'" 1 
ATOM   519 C "C4'" . DA  B 1 7  ? -6.804  -10.642 -1.843  1.00 6.17  ? 17  DA  B "C4'" 1 
ATOM   520 O "O4'" . DA  B 1 7  ? -5.480  -10.063 -1.822  1.00 6.74  ? 17  DA  B "O4'" 1 
ATOM   521 C "C3'" . DA  B 1 7  ? -7.434  -10.098 -0.585  1.00 6.52  ? 17  DA  B "C3'" 1 
ATOM   522 O "O3'" . DA  B 1 7  ? -8.642  -10.814 -0.288  1.00 7.10  ? 17  DA  B "O3'" 1 
ATOM   523 C "C2'" . DA  B 1 7  ? -6.283  -10.328 0.396   1.00 6.80  ? 17  DA  B "C2'" 1 
ATOM   524 C "C1'" . DA  B 1 7  ? -5.087  -9.878  -0.467  1.00 6.61  ? 17  DA  B "C1'" 1 
ATOM   525 N N9    . DA  B 1 7  ? -4.767  -8.478  -0.238  1.00 5.58  ? 17  DA  B N9    1 
ATOM   526 C C8    . DA  B 1 7  ? -5.265  -7.387  -0.884  1.00 6.02  ? 17  DA  B C8    1 
ATOM   527 N N7    . DA  B 1 7  ? -4.845  -6.246  -0.387  1.00 5.80  ? 17  DA  B N7    1 
ATOM   528 C C5    . DA  B 1 7  ? -4.035  -6.624  0.668   1.00 4.95  ? 17  DA  B C5    1 
ATOM   529 C C6    . DA  B 1 7  ? -3.279  -5.894  1.609   1.00 4.82  ? 17  DA  B C6    1 
ATOM   530 N N6    . DA  B 1 7  ? -3.205  -4.561  1.633   1.00 5.17  ? 17  DA  B N6    1 
ATOM   531 N N1    . DA  B 1 7  ? -2.615  -6.592  2.551   1.00 4.88  ? 17  DA  B N1    1 
ATOM   532 C C2    . DA  B 1 7  ? -2.672  -7.922  2.526   1.00 5.27  ? 17  DA  B C2    1 
ATOM   533 N N3    . DA  B 1 7  ? -3.328  -8.708  1.684   1.00 5.63  ? 17  DA  B N3    1 
ATOM   534 C C4    . DA  B 1 7  ? -3.996  -7.992  0.773   1.00 5.26  ? 17  DA  B C4    1 
ATOM   535 P P     A DC  B 1 8  ? -9.731  -10.060 0.635   0.50 6.43  ? 18  DC  B P     1 
ATOM   536 P P     B DC  B 1 8  ? -9.681  -10.339 0.820   0.50 8.11  ? 18  DC  B P     1 
ATOM   537 O OP1   A DC  B 1 8  ? -10.918 -10.933 0.698   0.50 6.82  ? 18  DC  B OP1   1 
ATOM   538 O OP1   B DC  B 1 8  ? -10.597 -11.488 1.038   0.50 9.01  ? 18  DC  B OP1   1 
ATOM   539 O OP2   A DC  B 1 8  ? -9.875  -8.628  0.260   0.50 6.78  ? 18  DC  B OP2   1 
ATOM   540 O OP2   B DC  B 1 8  ? -10.256 -9.047  0.379   0.50 8.12  ? 18  DC  B OP2   1 
ATOM   541 O "O5'" A DC  B 1 8  ? -9.029  -10.138 2.063   0.50 6.34  ? 18  DC  B "O5'" 1 
ATOM   542 O "O5'" B DC  B 1 8  ? -8.721  -10.142 2.069   0.50 7.15  ? 18  DC  B "O5'" 1 
ATOM   543 C "C5'" A DC  B 1 8  ? -9.080  -9.049  2.961   0.50 5.98  ? 18  DC  B "C5'" 1 
ATOM   544 C "C5'" B DC  B 1 8  ? -9.057  -9.303  3.126   0.50 6.29  ? 18  DC  B "C5'" 1 
ATOM   545 C "C4'" A DC  B 1 8  ? -7.971  -9.174  3.986   0.50 5.59  ? 18  DC  B "C4'" 1 
ATOM   546 C "C4'" B DC  B 1 8  ? -7.934  -9.339  4.133   0.50 5.61  ? 18  DC  B "C4'" 1 
ATOM   547 O "O4'" A DC  B 1 8  ? -6.729  -8.684  3.421   0.50 5.23  ? 18  DC  B "O4'" 1 
ATOM   548 O "O4'" B DC  B 1 8  ? -6.742  -8.763  3.552   0.50 5.41  ? 18  DC  B "O4'" 1 
ATOM   549 C "C3'" A DC  B 1 8  ? -8.159  -8.340  5.234   0.50 5.59  ? 18  DC  B "C3'" 1 
ATOM   550 C "C3'" B DC  B 1 8  ? -8.177  -8.554  5.396   0.50 5.49  ? 18  DC  B "C3'" 1 
ATOM   551 O "O3'" A DC  B 1 8  ? -9.020  -9.007  6.137   0.50 6.55  ? 18  DC  B "O3'" 1 
ATOM   552 O "O3'" B DC  B 1 8  ? -8.896  -9.365  6.294   0.50 5.91  ? 18  DC  B "O3'" 1 
ATOM   553 C "C2'" A DC  B 1 8  ? -6.731  -8.279  5.744   0.50 4.95  ? 18  DC  B "C2'" 1 
ATOM   554 C "C2'" B DC  B 1 8  ? -6.752  -8.312  5.869   0.50 5.34  ? 18  DC  B "C2'" 1 
ATOM   555 C "C1'" A DC  B 1 8  ? -5.967  -8.062  4.437   0.50 4.69  ? 18  DC  B "C1'" 1 
ATOM   556 C "C1'" B DC  B 1 8  ? -6.017  -8.081  4.549   0.50 5.18  ? 18  DC  B "C1'" 1 
ATOM   557 N N1    A DC  B 1 8  ? -5.795  -6.622  4.120   0.50 4.38  ? 18  DC  B N1    1 
ATOM   558 N N1    B DC  B 1 8  ? -5.929  -6.648  4.191   0.50 5.32  ? 18  DC  B N1    1 
ATOM   559 C C2    A DC  B 1 8  ? -4.912  -5.887  4.904   0.50 4.30  ? 18  DC  B C2    1 
ATOM   560 C C2    B DC  B 1 8  ? -4.983  -5.872  4.849   0.50 5.33  ? 18  DC  B C2    1 
ATOM   561 O O2    A DC  B 1 8  ? -4.294  -6.468  5.803   0.50 4.67  ? 18  DC  B O2    1 
ATOM   562 O O2    B DC  B 1 8  ? -4.245  -6.415  5.676   0.50 5.62  ? 18  DC  B O2    1 
ATOM   563 N N3    A DC  B 1 8  ? -4.752  -4.566  4.662   0.50 4.35  ? 18  DC  B N3    1 
ATOM   564 N N3    B DC  B 1 8  ? -4.892  -4.553  4.562   0.50 5.42  ? 18  DC  B N3    1 
ATOM   565 C C4    A DC  B 1 8  ? -5.445  -3.976  3.690   0.50 4.69  ? 18  DC  B C4    1 
ATOM   566 C C4    B DC  B 1 8  ? -5.711  -4.012  3.664   0.50 5.65  ? 18  DC  B C4    1 
ATOM   567 N N4    A DC  B 1 8  ? -5.244  -2.667  3.493   0.50 5.12  ? 18  DC  B N4    1 
ATOM   568 N N4    B DC  B 1 8  ? -5.586  -2.704  3.413   0.50 5.88  ? 18  DC  B N4    1 
ATOM   569 C C5    A DC  B 1 8  ? -6.362  -4.706  2.873   0.50 4.54  ? 18  DC  B C5    1 
ATOM   570 C C5    B DC  B 1 8  ? -6.695  -4.787  2.983   0.50 5.78  ? 18  DC  B C5    1 
ATOM   571 C C6    A DC  B 1 8  ? -6.513  -6.018  3.125   0.50 4.52  ? 18  DC  B C6    1 
ATOM   572 C C6    B DC  B 1 8  ? -6.776  -6.091  3.277   0.50 5.70  ? 18  DC  B C6    1 
ATOM   573 P P     A DG  B 1 9  ? -9.890  -8.166  7.195   0.50 7.14  ? 19  DG  B P     1 
ATOM   574 P P     B DG  B 1 9  ? -9.878  -8.713  7.381   0.50 5.80  ? 19  DG  B P     1 
ATOM   575 O OP1   A DG  B 1 9  ? -10.799 -9.142  7.834   0.50 8.03  ? 19  DG  B OP1   1 
ATOM   576 O OP1   B DG  B 1 9  ? -10.535 -9.845  8.052   0.50 6.60  ? 19  DG  B OP1   1 
ATOM   577 O OP2   A DG  B 1 9  ? -10.431 -6.949  6.543   0.50 7.76  ? 19  DG  B OP2   1 
ATOM   578 O OP2   B DG  B 1 9  ? -10.686 -7.616  6.791   0.50 6.17  ? 19  DG  B OP2   1 
ATOM   579 O "O5'" A DG  B 1 9  ? -8.835  -7.647  8.268   0.50 5.74  ? 19  DG  B "O5'" 1 
ATOM   580 O "O5'" B DG  B 1 9  ? -8.902  -8.018  8.421   0.50 6.03  ? 19  DG  B "O5'" 1 
ATOM   581 C "C5'" A DG  B 1 9  ? -8.143  -8.560  9.088   0.50 5.18  ? 19  DG  B "C5'" 1 
ATOM   582 C "C5'" B DG  B 1 9  ? -8.055  -8.820  9.213   0.50 6.61  ? 19  DG  B "C5'" 1 
ATOM   583 C "C4'" A DG  B 1 9  ? -7.037  -7.853  9.834   0.50 4.46  ? 19  DG  B "C4'" 1 
ATOM   584 C "C4'" B DG  B 1 9  ? -7.014  -7.967  9.877   0.50 7.33  ? 19  DG  B "C4'" 1 
ATOM   585 O "O4'" A DG  B 1 9  ? -6.172  -7.191  8.883   0.50 4.00  ? 19  DG  B "O4'" 1 
ATOM   586 O "O4'" B DG  B 1 9  ? -6.359  -7.189  8.869   0.50 7.11  ? 19  DG  B "O4'" 1 
ATOM   587 C "C3'" A DG  B 1 9  ? -7.469  -6.749  10.779  0.50 4.07  ? 19  DG  B "C3'" 1 
ATOM   588 C "C3'" B DG  B 1 9  ? -7.559  -6.949  10.855  0.50 8.02  ? 19  DG  B "C3'" 1 
ATOM   589 O "O3'" A DG  B 1 9  ? -7.873  -7.319  12.018  0.50 4.69  ? 19  DG  B "O3'" 1 
ATOM   590 O "O3'" B DG  B 1 9  ? -7.666  -7.550  12.117  0.50 9.04  ? 19  DG  B "O3'" 1 
ATOM   591 C "C2'" A DG  B 1 9  ? -6.164  -5.969  10.897  0.50 3.56  ? 19  DG  B "C2'" 1 
ATOM   592 C "C2'" B DG  B 1 9  ? -6.480  -5.878  10.846  0.50 7.72  ? 19  DG  B "C2'" 1 
ATOM   593 C "C1'" A DG  B 1 9  ? -5.679  -6.002  9.459   0.50 3.61  ? 19  DG  B "C1'" 1 
ATOM   594 C "C1'" B DG  B 1 9  ? -5.905  -5.990  9.443   0.50 6.84  ? 19  DG  B "C1'" 1 
ATOM   595 N N9    A DG  B 1 9  ? -6.130  -4.862  8.681   0.50 4.54  ? 19  DG  B N9    1 
ATOM   596 N N9    B DG  B 1 9  ? -6.237  -4.878  8.573   0.50 5.23  ? 19  DG  B N9    1 
ATOM   597 C C8    A DG  B 1 9  ? -6.995  -4.846  7.614   0.50 4.67  ? 19  DG  B C8    1 
ATOM   598 C C8    B DG  B 1 9  ? -7.018  -4.877  7.442   0.50 5.19  ? 19  DG  B C8    1 
ATOM   599 N N7    A DG  B 1 9  ? -7.144  -3.654  7.088   0.50 4.75  ? 19  DG  B N7    1 
ATOM   600 N N7    B DG  B 1 9  ? -7.057  -3.708  6.846   0.50 4.76  ? 19  DG  B N7    1 
ATOM   601 C C5    A DG  B 1 9  ? -6.322  -2.840  7.862   0.50 5.11  ? 19  DG  B C5    1 
ATOM   602 C C5    B DG  B 1 9  ? -6.244  -2.902  7.640   0.50 3.84  ? 19  DG  B C5    1 
ATOM   603 C C6    A DG  B 1 9  ? -6.063  -1.445  7.790   0.50 6.16  ? 19  DG  B C6    1 
ATOM   604 C C6    B DG  B 1 9  ? -5.887  -1.532  7.518   0.50 3.06  ? 19  DG  B C6    1 
ATOM   605 O O6    A DG  B 1 9  ? -6.518  -0.612  6.985   0.50 7.16  ? 19  DG  B O6    1 
ATOM   606 O O6    B DG  B 1 9  ? -6.216  -0.719  6.643   0.50 2.75  ? 19  DG  B O6    1 
ATOM   607 N N1    A DG  B 1 9  ? -5.172  -1.037  8.783   0.50 5.87  ? 19  DG  B N1    1 
ATOM   608 N N1    B DG  B 1 9  ? -5.040  -1.131  8.549   0.50 3.04  ? 19  DG  B N1    1 
ATOM   609 C C2    A DG  B 1 9  ? -4.605  -1.863  9.724   0.50 5.62  ? 19  DG  B C2    1 
ATOM   610 C C2    B DG  B 1 9  ? -4.602  -1.940  9.566   0.50 3.57  ? 19  DG  B C2    1 
ATOM   611 N N2    A DG  B 1 9  ? -3.777  -1.284  10.603  0.50 5.93  ? 19  DG  B N2    1 
ATOM   612 N N2    B DG  B 1 9  ? -3.803  -1.371  10.473  0.50 3.99  ? 19  DG  B N2    1 
ATOM   613 N N3    A DG  B 1 9  ? -4.837  -3.161  9.798   0.50 5.40  ? 19  DG  B N3    1 
ATOM   614 N N3    B DG  B 1 9  ? -4.923  -3.212  9.686   0.50 3.79  ? 19  DG  B N3    1 
ATOM   615 C C4    A DG  B 1 9  ? -5.698  -3.576  8.841   0.50 4.94  ? 19  DG  B C4    1 
ATOM   616 C C4    B DG  B 1 9  ? -5.737  -3.621  8.693   0.50 4.07  ? 19  DG  B C4    1 
ATOM   617 P P     A DC  B 1 10 ? -8.729  -6.481  13.087  0.50 5.08  ? 20  DC  B P     1 
ATOM   618 P P     B DC  B 1 10 ? -8.530  -6.862  13.279  0.50 9.61  ? 20  DC  B P     1 
ATOM   619 O OP1   A DC  B 1 10 ? -9.207  -7.472  14.086  0.50 5.66  ? 20  DC  B OP1   1 
ATOM   620 O OP1   B DC  B 1 10 ? -8.614  -7.856  14.367  0.50 10.46 ? 20  DC  B OP1   1 
ATOM   621 O OP2   A DC  B 1 10 ? -9.755  -5.665  12.396  0.50 6.30  ? 20  DC  B OP2   1 
ATOM   622 O OP2   B DC  B 1 10 ? -9.768  -6.299  12.700  0.50 10.03 ? 20  DC  B OP2   1 
ATOM   623 O "O5'" A DC  B 1 10 ? -7.727  -5.419  13.697  0.50 6.94  ? 20  DC  B "O5'" 1 
ATOM   624 O "O5'" B DC  B 1 10 ? -7.659  -5.634  13.767  0.50 8.77  ? 20  DC  B "O5'" 1 
ATOM   625 C "C5'" A DC  B 1 10 ? -6.536  -5.787  14.319  0.50 7.51  ? 20  DC  B "C5'" 1 
ATOM   626 C "C5'" B DC  B 1 10 ? -6.382  -5.806  14.321  0.50 8.03  ? 20  DC  B "C5'" 1 
ATOM   627 C "C4'" A DC  B 1 10 ? -5.783  -4.529  14.710  0.50 7.64  ? 20  DC  B "C4'" 1 
ATOM   628 C "C4'" B DC  B 1 10 ? -5.852  -4.457  14.770  0.50 6.75  ? 20  DC  B "C4'" 1 
ATOM   629 O "O4'" A DC  B 1 10 ? -5.704  -3.640  13.560  0.50 7.06  ? 20  DC  B "O4'" 1 
ATOM   630 O "O4'" B DC  B 1 10 ? -5.784  -3.565  13.626  0.50 6.21  ? 20  DC  B "O4'" 1 
ATOM   631 C "C3'" A DC  B 1 10 ? -6.433  -3.709  15.820  0.50 8.45  ? 20  DC  B "C3'" 1 
ATOM   632 C "C3'" B DC  B 1 10 ? -6.721  -3.741  15.801  0.50 6.85  ? 20  DC  B "C3'" 1 
ATOM   633 O "O3'" A DC  B 1 10 ? -5.425  -3.122  16.607  0.50 9.48  ? 20  DC  B "O3'" 1 
ATOM   634 O "O3'" B DC  B 1 10 ? -5.890  -3.044  16.698  0.50 7.88  ? 20  DC  B "O3'" 1 
ATOM   635 C "C2'" A DC  B 1 10 ? -7.210  -2.648  15.047  0.50 8.00  ? 20  DC  B "C2'" 1 
ATOM   636 C "C2'" B DC  B 1 10 ? -7.539  -2.775  14.948  0.50 6.55  ? 20  DC  B "C2'" 1 
ATOM   637 C "C1'" A DC  B 1 10 ? -6.249  -2.375  13.903  0.50 7.41  ? 20  DC  B "C1'" 1 
ATOM   638 C "C1'" B DC  B 1 10 ? -6.500  -2.377  13.919  0.50 6.50  ? 20  DC  B "C1'" 1 
ATOM   639 N N1    A DC  B 1 10 ? -6.902  -1.822  12.702  0.50 6.84  ? 20  DC  B N1    1 
ATOM   640 N N1    B DC  B 1 10 ? -7.056  -1.876  12.657  0.50 6.49  ? 20  DC  B N1    1 
ATOM   641 C C2    A DC  B 1 10 ? -6.591  -0.527  12.261  0.50 6.69  ? 20  DC  B C2    1 
ATOM   642 C C2    B DC  B 1 10 ? -6.860  -0.543  12.284  0.50 6.04  ? 20  DC  B C2    1 
ATOM   643 O O2    A DC  B 1 10 ? -5.777  0.155   12.896  0.50 6.74  ? 20  DC  B O2    1 
ATOM   644 O O2    B DC  B 1 10 ? -6.248  0.220   13.051  0.50 6.20  ? 20  DC  B O2    1 
ATOM   645 N N3    A DC  B 1 10 ? -7.194  -0.061  11.143  0.50 6.57  ? 20  DC  B N3    1 
ATOM   646 N N3    B DC  B 1 10 ? -7.358  -0.124  11.095  0.50 5.66  ? 20  DC  B N3    1 
ATOM   647 C C4    A DC  B 1 10 ? -8.070  -0.820  10.493  0.50 6.34  ? 20  DC  B C4    1 
ATOM   648 C C4    B DC  B 1 10 ? -8.015  -0.977  10.308  0.50 5.37  ? 20  DC  B C4    1 
ATOM   649 N N4    A DC  B 1 10 ? -8.633  -0.313  9.396   0.50 6.98  ? 20  DC  B N4    1 
ATOM   650 N N4    B DC  B 1 10 ? -8.476  -0.521  9.140   0.50 5.09  ? 20  DC  B N4    1 
ATOM   651 C C5    A DC  B 1 10 ? -8.403  -2.135  10.932  0.50 6.04  ? 20  DC  B C5    1 
ATOM   652 C C5    B DC  B 1 10 ? -8.218  -2.337  10.674  0.50 6.12  ? 20  DC  B C5    1 
ATOM   653 C C6    A DC  B 1 10 ? -7.804  -2.585  12.031  0.50 6.34  ? 20  DC  B C6    1 
ATOM   654 C C6    B DC  B 1 10 ? -7.723  -2.738  11.843  0.50 6.53  ? 20  DC  B C6    1 
HETATM 655 O O     . HOH C 2 .  ? -0.429  -9.736  -1.480  1.00 63.17 ? 101 HOH A O     1 
HETATM 656 O O     . HOH C 2 .  ? -3.313  6.848   4.601   1.00 35.12 ? 102 HOH A O     1 
HETATM 657 O O     . HOH C 2 .  ? -0.088  4.450   5.970   1.00 16.03 ? 103 HOH A O     1 
HETATM 658 O O     . HOH C 2 .  ? 1.285   10.455  6.144   1.00 45.44 ? 104 HOH A O     1 
HETATM 659 O O     . HOH C 2 .  ? 7.547   1.190   -17.074 1.00 27.79 ? 105 HOH A O     1 
HETATM 660 O O     . HOH C 2 .  ? 7.795   -5.634  5.052   1.00 44.21 ? 106 HOH A O     1 
HETATM 661 O O     . HOH C 2 .  ? 2.846   8.612   7.615   1.00 21.79 ? 107 HOH A O     1 
HETATM 662 O O     . HOH C 2 .  ? 8.351   -11.227 1.382   1.00 30.48 ? 108 HOH A O     1 
HETATM 663 O O     . HOH C 2 .  ? 8.836   -4.348  -13.026 1.00 22.10 ? 109 HOH A O     1 
HETATM 664 O O     . HOH C 2 .  ? 9.339   8.861   -15.631 1.00 18.22 ? 110 HOH A O     1 
HETATM 665 O O     . HOH C 2 .  ? 8.478   1.730   -5.840  1.00 18.22 ? 111 HOH A O     1 
HETATM 666 O O     . HOH C 2 .  ? 4.200   0.162   5.896   1.00 20.16 ? 112 HOH A O     1 
HETATM 667 O O     . HOH C 2 .  ? 9.495   -1.944  -11.659 1.00 14.76 ? 113 HOH A O     1 
HETATM 668 O O     . HOH C 2 .  ? 9.601   -7.472  -9.892  1.00 48.77 ? 114 HOH A O     1 
HETATM 669 O O     . HOH C 2 .  ? -8.652  1.932   5.891   1.00 12.24 ? 115 HOH A O     1 
HETATM 670 O O     . HOH C 2 .  ? 6.641   4.473   -18.150 1.00 27.28 ? 116 HOH A O     1 
HETATM 671 O O     . HOH C 2 .  ? 7.456   8.469   -17.615 1.00 29.36 ? 117 HOH A O     1 
HETATM 672 O O     . HOH C 2 .  ? 7.548   -4.365  -6.175  1.00 14.87 ? 118 HOH A O     1 
HETATM 673 O O     . HOH C 2 .  ? 7.977   0.581   -8.516  1.00 19.74 ? 119 HOH A O     1 
HETATM 674 O O     . HOH C 2 .  ? -7.796  4.501   5.023   1.00 18.45 ? 120 HOH A O     1 
HETATM 675 O O     . HOH C 2 .  ? 2.003   1.626   5.321   1.00 28.81 ? 121 HOH A O     1 
HETATM 676 O O     . HOH C 2 .  ? 2.513   -1.173  -0.402  1.00 10.92 ? 122 HOH A O     1 
HETATM 677 O O     . HOH C 2 .  ? -7.532  8.432   4.516   1.00 34.09 ? 123 HOH A O     1 
HETATM 678 O O     . HOH C 2 .  ? 7.294   -5.155  2.220   1.00 13.45 ? 124 HOH A O     1 
HETATM 679 O O     . HOH C 2 .  ? -0.656  11.347  6.534   1.00 14.22 ? 125 HOH A O     1 
HETATM 680 O O     . HOH C 2 .  ? -1.110  -0.956  2.395   1.00 16.54 ? 126 HOH A O     1 
HETATM 681 O O     . HOH C 2 .  ? -1.338  2.248   5.065   1.00 13.01 ? 127 HOH A O     1 
HETATM 682 O O     . HOH C 2 .  ? 9.735   2.211   -9.141  1.00 19.10 ? 128 HOH A O     1 
HETATM 683 O O     . HOH C 2 .  ? 5.885   -2.822  -2.826  1.00 10.68 ? 129 HOH A O     1 
HETATM 684 O O     . HOH C 2 .  ? 9.771   2.723   -15.693 1.00 30.28 ? 130 HOH A O     1 
HETATM 685 O O     . HOH C 2 .  ? 8.785   -9.553  -2.526  1.00 8.64  ? 131 HOH A O     1 
HETATM 686 O O     . HOH C 2 .  ? 9.578   -6.382  -7.569  1.00 30.61 ? 132 HOH A O     1 
HETATM 687 O O     . HOH C 2 .  ? 8.789   -2.061  -8.904  1.00 18.47 ? 133 HOH A O     1 
HETATM 688 O O     . HOH C 2 .  ? 1.365   -9.065  -8.052  1.00 20.15 ? 134 HOH A O     1 
HETATM 689 O O     . HOH C 2 .  ? 4.351   -4.229  5.290   1.00 7.51  ? 135 HOH A O     1 
HETATM 690 O O     . HOH C 2 .  ? 8.683   2.612   -11.981 1.00 14.32 ? 136 HOH A O     1 
HETATM 691 O O     . HOH C 2 .  ? -3.037  1.082   13.489  1.00 13.38 ? 137 HOH A O     1 
HETATM 692 O O     . HOH C 2 .  ? 9.544   -8.151  -5.829  1.00 14.14 ? 138 HOH A O     1 
HETATM 693 O O     . HOH C 2 .  ? 6.645   -6.256  -4.203  1.00 9.10  ? 139 HOH A O     1 
HETATM 694 O O     . HOH C 2 .  ? 7.294   -5.075  -1.835  1.00 10.24 ? 140 HOH A O     1 
HETATM 695 O O     . HOH C 2 .  ? -4.841  0.612   3.476   1.00 21.02 ? 141 HOH A O     1 
HETATM 696 O O     . HOH C 2 .  ? 3.233   8.307   -10.918 1.00 31.92 ? 142 HOH A O     1 
HETATM 697 O O     . HOH C 2 .  ? 2.956   -2.081  2.254   1.00 11.02 ? 143 HOH A O     1 
HETATM 698 O O     . HOH C 2 .  ? 8.612   -7.425  9.545   1.00 40.24 ? 144 HOH A O     1 
HETATM 699 O O     . HOH C 2 .  ? 0.232   -5.068  -8.897  1.00 11.43 ? 145 HOH A O     1 
HETATM 700 O O     . HOH C 2 .  ? -0.371  0.479   13.299  1.00 19.38 ? 146 HOH A O     1 
HETATM 701 O O     . HOH C 2 .  ? -0.200  -8.332  -6.726  1.00 30.91 ? 147 HOH A O     1 
HETATM 702 O O     . HOH C 2 .  ? 8.311   -10.129 6.201   1.00 22.43 ? 148 HOH A O     1 
HETATM 703 O O     . HOH C 2 .  ? 9.543   -8.561  7.870   1.00 35.80 ? 149 HOH A O     1 
HETATM 704 O O     . HOH C 2 .  ? 6.047   -8.084  10.548  1.00 19.55 ? 150 HOH A O     1 
HETATM 705 O O     . HOH C 2 .  ? 0.682   -10.266 0.370   1.00 9.25  ? 151 HOH A O     1 
HETATM 706 O O     . HOH C 2 .  ? 7.617   -1.785  -4.775  1.00 16.49 ? 152 HOH A O     1 
HETATM 707 O O     . HOH C 2 .  ? -5.209  3.763   4.113   1.00 30.98 ? 153 HOH A O     1 
HETATM 708 O O     . HOH C 2 .  ? 6.046   1.861   7.585   1.00 39.04 ? 154 HOH A O     1 
HETATM 709 O O     . HOH C 2 .  ? 1.534   8.198   -9.066  1.00 15.81 ? 155 HOH A O     1 
HETATM 710 O O     . HOH C 2 .  ? 9.410   5.713   -18.393 1.00 30.88 ? 156 HOH A O     1 
HETATM 711 O O     . HOH C 2 .  ? 1.768   -5.292  -11.908 1.00 46.00 ? 157 HOH A O     1 
HETATM 712 O O     . HOH C 2 .  ? 4.705   -0.679  -1.599  1.00 15.58 ? 158 HOH A O     1 
HETATM 713 O O     . HOH C 2 .  ? 10.440  -7.982  1.315   1.00 49.73 ? 159 HOH A O     1 
HETATM 714 O O     . HOH C 2 .  ? 10.055  -11.089 -1.199  1.00 86.70 ? 160 HOH A O     1 
HETATM 715 O O     . HOH C 2 .  ? -1.553  -12.548 -4.980  1.00 30.02 ? 161 HOH A O     1 
HETATM 716 O O     . HOH C 2 .  ? 5.262   -3.453  2.898   1.00 17.28 ? 162 HOH A O     1 
HETATM 717 O O     . HOH C 2 .  ? -2.944  9.785   2.909   1.00 40.32 ? 163 HOH A O     1 
HETATM 718 O O     . HOH C 2 .  ? 5.053   2.121   -18.233 1.00 22.71 ? 164 HOH A O     1 
HETATM 719 O O     . HOH C 2 .  ? -3.948  5.299   3.103   1.00 49.83 ? 165 HOH A O     1 
HETATM 720 O O     . HOH C 2 .  ? 11.028  -7.682  -2.147  1.00 38.57 ? 166 HOH A O     1 
HETATM 721 O O     . HOH C 2 .  ? 9.519   -9.680  10.555  1.00 50.94 ? 167 HOH A O     1 
HETATM 722 O O     . HOH C 2 .  ? 0.717   1.218   3.342   1.00 30.04 ? 168 HOH A O     1 
HETATM 723 O O     . HOH C 2 .  ? 8.922   0.341   -19.107 1.00 46.90 ? 169 HOH A O     1 
HETATM 724 O O     . HOH C 2 .  ? -0.340  -10.475 -6.794  1.00 11.26 ? 170 HOH A O     1 
HETATM 725 O O     . HOH D 2 .  ? 6.807   4.988   1.858   1.00 30.77 ? 101 HOH B O     1 
HETATM 726 O O     . HOH D 2 .  ? -7.895  -8.335  16.629  1.00 24.75 ? 102 HOH B O     1 
HETATM 727 O O     . HOH D 2 .  ? -11.453 -12.247 3.174   1.00 30.97 ? 103 HOH B O     1 
HETATM 728 O O     . HOH D 2 .  ? -2.892  9.542   0.055   1.00 35.35 ? 104 HOH B O     1 
HETATM 729 O O     . HOH D 2 .  ? -11.485 -5.868  10.582  1.00 36.80 ? 105 HOH B O     1 
HETATM 730 O O     . HOH D 2 .  ? -9.604  2.595   -9.954  1.00 23.24 ? 106 HOH B O     1 
HETATM 731 O O     . HOH D 2 .  ? 9.970   2.739   -3.705  1.00 29.27 ? 107 HOH B O     1 
HETATM 732 O O     . HOH D 2 .  ? -3.317  7.208   -0.526  1.00 36.21 ? 108 HOH B O     1 
HETATM 733 O O     . HOH D 2 .  ? 5.956   10.799  5.186   1.00 33.99 ? 109 HOH B O     1 
HETATM 734 O O     . HOH D 2 .  ? 5.276   1.760   -2.203  1.00 19.71 ? 110 HOH B O     1 
HETATM 735 O O     . HOH D 2 .  ? -3.368  -0.680  0.189   1.00 20.39 ? 111 HOH B O     1 
HETATM 736 O O     . HOH D 2 .  ? -7.598  -0.175  4.464   1.00 14.04 ? 112 HOH B O     1 
HETATM 737 O O     . HOH D 2 .  ? -11.302 -1.648  -7.261  1.00 36.00 ? 113 HOH B O     1 
HETATM 738 O O     . HOH D 2 .  ? -11.729 -9.401  10.377  1.00 24.94 ? 114 HOH B O     1 
HETATM 739 O O     . HOH D 2 .  ? -11.253 -6.516  4.050   1.00 24.54 ? 115 HOH B O     1 
HETATM 740 O O     . HOH D 2 .  ? 2.924   6.351   0.784   1.00 21.12 ? 116 HOH B O     1 
HETATM 741 O O     . HOH D 2 .  ? 1.942   1.581   -1.116  1.00 40.74 ? 117 HOH B O     1 
HETATM 742 O O     . HOH D 2 .  ? -9.958  -13.684 -0.335  1.00 26.86 ? 118 HOH B O     1 
HETATM 743 O O     . HOH D 2 .  ? -12.128 -7.718  1.742   1.00 23.02 ? 119 HOH B O     1 
HETATM 744 O O     . HOH D 2 .  ? -8.796  -2.900  4.978   1.00 13.73 ? 120 HOH B O     1 
HETATM 745 O O     . HOH D 2 .  ? -2.050  12.671  -1.671  1.00 22.50 ? 121 HOH B O     1 
HETATM 746 O O     . HOH D 2 .  ? 11.299  9.716   4.307   1.00 23.70 ? 122 HOH B O     1 
HETATM 747 O O     . HOH D 2 .  ? -8.904  -0.208  -3.600  1.00 13.99 ? 123 HOH B O     1 
HETATM 748 O O     . HOH D 2 .  ? -11.805 -7.991  14.563  1.00 15.96 ? 124 HOH B O     1 
HETATM 749 O O     . HOH D 2 .  ? 0.021   5.918   -8.870  1.00 8.87  ? 125 HOH B O     1 
HETATM 750 O O     . HOH D 2 .  ? 3.342   4.303   -0.922  1.00 16.00 ? 126 HOH B O     1 
HETATM 751 O O     . HOH D 2 .  ? -9.425  -12.305 7.817   1.00 36.70 ? 127 HOH B O     1 
HETATM 752 O O     . HOH D 2 .  ? -6.632  0.483   15.724  1.00 19.71 ? 128 HOH B O     1 
HETATM 753 O O     . HOH D 2 .  ? -8.654  -10.546 13.996  1.00 54.62 ? 129 HOH B O     1 
HETATM 754 O O     . HOH D 2 .  ? -5.367  2.398   -4.258  1.00 13.48 ? 130 HOH B O     1 
HETATM 755 O O     . HOH D 2 .  ? -4.909  10.570  -4.585  1.00 23.46 ? 131 HOH B O     1 
HETATM 756 O O     . HOH D 2 .  ? -11.022 -7.465  -1.940  1.00 11.59 ? 132 HOH B O     1 
HETATM 757 O O     . HOH D 2 .  ? -11.098 -5.565  -5.364  1.00 14.54 ? 133 HOH B O     1 
HETATM 758 O O     . HOH D 2 .  ? -8.900  -6.139  0.897   1.00 10.18 ? 134 HOH B O     1 
HETATM 759 O O     . HOH D 2 .  ? -9.728  -4.093  -9.520  1.00 27.98 ? 135 HOH B O     1 
HETATM 760 O O     . HOH D 2 .  ? 10.161  2.837   -1.484  1.00 35.86 ? 136 HOH B O     1 
HETATM 761 O O     . HOH D 2 .  ? -8.381  -4.597  -2.797  1.00 7.08  ? 137 HOH B O     1 
HETATM 762 O O     . HOH D 2 .  ? -2.842  1.266   -2.010  1.00 13.55 ? 138 HOH B O     1 
HETATM 763 O O     . HOH D 2 .  ? -10.844 -3.515  13.820  1.00 17.37 ? 139 HOH B O     1 
HETATM 764 O O     . HOH D 2 .  ? -2.253  -9.443  -2.667  1.00 9.05  ? 140 HOH B O     1 
HETATM 765 O O     . HOH D 2 .  ? 7.651   3.210   -1.202  1.00 32.39 ? 141 HOH B O     1 
HETATM 766 O O     . HOH D 2 .  ? -2.647  -4.843  -8.566  1.00 8.77  ? 142 HOH B O     1 
HETATM 767 O O     . HOH D 2 .  ? -7.078  -4.488  -0.467  1.00 7.92  ? 143 HOH B O     1 
HETATM 768 O O     . HOH D 2 .  ? -4.128  3.767   -2.505  1.00 13.57 ? 144 HOH B O     1 
HETATM 769 O O     . HOH D 2 .  ? -10.363 -4.882  8.510   1.00 19.08 ? 145 HOH B O     1 
HETATM 770 O O     . HOH D 2 .  ? 0.024   9.090   2.938   1.00 38.42 ? 146 HOH B O     1 
HETATM 771 O O     . HOH D 2 .  ? -9.724  1.736   2.022   1.00 43.46 ? 147 HOH B O     1 
HETATM 772 O O     . HOH D 2 .  ? 0.061   0.479   -0.870  1.00 35.12 ? 148 HOH B O     1 
HETATM 773 O O     . HOH D 2 .  ? -10.324 -2.243  7.744   1.00 21.12 ? 149 HOH B O     1 
HETATM 774 O O     . HOH D 2 .  ? -1.280  6.381   -0.451  1.00 33.91 ? 150 HOH B O     1 
HETATM 775 O O     . HOH D 2 .  ? -1.918  -10.591 -0.089  1.00 11.96 ? 151 HOH B O     1 
HETATM 776 O O     . HOH D 2 .  ? -3.360  -11.726 -3.648  1.00 9.71  ? 152 HOH B O     1 
HETATM 777 O O     . HOH D 2 .  ? 0.734   12.693  1.496   1.00 24.96 ? 153 HOH B O     1 
HETATM 778 O O     . HOH D 2 .  ? -7.132  -2.053  0.900   1.00 11.54 ? 154 HOH B O     1 
HETATM 779 O O     . HOH D 2 .  ? -7.609  5.847   -4.152  1.00 53.47 ? 155 HOH B O     1 
HETATM 780 O O     . HOH D 2 .  ? 1.721   10.673  3.338   1.00 43.27 ? 156 HOH B O     1 
HETATM 781 O O     . HOH D 2 .  ? -3.011  -10.120 -11.029 1.00 21.93 ? 157 HOH B O     1 
HETATM 782 O O     . HOH D 2 .  ? -5.088  -8.184  -11.192 1.00 31.94 ? 158 HOH B O     1 
HETATM 783 O O     . HOH D 2 .  ? -2.119  7.561   -9.368  1.00 15.48 ? 159 HOH B O     1 
HETATM 784 O O     . HOH D 2 .  ? -1.683  -10.433 -5.259  1.00 32.00 ? 160 HOH B O     1 
HETATM 785 O O     . HOH D 2 .  ? -4.598  -13.400 -1.533  1.00 20.98 ? 161 HOH B O     1 
HETATM 786 O O     . HOH D 2 .  ? -12.404 -13.701 -1.661  1.00 62.09 ? 162 HOH B O     1 
HETATM 787 O O     . HOH D 2 .  ? -4.199  11.132  1.059   1.00 74.69 ? 163 HOH B O     1 
HETATM 788 O O     . HOH D 2 .  ? -13.133 -9.426  4.059   1.00 32.67 ? 164 HOH B O     1 
HETATM 789 O O     . HOH D 2 .  ? -9.980  -4.713  3.015   1.00 17.60 ? 165 HOH B O     1 
HETATM 790 O O     . HOH D 2 .  ? 12.956  3.481   0.793   1.00 48.03 ? 166 HOH B O     1 
HETATM 791 O O     . HOH D 2 .  ? -5.933  0.269   -0.056  1.00 20.53 ? 167 HOH B O     1 
HETATM 792 O O     . HOH D 2 .  ? -5.315  4.035   -0.037  1.00 63.16 ? 168 HOH B O     1 
HETATM 793 O O     . HOH D 2 .  ? -6.770  1.045   -2.380  1.00 17.44 ? 169 HOH B O     1 
HETATM 794 O O     . HOH D 2 .  ? -5.407  6.444   0.974   1.00 36.17 ? 170 HOH B O     1 
# 
loop_
_atom_site_anisotrop.id 
_atom_site_anisotrop.type_symbol 
_atom_site_anisotrop.pdbx_label_atom_id 
_atom_site_anisotrop.pdbx_label_alt_id 
_atom_site_anisotrop.pdbx_label_comp_id 
_atom_site_anisotrop.pdbx_label_asym_id 
_atom_site_anisotrop.pdbx_label_seq_id 
_atom_site_anisotrop.pdbx_PDB_ins_code 
_atom_site_anisotrop.U[1][1] 
_atom_site_anisotrop.U[2][2] 
_atom_site_anisotrop.U[3][3] 
_atom_site_anisotrop.U[1][2] 
_atom_site_anisotrop.U[1][3] 
_atom_site_anisotrop.U[2][3] 
_atom_site_anisotrop.pdbx_auth_seq_id 
_atom_site_anisotrop.pdbx_auth_comp_id 
_atom_site_anisotrop.pdbx_auth_asym_id 
_atom_site_anisotrop.pdbx_auth_atom_id 
1   O "O5'" A DG  A 1  ? 0.1818 0.0944 0.1098 -0.0150 -0.0201 0.0164  1  DG  A "O5'" 
2   O "O5'" B DG  A 1  ? 0.1535 0.0882 0.1084 0.0023  -0.0008 0.0016  1  DG  A "O5'" 
3   C "C5'" A DG  A 1  ? 0.1621 0.0882 0.1037 -0.0178 -0.0221 0.0172  1  DG  A "C5'" 
4   C "C5'" B DG  A 1  ? 0.1373 0.0856 0.1069 -0.0025 -0.0033 0.0039  1  DG  A "C5'" 
5   C "C4'" A DG  A 1  ? 0.1290 0.0786 0.0915 -0.0149 -0.0179 0.0141  1  DG  A "C4'" 
6   C "C4'" B DG  A 1  ? 0.1079 0.0826 0.1016 0.0003  -0.0015 0.0073  1  DG  A "C4'" 
7   O "O4'" A DG  A 1  ? 0.1160 0.0710 0.0917 -0.0070 -0.0208 0.0100  1  DG  A "O4'" 
8   O "O4'" B DG  A 1  ? 0.0978 0.0795 0.1006 0.0067  -0.0026 0.0081  1  DG  A "O4'" 
9   C "C3'" A DG  A 1  ? 0.1123 0.0705 0.0840 -0.0152 -0.0031 0.0073  1  DG  A "C3'" 
10  C "C3'" B DG  A 1  ? 0.0899 0.0809 0.0990 0.0023  0.0087  0.0065  1  DG  A "C3'" 
11  O "O3'" A DG  A 1  ? 0.1214 0.0697 0.0865 -0.0242 0.0176  0.0024  1  DG  A "O3'" 
12  O "O3'" B DG  A 1  ? 0.0963 0.0852 0.1066 -0.0053 0.0122  0.0052  1  DG  A "O3'" 
13  C "C2'" A DG  A 1  ? 0.1003 0.0656 0.0779 -0.0019 -0.0085 0.0067  1  DG  A "C2'" 
14  C "C2'" B DG  A 1  ? 0.0798 0.0756 0.0915 0.0129  0.0105  0.0066  1  DG  A "C2'" 
15  C "C1'" A DG  A 1  ? 0.1018 0.0660 0.0819 -0.0035 -0.0171 0.0066  1  DG  A "C1'" 
16  C "C1'" B DG  A 1  ? 0.0835 0.0761 0.0937 0.0144  0.0052  0.0078  1  DG  A "C1'" 
17  N N9    A DG  A 1  ? 0.1005 0.0673 0.0782 -0.0059 -0.0112 0.0033  1  DG  A N9    
18  N N9    B DG  A 1  ? 0.0813 0.0769 0.0858 0.0104  0.0043  0.0067  1  DG  A N9    
19  C C8    A DG  A 1  ? 0.1023 0.0667 0.0792 -0.0071 -0.0062 0.0010  1  DG  A C8    
20  C C8    B DG  A 1  ? 0.0954 0.0770 0.0840 0.0107  0.0011  0.0071  1  DG  A C8    
21  N N7    A DG  A 1  ? 0.0965 0.0655 0.0773 -0.0077 -0.0042 -0.0001 1  DG  A N7    
22  N N7    B DG  A 1  ? 0.0937 0.0774 0.0785 0.0136  0.0032  0.0082  1  DG  A N7    
23  C C5    A DG  A 1  ? 0.0891 0.0623 0.0726 -0.0017 -0.0022 -0.0021 1  DG  A C5    
24  C C5    B DG  A 1  ? 0.0782 0.0821 0.0731 0.0157  0.0101  0.0086  1  DG  A C5    
25  C C6    A DG  A 1  ? 0.0834 0.0588 0.0704 -0.0026 0.0004  -0.0064 1  DG  A C6    
26  C C6    B DG  A 1  ? 0.0744 0.0815 0.0691 0.0200  0.0165  0.0068  1  DG  A C6    
27  O O6    A DG  A 1  ? 0.0916 0.0581 0.0725 -0.0018 -0.0035 -0.0056 1  DG  A O6    
28  O O6    B DG  A 1  ? 0.0784 0.0787 0.0685 0.0243  0.0129  0.0081  1  DG  A O6    
29  N N1    A DG  A 1  ? 0.0830 0.0592 0.0675 -0.0027 0.0041  -0.0071 1  DG  A N1    
30  N N1    B DG  A 1  ? 0.0728 0.0837 0.0670 0.0199  0.0176  0.0062  1  DG  A N1    
31  C C2    A DG  A 1  ? 0.0871 0.0586 0.0716 -0.0006 -0.0015 -0.0092 1  DG  A C2    
32  C C2    B DG  A 1  ? 0.0656 0.0839 0.0696 0.0166  0.0157  0.0059  1  DG  A C2    
33  N N2    A DG  A 1  ? 0.0936 0.0599 0.0721 -0.0057 -0.0037 -0.0102 1  DG  A N2    
34  N N2    B DG  A 1  ? 0.0758 0.0854 0.0694 0.0146  0.0166  0.0063  1  DG  A N2    
35  N N3    A DG  A 1  ? 0.0929 0.0583 0.0764 -0.0001 -0.0078 -0.0050 1  DG  A N3    
36  N N3    B DG  A 1  ? 0.0589 0.0820 0.0748 0.0126  0.0088  0.0077  1  DG  A N3    
37  C C4    A DG  A 1  ? 0.0888 0.0625 0.0758 -0.0009 -0.0061 -0.0010 1  DG  A C4    
38  C C4    B DG  A 1  ? 0.0654 0.0807 0.0785 0.0131  0.0096  0.0077  1  DG  A C4    
39  P P     A DC  A 2  ? 0.1318 0.0661 0.0837 -0.0265 0.0369  0.0038  2  DC  A P     
40  P P     B DC  A 2  ? 0.0996 0.0852 0.1091 -0.0080 0.0205  0.0089  2  DC  A P     
41  O OP1   A DC  A 2  ? 0.1425 0.0800 0.0863 -0.0349 0.0313  0.0055  2  DC  A OP1   
42  O OP1   B DC  A 2  ? 0.1034 0.0845 0.1149 -0.0084 0.0188  0.0139  2  DC  A OP1   
43  O OP2   A DC  A 2  ? 0.1410 0.0724 0.0857 -0.0169 0.0312  0.0053  2  DC  A OP2   
44  O OP2   B DC  A 2  ? 0.1177 0.1012 0.1107 -0.0057 0.0230  0.0112  2  DC  A OP2   
45  O "O5'" A DC  A 2  ? 0.1138 0.0590 0.0832 -0.0219 0.0301  0.0010  2  DC  A "O5'" 
46  O "O5'" B DC  A 2  ? 0.1000 0.0756 0.1106 -0.0022 0.0167  0.0028  2  DC  A "O5'" 
47  C "C5'" A DC  A 2  ? 0.1016 0.0561 0.0875 -0.0147 0.0186  -0.0006 2  DC  A "C5'" 
48  C "C5'" B DC  A 2  ? 0.0963 0.0688 0.1150 -0.0006 0.0084  -0.0001 2  DC  A "C5'" 
49  C "C4'" A DC  A 2  ? 0.0932 0.0544 0.0876 -0.0083 0.0119  0.0010  2  DC  A "C4'" 
50  C "C4'" B DC  A 2  ? 0.0877 0.0643 0.1168 0.0012  0.0055  -0.0033 2  DC  A "C4'" 
51  O "O4'" A DC  A 2  ? 0.0873 0.0462 0.0801 -0.0067 0.0087  -0.0021 2  DC  A "O4'" 
52  O "O4'" B DC  A 2  ? 0.0849 0.0611 0.1143 0.0012  0.0007  -0.0034 2  DC  A "O4'" 
53  C "C3'" A DC  A 2  ? 0.0835 0.0595 0.0889 -0.0065 0.0081  -0.0008 2  DC  A "C3'" 
54  C "C3'" B DC  A 2  ? 0.0791 0.0622 0.1221 0.0003  0.0076  -0.0058 2  DC  A "C3'" 
55  O "O3'" A DC  A 2  ? 0.0824 0.0705 0.0911 -0.0070 0.0016  -0.0007 2  DC  A "O3'" 
56  O "O3'" B DC  A 2  ? 0.0797 0.0697 0.1340 -0.0037 0.0078  -0.0059 2  DC  A "O3'" 
57  C "C2'" A DC  A 2  ? 0.0853 0.0556 0.0877 -0.0047 0.0084  -0.0010 2  DC  A "C2'" 
58  C "C2'" B DC  A 2  ? 0.0787 0.0627 0.1144 0.0038  0.0010  -0.0008 2  DC  A "C2'" 
59  C "C1'" A DC  A 2  ? 0.0853 0.0482 0.0804 -0.0061 0.0103  -0.0026 2  DC  A "C1'" 
60  C "C1'" B DC  A 2  ? 0.0796 0.0596 0.1111 0.0006  -0.0037 0.0014  2  DC  A "C1'" 
61  N N1    A DC  A 2  ? 0.0835 0.0506 0.0736 -0.0044 0.0201  -0.0052 2  DC  A N1    
62  N N1    B DC  A 2  ? 0.0753 0.0544 0.1052 -0.0012 -0.0038 0.0068  2  DC  A N1    
63  C C2    A DC  A 2  ? 0.0804 0.0567 0.0639 0.0001  0.0252  -0.0055 2  DC  A C2    
64  C C2    B DC  A 2  ? 0.0799 0.0554 0.1002 -0.0013 -0.0017 0.0113  2  DC  A C2    
65  O O2    A DC  A 2  ? 0.0893 0.0628 0.0622 -0.0022 0.0156  -0.0022 2  DC  A O2    
66  O O2    B DC  A 2  ? 0.0845 0.0563 0.0970 -0.0111 -0.0034 0.0156  2  DC  A O2    
67  N N3    A DC  A 2  ? 0.0717 0.0618 0.0603 -0.0047 0.0209  -0.0050 2  DC  A N3    
68  N N3    B DC  A 2  ? 0.0778 0.0569 0.1009 0.0009  -0.0060 0.0106  2  DC  A N3    
69  C C4    A DC  A 2  ? 0.0673 0.0637 0.0630 -0.0074 0.0199  -0.0032 2  DC  A C4    
70  C C4    B DC  A 2  ? 0.0793 0.0557 0.1026 0.0026  -0.0047 0.0114  2  DC  A C4    
71  N N4    A DC  A 2  ? 0.0712 0.0722 0.0594 -0.0157 0.0153  0.0002  2  DC  A N4    
72  N N4    B DC  A 2  ? 0.0884 0.0624 0.0991 -0.0020 -0.0067 0.0176  2  DC  A N4    
73  C C5    A DC  A 2  ? 0.0722 0.0626 0.0701 -0.0108 0.0130  -0.0004 2  DC  A C5    
74  C C5    B DC  A 2  ? 0.0733 0.0555 0.1058 -0.0022 -0.0077 0.0102  2  DC  A C5    
75  C C6    A DC  A 2  ? 0.0881 0.0578 0.0728 -0.0086 0.0187  -0.0016 2  DC  A C6    
76  C C6    B DC  A 2  ? 0.0736 0.0540 0.1064 -0.0031 -0.0051 0.0084  2  DC  A C6    
77  P P     A DG  A 3  ? 0.0710 0.0883 0.0849 -0.0104 0.0032  0.0073  3  DG  A P     
78  P P     B DG  A 3  ? 0.0787 0.0863 0.1411 -0.0127 0.0113  -0.0042 3  DG  A P     
79  O OP1   A DG  A 3  ? 0.0732 0.1005 0.0884 -0.0175 0.0077  0.0103  3  DG  A OP1   
80  O OP1   B DG  A 3  ? 0.0898 0.0971 0.1552 -0.0169 0.0092  -0.0043 3  DG  A OP1   
81  O OP2   A DG  A 3  ? 0.0726 0.1026 0.0806 -0.0146 -0.0140 0.0117  3  DG  A OP2   
82  O OP2   B DG  A 3  ? 0.1061 0.0926 0.1432 -0.0113 0.0149  -0.0033 3  DG  A OP2   
83  O "O5'" A DG  A 3  ? 0.0657 0.0791 0.0775 0.0038  -0.0023 -0.0015 3  DG  A "O5'" 
84  O "O5'" B DG  A 3  ? 0.0704 0.0805 0.1278 -0.0086 0.0066  -0.0119 3  DG  A "O5'" 
85  C "C5'" A DG  A 3  ? 0.0701 0.0725 0.0764 0.0071  -0.0039 -0.0078 3  DG  A "C5'" 
86  C "C5'" B DG  A 3  ? 0.0702 0.0733 0.1134 -0.0076 -0.0025 -0.0155 3  DG  A "C5'" 
87  C "C4'" A DG  A 3  ? 0.0659 0.0637 0.0782 0.0107  -0.0032 -0.0152 3  DG  A "C4'" 
88  C "C4'" B DG  A 3  ? 0.0632 0.0710 0.0953 -0.0050 -0.0081 -0.0141 3  DG  A "C4'" 
89  O "O4'" A DG  A 3  ? 0.0706 0.0570 0.0770 0.0096  -0.0007 -0.0170 3  DG  A "O4'" 
90  O "O4'" B DG  A 3  ? 0.0662 0.0673 0.0894 -0.0065 -0.0075 -0.0106 3  DG  A "O4'" 
91  C "C3'" A DG  A 3  ? 0.0674 0.0663 0.0766 0.0089  -0.0022 -0.0164 3  DG  A "C3'" 
92  C "C3'" B DG  A 3  ? 0.0574 0.0713 0.0875 -0.0037 -0.0087 -0.0153 3  DG  A "C3'" 
93  O "O3'" A DG  A 3  ? 0.0566 0.0732 0.0769 0.0051  -0.0040 -0.0210 3  DG  A "O3'" 
94  O "O3'" B DG  A 3  ? 0.0599 0.0756 0.0819 -0.0031 -0.0040 -0.0201 3  DG  A "O3'" 
95  C "C2'" A DG  A 3  ? 0.0702 0.0649 0.0777 0.0043  -0.0003 -0.0151 3  DG  A "C2'" 
96  C "C2'" B DG  A 3  ? 0.0554 0.0709 0.0865 -0.0088 -0.0109 -0.0098 3  DG  A "C2'" 
97  C "C1'" A DG  A 3  ? 0.0644 0.0602 0.0749 0.0084  0.0021  -0.0150 3  DG  A "C1'" 
98  C "C1'" B DG  A 3  ? 0.0608 0.0673 0.0850 -0.0046 -0.0073 -0.0056 3  DG  A "C1'" 
99  N N9    A DG  A 3  ? 0.0484 0.0602 0.0720 0.0057  0.0007  -0.0119 3  DG  A N9    
100 N N9    B DG  A 3  ? 0.0613 0.0662 0.0775 -0.0051 -0.0034 0.0052  3  DG  A N9    
101 C C8    A DG  A 3  ? 0.0350 0.0599 0.0768 0.0035  -0.0007 -0.0107 3  DG  A C8    
102 C C8    B DG  A 3  ? 0.0677 0.0629 0.0803 -0.0082 -0.0096 0.0079  3  DG  A C8    
103 N N7    A DG  A 3  ? 0.0411 0.0581 0.0779 -0.0021 0.0043  -0.0096 3  DG  A N7    
104 N N7    B DG  A 3  ? 0.0619 0.0605 0.0817 -0.0095 -0.0055 0.0078  3  DG  A N7    
105 C C5    A DG  A 3  ? 0.0473 0.0585 0.0686 -0.0009 0.0065  -0.0110 3  DG  A C5    
106 C C5    B DG  A 3  ? 0.0518 0.0577 0.0744 -0.0054 0.0041  0.0100  3  DG  A C5    
107 C C6    A DG  A 3  ? 0.0514 0.0550 0.0661 0.0020  0.0000  -0.0094 3  DG  A C6    
108 C C6    B DG  A 3  ? 0.0467 0.0461 0.0736 0.0000  0.0070  0.0118  3  DG  A C6    
109 O O6    A DG  A 3  ? 0.0599 0.0595 0.0721 -0.0041 -0.0095 -0.0063 3  DG  A O6    
110 O O6    B DG  A 3  ? 0.0449 0.0437 0.0825 -0.0096 -0.0037 0.0125  3  DG  A O6    
111 N N1    A DG  A 3  ? 0.0541 0.0583 0.0584 -0.0009 -0.0043 -0.0083 3  DG  A N1    
112 N N1    B DG  A 3  ? 0.0545 0.0427 0.0660 0.0084  0.0161  0.0102  3  DG  A N1    
113 C C2    A DG  A 3  ? 0.0535 0.0636 0.0556 -0.0043 -0.0075 -0.0084 3  DG  A C2    
114 C C2    B DG  A 3  ? 0.0441 0.0462 0.0590 0.0109  0.0238  0.0051  3  DG  A C2    
115 N N2    A DG  A 3  ? 0.0740 0.0711 0.0582 -0.0128 -0.0183 -0.0042 3  DG  A N2    
116 N N2    B DG  A 3  ? 0.0441 0.0423 0.0519 0.0139  0.0254  0.0052  3  DG  A N2    
117 N N3    A DG  A 3  ? 0.0477 0.0639 0.0559 -0.0042 0.0010  -0.0097 3  DG  A N3    
118 N N3    B DG  A 3  ? 0.0484 0.0579 0.0659 -0.0019 0.0136  0.0070  3  DG  A N3    
119 C C4    A DG  A 3  ? 0.0471 0.0587 0.0633 0.0021  0.0074  -0.0121 3  DG  A C4    
120 C C4    B DG  A 3  ? 0.0483 0.0598 0.0725 -0.0041 0.0076  0.0073  3  DG  A C4    
121 P P     . DT  A 4  ? 0.0598 0.0825 0.0724 -0.0004 -0.0054 -0.0193 4  DT  A P     
122 O OP1   . DT  A 4  ? 0.0676 0.0932 0.0793 0.0024  -0.0017 -0.0251 4  DT  A OP1   
123 O OP2   . DT  A 4  ? 0.0794 0.1001 0.0749 -0.0124 -0.0029 -0.0100 4  DT  A OP2   
124 O "O5'" . DT  A 4  ? 0.0688 0.0769 0.0686 0.0046  -0.0132 -0.0158 4  DT  A "O5'" 
125 C "C5'" . DT  A 4  ? 0.0663 0.0822 0.0610 0.0060  -0.0112 -0.0124 4  DT  A "C5'" 
126 C "C4'" . DT  A 4  ? 0.0591 0.0821 0.0527 0.0095  -0.0063 -0.0071 4  DT  A "C4'" 
127 O "O4'" . DT  A 4  ? 0.0623 0.0866 0.0499 0.0056  -0.0011 -0.0080 4  DT  A "O4'" 
128 C "C3'" . DT  A 4  ? 0.0592 0.0746 0.0530 0.0070  -0.0077 -0.0072 4  DT  A "C3'" 
129 O "O3'" . DT  A 4  ? 0.0699 0.0762 0.0557 0.0122  -0.0052 -0.0072 4  DT  A "O3'" 
130 C "C2'" . DT  A 4  ? 0.0640 0.0718 0.0553 0.0013  -0.0072 -0.0063 4  DT  A "C2'" 
131 C "C1'" . DT  A 4  ? 0.0593 0.0762 0.0544 -0.0008 -0.0049 -0.0041 4  DT  A "C1'" 
132 N N1    . DT  A 4  ? 0.0528 0.0710 0.0530 -0.0031 -0.0048 -0.0064 4  DT  A N1    
133 C C2    . DT  A 4  ? 0.0482 0.0631 0.0559 -0.0023 -0.0025 -0.0027 4  DT  A C2    
134 O O2    . DT  A 4  ? 0.0650 0.0640 0.0658 -0.0020 -0.0118 -0.0001 4  DT  A O2    
135 N N3    . DT  A 4  ? 0.0491 0.0637 0.0577 -0.0043 0.0000  -0.0022 4  DT  A N3    
136 C C4    . DT  A 4  ? 0.0503 0.0636 0.0548 0.0010  0.0056  -0.0028 4  DT  A C4    
137 O O4    . DT  A 4  ? 0.0586 0.0694 0.0597 0.0005  0.0051  0.0011  4  DT  A O4    
138 C C5    . DT  A 4  ? 0.0512 0.0637 0.0586 -0.0018 0.0087  -0.0075 4  DT  A C5    
139 C C7    . DT  A 4  ? 0.0656 0.0710 0.0667 -0.0054 0.0071  -0.0056 4  DT  A C7    
140 C C6    . DT  A 4  ? 0.0530 0.0691 0.0547 -0.0024 -0.0012 -0.0057 4  DT  A C6    
141 P P     . DA  A 5  ? 0.0644 0.0858 0.0581 0.0077  -0.0026 -0.0058 5  DA  A P     
142 O OP1   . DA  A 5  ? 0.0742 0.1098 0.0896 0.0107  -0.0162 0.0065  5  DA  A OP1   
143 O OP2   . DA  A 5  ? 0.0727 0.0943 0.0679 -0.0101 -0.0017 -0.0035 5  DA  A OP2   
144 O "O5'" . DA  A 5  ? 0.1085 0.0864 0.0570 0.0053  0.0064  -0.0085 5  DA  A "O5'" 
145 C "C5'" . DA  A 5  ? 0.1086 0.0882 0.0542 0.0067  0.0080  -0.0081 5  DA  A "C5'" 
146 C "C4'" . DA  A 5  ? 0.0996 0.0873 0.0550 0.0161  0.0017  -0.0063 5  DA  A "C4'" 
147 O "O4'" . DA  A 5  ? 0.1056 0.0897 0.0562 0.0096  0.0037  -0.0042 5  DA  A "O4'" 
148 C "C3'" . DA  A 5  ? 0.1055 0.0916 0.0556 0.0216  0.0011  -0.0110 5  DA  A "C3'" 
149 O "O3'" . DA  A 5  ? 0.1114 0.0978 0.0559 0.0328  0.0007  -0.0137 5  DA  A "O3'" 
150 C "C2'" . DA  A 5  ? 0.1070 0.0942 0.0565 0.0145  0.0015  -0.0082 5  DA  A "C2'" 
151 C "C1'" . DA  A 5  ? 0.0989 0.0905 0.0545 0.0047  -0.0002 -0.0090 5  DA  A "C1'" 
152 N N9    . DA  A 5  ? 0.0668 0.0917 0.0510 -0.0036 0.0006  -0.0070 5  DA  A N9    
153 C C8    . DA  A 5  ? 0.0633 0.0865 0.0525 -0.0056 0.0000  -0.0068 5  DA  A C8    
154 N N7    . DA  A 5  ? 0.0605 0.0870 0.0576 -0.0072 -0.0004 -0.0070 5  DA  A N7    
155 C C5    . DA  A 5  ? 0.0533 0.0937 0.0516 -0.0065 0.0028  -0.0067 5  DA  A C5    
156 C C6    . DA  A 5  ? 0.0483 0.1029 0.0565 -0.0086 0.0042  -0.0001 5  DA  A C6    
157 N N6    . DA  A 5  ? 0.0625 0.1024 0.0614 -0.0115 0.0046  0.0072  5  DA  A N6    
158 N N1    . DA  A 5  ? 0.0551 0.1092 0.0604 -0.0108 -0.0003 -0.0049 5  DA  A N1    
159 C C2    . DA  A 5  ? 0.0659 0.1118 0.0629 -0.0144 0.0009  -0.0087 5  DA  A C2    
160 N N3    . DA  A 5  ? 0.0745 0.1046 0.0618 -0.0116 -0.0023 -0.0092 5  DA  A N3    
161 C C4    . DA  A 5  ? 0.0619 0.0988 0.0536 -0.0074 0.0019  -0.0078 5  DA  A C4    
162 P P     . LSH A 6  ? 0.0955 0.1081 0.0615 0.0303  -0.0026 -0.0160 6  LSH A P     
163 O OP2   . LSH A 6  ? 0.0940 0.1092 0.0778 0.0066  0.0025  -0.0232 6  LSH A OP2   
164 O "O5'" . LSH A 6  ? 0.1024 0.0812 0.0605 0.0212  0.0006  -0.0137 6  LSH A "O5'" 
165 C "C5'" . LSH A 6  ? 0.1092 0.0728 0.0611 0.0216  0.0001  -0.0079 6  LSH A "C5'" 
166 C "C4'" . LSH A 6  ? 0.1066 0.0588 0.0576 0.0227  0.0073  -0.0055 6  LSH A "C4'" 
167 C "C6'" . LSH A 6  ? 0.1197 0.0633 0.0633 0.0175  0.0160  -0.0029 6  LSH A "C6'" 
168 S S     . LSH A 6  ? 0.1184 0.0613 0.0620 0.0011  0.0213  -0.0058 6  LSH A S     
169 O "O7'" . LSH A 6  ? 0.1424 0.0656 0.0703 -0.0072 0.0231  -0.0107 6  LSH A "O7'" 
170 O "O8'" . LSH A 6  ? 0.1274 0.0727 0.0710 -0.0049 0.0276  -0.0067 6  LSH A "O8'" 
171 N "N2'" . LSH A 6  ? 0.0980 0.0661 0.0625 0.0063  0.0099  -0.0037 6  LSH A "N2'" 
172 C "C2'" . LSH A 6  ? 0.0878 0.0620 0.0585 0.0125  0.0040  -0.0011 6  LSH A "C2'" 
173 C "C1'" . LSH A 6  ? 0.0932 0.0615 0.0562 0.0119  0.0077  0.0005  6  LSH A "C1'" 
174 O "O4'" . LSH A 6  ? 0.1027 0.0600 0.0531 0.0190  0.0048  -0.0009 6  LSH A "O4'" 
175 N N1    . LSH A 6  ? 0.0819 0.0585 0.0580 0.0164  0.0053  0.0008  6  LSH A N1    
176 C C2    . LSH A 6  ? 0.0719 0.0648 0.0672 0.0088  0.0101  -0.0020 6  LSH A C2    
177 O O2    . LSH A 6  ? 0.0752 0.0684 0.0776 0.0053  -0.0030 -0.0066 6  LSH A O2    
178 N N3    . LSH A 6  ? 0.0719 0.0596 0.0664 0.0121  0.0080  -0.0021 6  LSH A N3    
179 C C4    . LSH A 6  ? 0.0804 0.0594 0.0651 0.0177  0.0152  0.0029  6  LSH A C4    
180 O O4    . LSH A 6  ? 0.0913 0.0553 0.0744 0.0162  0.0127  -0.0010 6  LSH A O4    
181 C C5    . LSH A 6  ? 0.0916 0.0594 0.0612 0.0170  0.0066  0.0002  6  LSH A C5    
182 C C7    . LSH A 6  ? 0.1027 0.0697 0.0652 0.0138  0.0015  0.0016  6  LSH A C7    
183 C C6    . LSH A 6  ? 0.0922 0.0613 0.0551 0.0136  0.0041  0.0002  6  LSH A C6    
184 C "C3'" . LSH A 6  ? 0.0932 0.0546 0.0509 0.0186  0.0102  -0.0039 6  LSH A "C3'" 
185 O "O3'" . LSH A 6  ? 0.0919 0.0511 0.0611 0.0092  0.0087  -0.0021 6  LSH A "O3'" 
186 O OP3   . LSH A 6  ? 0.1027 0.1282 0.0742 0.0384  -0.0118 -0.0112 6  LSH A OP3   
187 P P     . DA  A 7  ? 0.0860 0.0482 0.0606 0.0078  0.0015  -0.0032 7  DA  A P     
188 O OP1   . DA  A 7  ? 0.0955 0.0526 0.0623 0.0118  0.0078  -0.0023 7  DA  A OP1   
189 O OP2   . DA  A 7  ? 0.0926 0.0649 0.0738 0.0102  -0.0099 -0.0055 7  DA  A OP2   
190 O "O5'" . DA  A 7  ? 0.0895 0.0499 0.0702 0.0026  0.0015  0.0073  7  DA  A "O5'" 
191 C "C5'" . DA  A 7  ? 0.0924 0.0516 0.0757 0.0085  0.0097  0.0070  7  DA  A "C5'" 
192 C "C4'" . DA  A 7  ? 0.0891 0.0557 0.0772 0.0119  0.0108  0.0090  7  DA  A "C4'" 
193 O "O4'" . DA  A 7  ? 0.0784 0.0568 0.0785 0.0099  0.0139  0.0129  7  DA  A "O4'" 
194 C "C3'" . DA  A 7  ? 0.0951 0.0656 0.0823 0.0174  0.0210  0.0110  7  DA  A "C3'" 
195 O "O3'" . DA  A 7  ? 0.1016 0.0767 0.0853 0.0172  0.0244  0.0140  7  DA  A "O3'" 
196 C "C2'" . DA  A 7  ? 0.0972 0.0668 0.0849 0.0150  0.0122  0.0118  7  DA  A "C2'" 
197 C "C1'" . DA  A 7  ? 0.0857 0.0590 0.0835 0.0135  0.0109  0.0114  7  DA  A "C1'" 
198 N N9    . DA  A 7  ? 0.0728 0.0588 0.0773 0.0155  0.0084  0.0148  7  DA  A N9    
199 C C8    . DA  A 7  ? 0.0713 0.0641 0.0753 0.0115  0.0094  0.0153  7  DA  A C8    
200 N N7    . DA  A 7  ? 0.0680 0.0652 0.0795 0.0129  0.0076  0.0141  7  DA  A N7    
201 C C5    . DA  A 7  ? 0.0686 0.0567 0.0784 0.0047  0.0107  0.0146  7  DA  A C5    
202 C C6    . DA  A 7  ? 0.0677 0.0598 0.0780 0.0021  0.0088  0.0144  7  DA  A C6    
203 N N6    . DA  A 7  ? 0.0774 0.0568 0.0855 0.0032  -0.0022 0.0093  7  DA  A N6    
204 N N1    . DA  A 7  ? 0.0634 0.0602 0.0740 0.0074  0.0043  0.0142  7  DA  A N1    
205 C C2    . DA  A 7  ? 0.0679 0.0627 0.0738 0.0078  0.0099  0.0151  7  DA  A C2    
206 N N3    . DA  A 7  ? 0.0713 0.0597 0.0736 0.0079  0.0099  0.0136  7  DA  A N3    
207 C C4    . DA  A 7  ? 0.0671 0.0569 0.0745 0.0100  0.0146  0.0150  7  DA  A C4    
208 P P     A DC  A 8  ? 0.0840 0.0887 0.0903 0.0214  0.0222  0.0215  8  DC  A P     
209 P P     B DC  A 8  ? 0.0939 0.0822 0.0855 0.0235  0.0225  0.0167  8  DC  A P     
210 O OP1   A DC  A 8  ? 0.0903 0.0964 0.0984 0.0334  0.0184  0.0241  8  DC  A OP1   
211 O OP1   B DC  A 8  ? 0.1016 0.0892 0.0924 0.0288  0.0220  0.0183  8  DC  A OP1   
212 O OP2   A DC  A 8  ? 0.0976 0.1077 0.0998 0.0138  0.0153  0.0264  8  DC  A OP2   
213 O OP2   B DC  A 8  ? 0.1028 0.0921 0.0848 0.0165  0.0144  0.0246  8  DC  A OP2   
214 O "O5'" A DC  A 8  ? 0.0847 0.0685 0.0832 0.0083  0.0076  0.0150  8  DC  A "O5'" 
215 O "O5'" B DC  A 8  ? 0.1011 0.0779 0.0907 0.0169  0.0194  0.0093  8  DC  A "O5'" 
216 C "C5'" A DC  A 8  ? 0.0916 0.0579 0.0791 0.0021  0.0015  0.0122  8  DC  A "C5'" 
217 C "C5'" B DC  A 8  ? 0.1080 0.0807 0.0958 0.0147  0.0148  0.0073  8  DC  A "C5'" 
218 C "C4'" A DC  A 8  ? 0.0812 0.0470 0.0727 -0.0036 -0.0010 0.0102  8  DC  A "C4'" 
219 C "C4'" B DC  A 8  ? 0.1137 0.0836 0.0982 0.0144  0.0123  0.0085  8  DC  A "C4'" 
220 O "O4'" A DC  A 8  ? 0.0749 0.0406 0.0779 -0.0120 -0.0063 0.0109  8  DC  A "O4'" 
221 O "O4'" B DC  A 8  ? 0.1135 0.0837 0.1013 0.0120  0.0078  0.0077  8  DC  A "O4'" 
222 C "C3'" A DC  A 8  ? 0.0813 0.0485 0.0686 -0.0048 -0.0003 0.0078  8  DC  A "C3'" 
223 C "C3'" B DC  A 8  ? 0.1180 0.0933 0.0959 0.0109  0.0097  0.0127  8  DC  A "C3'" 
224 O "O3'" A DC  A 8  ? 0.0890 0.0534 0.0693 -0.0103 0.0037  0.0019  8  DC  A "O3'" 
225 O "O3'" B DC  A 8  ? 0.1302 0.1067 0.0925 0.0056  0.0053  0.0175  8  DC  A "O3'" 
226 C "C2'" A DC  A 8  ? 0.0795 0.0413 0.0727 -0.0034 -0.0060 0.0097  8  DC  A "C2'" 
227 C "C2'" B DC  A 8  ? 0.1186 0.0888 0.1008 0.0112  0.0116  0.0094  8  DC  A "C2'" 
228 C "C1'" A DC  A 8  ? 0.0738 0.0360 0.0754 -0.0091 -0.0046 0.0096  8  DC  A "C1'" 
229 C "C1'" B DC  A 8  ? 0.1169 0.0846 0.1019 0.0092  0.0125  0.0061  8  DC  A "C1'" 
230 N N1    A DC  A 8  ? 0.0607 0.0348 0.0749 -0.0043 0.0027  0.0102  8  DC  A N1    
231 N N1    B DC  A 8  ? 0.1115 0.0891 0.1023 0.0010  0.0200  0.0046  8  DC  A N1    
232 C C2    A DC  A 8  ? 0.0571 0.0418 0.0728 -0.0098 0.0004  0.0118  8  DC  A C2    
233 C C2    B DC  A 8  ? 0.1072 0.0928 0.1042 -0.0046 0.0232  0.0037  8  DC  A C2    
234 O O2    A DC  A 8  ? 0.0664 0.0388 0.0774 -0.0061 -0.0115 0.0090  8  DC  A O2    
235 O O2    B DC  A 8  ? 0.1051 0.0910 0.1085 -0.0039 0.0207  0.0046  8  DC  A O2    
236 N N3    A DC  A 8  ? 0.0475 0.0471 0.0705 -0.0068 0.0039  0.0149  8  DC  A N3    
237 N N3    B DC  A 8  ? 0.1076 0.0951 0.1026 -0.0062 0.0258  0.0014  8  DC  A N3    
238 C C4    A DC  A 8  ? 0.0496 0.0487 0.0736 -0.0057 0.0000  0.0173  8  DC  A C4    
239 C C4    B DC  A 8  ? 0.1116 0.0967 0.1037 -0.0085 0.0252  0.0001  8  DC  A C4    
240 N N4    A DC  A 8  ? 0.0596 0.0515 0.0772 0.0002  -0.0053 0.0175  8  DC  A N4    
241 N N4    B DC  A 8  ? 0.1169 0.0949 0.1081 -0.0064 0.0269  -0.0053 8  DC  A N4    
242 C C5    A DC  A 8  ? 0.0522 0.0443 0.0778 -0.0114 -0.0023 0.0145  8  DC  A C5    
243 C C5    B DC  A 8  ? 0.1148 0.0958 0.1037 -0.0076 0.0246  0.0012  8  DC  A C5    
244 C C6    A DC  A 8  ? 0.0593 0.0411 0.0738 -0.0030 0.0023  0.0127  8  DC  A C6    
245 C C6    B DC  A 8  ? 0.1128 0.0961 0.1006 -0.0077 0.0227  0.0043  8  DC  A C6    
246 P P     A DG  A 9  ? 0.0825 0.0553 0.0793 -0.0128 0.0052  -0.0022 9  DG  A P     
247 P P     B DG  A 9  ? 0.1238 0.1161 0.0931 -0.0003 0.0030  0.0208  9  DG  A P     
248 O OP1   A DG  A 9  ? 0.0957 0.0612 0.0838 -0.0025 0.0177  -0.0019 9  DG  A OP1   
249 O OP1   B DG  A 9  ? 0.1262 0.1176 0.0995 -0.0069 -0.0077 0.0186  9  DG  A OP1   
250 O OP2   A DG  A 9  ? 0.0931 0.0730 0.0871 -0.0182 -0.0021 -0.0044 9  DG  A OP2   
251 O OP2   B DG  A 9  ? 0.1362 0.1245 0.0935 -0.0028 -0.0035 0.0217  9  DG  A OP2   
252 O "O5'" A DG  A 9  ? 0.0940 0.0503 0.0730 -0.0151 0.0030  -0.0070 9  DG  A "O5'" 
253 O "O5'" B DG  A 9  ? 0.1130 0.1108 0.0897 -0.0083 -0.0084 0.0169  9  DG  A "O5'" 
254 C "C5'" A DG  A 9  ? 0.0957 0.0526 0.0701 -0.0192 0.0017  -0.0100 9  DG  A "C5'" 
255 C "C5'" B DG  A 9  ? 0.1028 0.1024 0.0883 -0.0114 -0.0131 0.0112  9  DG  A "C5'" 
256 C "C4'" A DG  A 9  ? 0.0851 0.0644 0.0688 -0.0284 -0.0004 -0.0118 9  DG  A "C4'" 
257 C "C4'" B DG  A 9  ? 0.0975 0.0955 0.0927 -0.0152 -0.0124 0.0036  9  DG  A "C4'" 
258 O "O4'" A DG  A 9  ? 0.0863 0.0770 0.0726 -0.0367 0.0102  -0.0177 9  DG  A "O4'" 
259 O "O4'" B DG  A 9  ? 0.1001 0.0981 0.0960 -0.0209 -0.0065 -0.0021 9  DG  A "O4'" 
260 C "C3'" A DG  A 9  ? 0.0837 0.0678 0.0697 -0.0327 -0.0014 -0.0088 9  DG  A "C3'" 
261 C "C3'" B DG  A 9  ? 0.0888 0.0877 0.0958 -0.0106 -0.0137 0.0011  9  DG  A "C3'" 
262 O "O3'" A DG  A 9  ? 0.1049 0.0655 0.0722 -0.0387 -0.0023 -0.0044 9  DG  A "O3'" 
263 O "O3'" B DG  A 9  ? 0.0924 0.0810 0.0967 -0.0142 -0.0164 -0.0028 9  DG  A "O3'" 
264 C "C2'" A DG  A 9  ? 0.0803 0.0715 0.0769 -0.0327 0.0015  -0.0191 9  DG  A "C2'" 
265 C "C2'" B DG  A 9  ? 0.0961 0.0909 0.0989 -0.0108 -0.0108 -0.0030 9  DG  A "C2'" 
266 C "C1'" A DG  A 9  ? 0.0820 0.0755 0.0767 -0.0347 0.0097  -0.0235 9  DG  A "C1'" 
267 C "C1'" B DG  A 9  ? 0.0998 0.0955 0.0971 -0.0171 -0.0056 -0.0052 9  DG  A "C1'" 
268 N N9    A DG  A 9  ? 0.0671 0.0785 0.0763 -0.0280 0.0210  -0.0238 9  DG  A N9    
269 N N9    B DG  A 9  ? 0.0904 0.0953 0.0920 -0.0178 0.0031  -0.0043 9  DG  A N9    
270 C C8    A DG  A 9  ? 0.0529 0.0829 0.0767 -0.0270 0.0283  -0.0218 9  DG  A C8    
271 C C8    B DG  A 9  ? 0.0950 0.0969 0.0936 -0.0127 0.0095  -0.0053 9  DG  A C8    
272 N N7    A DG  A 9  ? 0.0573 0.0835 0.0742 -0.0246 0.0324  -0.0173 9  DG  A N7    
273 N N7    B DG  A 9  ? 0.0832 0.0951 0.0893 -0.0111 0.0167  -0.0040 9  DG  A N7    
274 C C5    A DG  A 9  ? 0.0626 0.0814 0.0786 -0.0273 0.0255  -0.0199 9  DG  A C5    
275 C C5    B DG  A 9  ? 0.0685 0.0892 0.0821 -0.0175 0.0121  -0.0025 9  DG  A C5    
276 C C6    A DG  A 9  ? 0.0809 0.0861 0.0855 -0.0242 0.0223  -0.0174 9  DG  A C6    
277 C C6    B DG  A 9  ? 0.0536 0.0856 0.0729 -0.0173 0.0184  -0.0001 9  DG  A C6    
278 O O6    A DG  A 9  ? 0.1024 0.0935 0.0960 -0.0188 0.0208  -0.0153 9  DG  A O6    
279 O O6    B DG  A 9  ? 0.0555 0.0854 0.0701 -0.0124 0.0234  -0.0021 9  DG  A O6    
280 N N1    A DG  A 9  ? 0.0893 0.0828 0.0851 -0.0226 0.0190  -0.0194 9  DG  A N1    
281 N N1    B DG  A 9  ? 0.0544 0.0803 0.0770 -0.0173 0.0135  0.0003  9  DG  A N1    
282 C C2    A DG  A 9  ? 0.0951 0.0792 0.0823 -0.0219 0.0133  -0.0196 9  DG  A C2    
283 C C2    B DG  A 9  ? 0.0554 0.0780 0.0757 -0.0245 0.0113  0.0034  9  DG  A C2    
284 N N2    A DG  A 9  ? 0.1061 0.0803 0.0845 -0.0195 0.0077  -0.0186 9  DG  A N2    
285 N N2    B DG  A 9  ? 0.0564 0.0683 0.0752 -0.0254 0.0130  0.0034  9  DG  A N2    
286 N N3    A DG  A 9  ? 0.0825 0.0730 0.0803 -0.0205 0.0149  -0.0224 9  DG  A N3    
287 N N3    B DG  A 9  ? 0.0634 0.0826 0.0804 -0.0201 0.0086  0.0015  9  DG  A N3    
288 C C4    A DG  A 9  ? 0.0699 0.0762 0.0766 -0.0289 0.0202  -0.0223 9  DG  A C4    
289 C C4    B DG  A 9  ? 0.0733 0.0889 0.0834 -0.0217 0.0067  -0.0011 9  DG  A C4    
290 P P     A DC  A 10 ? 0.1266 0.0720 0.0742 -0.0456 0.0039  0.0000  10 DC  A P     
291 P P     B DC  A 10 ? 0.0991 0.0841 0.0993 -0.0240 -0.0040 -0.0073 10 DC  A P     
292 O OP1   A DC  A 10 ? 0.1388 0.0837 0.0735 -0.0447 0.0000  0.0085  10 DC  A OP1   
293 O OP1   B DC  A 10 ? 0.1132 0.0841 0.1010 -0.0296 -0.0003 -0.0078 10 DC  A OP1   
294 O OP2   A DC  A 10 ? 0.1245 0.0864 0.0781 -0.0452 0.0120  0.0056  10 DC  A OP2   
295 O OP2   B DC  A 10 ? 0.1073 0.1000 0.1069 -0.0218 0.0030  -0.0052 10 DC  A OP2   
296 O "O5'" A DC  A 10 ? 0.1402 0.0657 0.0769 -0.0452 -0.0081 0.0071  10 DC  A "O5'" 
297 O "O5'" B DC  A 10 ? 0.1115 0.0848 0.1013 -0.0266 -0.0123 -0.0024 10 DC  A "O5'" 
298 C "C5'" A DC  A 10 ? 0.1474 0.0564 0.0753 -0.0393 -0.0157 0.0096  10 DC  A "C5'" 
299 C "C5'" B DC  A 10 ? 0.1227 0.0813 0.1001 -0.0249 -0.0233 0.0021  10 DC  A "C5'" 
300 C "C4'" A DC  A 10 ? 0.1392 0.0536 0.0764 -0.0372 -0.0177 0.0094  10 DC  A "C4'" 
301 C "C4'" B DC  A 10 ? 0.1123 0.0827 0.0948 -0.0288 -0.0256 0.0086  10 DC  A "C4'" 
302 O "O4'" A DC  A 10 ? 0.1270 0.0492 0.0796 -0.0342 -0.0176 0.0062  10 DC  A "O4'" 
303 O "O4'" B DC  A 10 ? 0.0963 0.0769 0.0935 -0.0274 -0.0288 0.0081  10 DC  A "O4'" 
304 C "C3'" A DC  A 10 ? 0.1408 0.0581 0.0733 -0.0394 -0.0071 0.0087  10 DC  A "C3'" 
305 C "C3'" B DC  A 10 ? 0.1080 0.0864 0.0900 -0.0312 -0.0188 0.0106  10 DC  A "C3'" 
306 O "O3'" A DC  A 10 ? 0.1486 0.0646 0.0744 -0.0424 0.0069  0.0093  10 DC  A "O3'" 
307 O "O3'" B DC  A 10 ? 0.1149 0.0924 0.0894 -0.0377 -0.0161 0.0155  10 DC  A "O3'" 
308 C "C2'" A DC  A 10 ? 0.1204 0.0547 0.0741 -0.0403 -0.0127 0.0067  10 DC  A "C2'" 
309 C "C2'" B DC  A 10 ? 0.0950 0.0818 0.0880 -0.0299 -0.0190 0.0090  10 DC  A "C2'" 
310 C "C1'" A DC  A 10 ? 0.1070 0.0510 0.0775 -0.0334 -0.0109 0.0070  10 DC  A "C1'" 
311 C "C1'" B DC  A 10 ? 0.0862 0.0772 0.0870 -0.0248 -0.0219 0.0080  10 DC  A "C1'" 
312 N N1    A DC  A 10 ? 0.0891 0.0512 0.0813 -0.0245 -0.0012 0.0057  10 DC  A N1    
313 N N1    B DC  A 10 ? 0.0761 0.0738 0.0780 -0.0218 -0.0117 0.0066  10 DC  A N1    
314 C C2    A DC  A 10 ? 0.0731 0.0517 0.0856 -0.0165 0.0015  0.0047  10 DC  A C2    
315 C C2    B DC  A 10 ? 0.0589 0.0688 0.0716 -0.0189 -0.0049 0.0062  10 DC  A C2    
316 O O2    A DC  A 10 ? 0.0747 0.0541 0.0877 -0.0091 0.0014  0.0049  10 DC  A O2    
317 O O2    B DC  A 10 ? 0.0528 0.0701 0.0630 -0.0182 0.0076  0.0097  10 DC  A O2    
318 N N3    A DC  A 10 ? 0.0690 0.0513 0.0860 -0.0160 0.0061  0.0028  10 DC  A N3    
319 N N3    B DC  A 10 ? 0.0625 0.0685 0.0792 -0.0219 -0.0063 0.0029  10 DC  A N3    
320 C C4    A DC  A 10 ? 0.0658 0.0466 0.0875 -0.0203 -0.0004 -0.0005 10 DC  A C4    
321 C C4    B DC  A 10 ? 0.0659 0.0679 0.0866 -0.0254 -0.0112 0.0001  10 DC  A C4    
322 N N4    A DC  A 10 ? 0.0749 0.0418 0.0876 -0.0177 -0.0044 -0.0033 10 DC  A N4    
323 N N4    B DC  A 10 ? 0.0703 0.0705 0.0903 -0.0311 -0.0199 -0.0009 10 DC  A N4    
324 C C5    A DC  A 10 ? 0.0719 0.0454 0.0875 -0.0235 -0.0042 -0.0007 10 DC  A C5    
325 C C5    B DC  A 10 ? 0.0780 0.0699 0.0855 -0.0200 -0.0063 0.0017  10 DC  A C5    
326 C C6    A DC  A 10 ? 0.0878 0.0491 0.0845 -0.0255 -0.0041 0.0027  10 DC  A C6    
327 C C6    B DC  A 10 ? 0.0834 0.0701 0.0836 -0.0208 -0.0078 0.0038  10 DC  A C6    
328 O "O5'" A DG  B 1  ? 0.1671 0.1388 0.1015 0.0084  -0.0210 0.0105  11 DG  B "O5'" 
329 O "O5'" B DG  B 1  ? 0.2168 0.1344 0.1032 -0.0226 -0.0034 0.0158  11 DG  B "O5'" 
330 C "C5'" A DG  B 1  ? 0.1486 0.1314 0.0909 0.0061  -0.0213 0.0061  11 DG  B "C5'" 
331 C "C5'" B DG  B 1  ? 0.1977 0.1302 0.0903 -0.0219 -0.0088 0.0173  11 DG  B "C5'" 
332 C "C4'" A DG  B 1  ? 0.1197 0.1189 0.0810 -0.0005 -0.0186 -0.0014 11 DG  B "C4'" 
333 C "C4'" B DG  B 1  ? 0.1690 0.1196 0.0784 -0.0247 -0.0103 0.0167  11 DG  B "C4'" 
334 O "O4'" A DG  B 1  ? 0.1016 0.1112 0.0812 -0.0014 -0.0161 -0.0027 11 DG  B "O4'" 
335 O "O4'" B DG  B 1  ? 0.1500 0.1137 0.0773 -0.0255 -0.0137 0.0174  11 DG  B "O4'" 
336 C "C3'" A DG  B 1  ? 0.1056 0.1079 0.0740 -0.0045 -0.0118 -0.0100 11 DG  B "C3'" 
337 C "C3'" B DG  B 1  ? 0.1594 0.1116 0.0728 -0.0253 -0.0010 0.0127  11 DG  B "C3'" 
338 O "O3'" A DG  B 1  ? 0.1081 0.1102 0.0691 -0.0006 -0.0043 -0.0165 11 DG  B "O3'" 
339 O "O3'" B DG  B 1  ? 0.1693 0.1110 0.0709 -0.0185 0.0142  0.0071  11 DG  B "O3'" 
340 C "C2'" A DG  B 1  ? 0.1027 0.1027 0.0759 -0.0085 -0.0075 -0.0077 11 DG  B "C2'" 
341 C "C2'" B DG  B 1  ? 0.1440 0.1069 0.0740 -0.0279 -0.0074 0.0158  11 DG  B "C2'" 
342 C "C1'" A DG  B 1  ? 0.0950 0.1021 0.0787 -0.0077 -0.0070 -0.0034 11 DG  B "C1'" 
343 C "C1'" B DG  B 1  ? 0.1350 0.1040 0.0770 -0.0277 -0.0149 0.0187  11 DG  B "C1'" 
344 N N9    A DG  B 1  ? 0.0860 0.0949 0.0804 -0.0051 0.0010  0.0036  11 DG  B N9    
345 N N9    B DG  B 1  ? 0.1163 0.0859 0.0846 -0.0274 -0.0265 0.0181  11 DG  B N9    
346 C C8    A DG  B 1  ? 0.0868 0.0944 0.0887 -0.0082 -0.0007 0.0036  11 DG  B C8    
347 C C8    B DG  B 1  ? 0.1175 0.0826 0.0942 -0.0210 -0.0290 0.0164  11 DG  B C8    
348 N N7    A DG  B 1  ? 0.0817 0.0895 0.0866 -0.0108 -0.0035 0.0043  11 DG  B N7    
349 N N7    B DG  B 1  ? 0.1124 0.0782 0.0950 -0.0184 -0.0299 0.0166  11 DG  B N7    
350 C C5    A DG  B 1  ? 0.0682 0.0846 0.0796 -0.0091 0.0036  0.0068  11 DG  B C5    
351 C C5    B DG  B 1  ? 0.0996 0.0717 0.0893 -0.0223 -0.0301 0.0170  11 DG  B C5    
352 C C6    A DG  B 1  ? 0.0485 0.0731 0.0780 -0.0108 0.0027  0.0056  11 DG  B C6    
353 C C6    B DG  B 1  ? 0.1004 0.0709 0.0925 -0.0191 -0.0312 0.0167  11 DG  B C6    
354 O O6    A DG  B 1  ? 0.0435 0.0646 0.0841 -0.0105 -0.0025 0.0017  11 DG  B O6    
355 O O6    B DG  B 1  ? 0.1105 0.0747 0.1016 -0.0136 -0.0338 0.0140  11 DG  B O6    
356 N N1    A DG  B 1  ? 0.0419 0.0684 0.0728 -0.0075 0.0057  0.0067  11 DG  B N1    
357 N N1    B DG  B 1  ? 0.0977 0.0655 0.0918 -0.0207 -0.0263 0.0166  11 DG  B N1    
358 C C2    A DG  B 1  ? 0.0485 0.0710 0.0715 -0.0074 0.0094  0.0055  11 DG  B C2    
359 C C2    B DG  B 1  ? 0.0980 0.0639 0.0875 -0.0247 -0.0231 0.0131  11 DG  B C2    
360 N N2    A DG  B 1  ? 0.0561 0.0669 0.0718 -0.0021 0.0110  0.0030  11 DG  B N2    
361 N N2    B DG  B 1  ? 0.1025 0.0600 0.0901 -0.0186 -0.0170 0.0089  11 DG  B N2    
362 N N3    A DG  B 1  ? 0.0595 0.0800 0.0732 -0.0080 0.0150  0.0076  11 DG  B N3    
363 N N3    B DG  B 1  ? 0.1010 0.0655 0.0870 -0.0287 -0.0230 0.0141  11 DG  B N3    
364 C C4    A DG  B 1  ? 0.0701 0.0893 0.0760 -0.0078 0.0100  0.0069  11 DG  B C4    
365 C C4    B DG  B 1  ? 0.1031 0.0724 0.0867 -0.0280 -0.0267 0.0156  11 DG  B C4    
366 P P     A DC  B 2  ? 0.1085 0.1128 0.0632 0.0048  0.0072  -0.0110 12 DC  B P     
367 P P     B DC  B 2  ? 0.1727 0.1078 0.0722 -0.0147 0.0311  0.0044  12 DC  B P     
368 O OP1   A DC  B 2  ? 0.1285 0.1194 0.0723 0.0100  0.0094  -0.0092 12 DC  B OP1   
369 O OP1   B DC  B 2  ? 0.1902 0.1073 0.0731 -0.0084 0.0352  0.0062  12 DC  B OP1   
370 O OP2   A DC  B 2  ? 0.1161 0.1122 0.0713 0.0062  0.0187  -0.0091 12 DC  B OP2   
371 O OP2   B DC  B 2  ? 0.1776 0.1086 0.0819 -0.0191 0.0392  0.0017  12 DC  B OP2   
372 O "O5'" A DC  B 2  ? 0.1091 0.0999 0.0694 -0.0104 -0.0012 -0.0140 12 DC  B "O5'" 
373 O "O5'" B DC  B 2  ? 0.1539 0.1031 0.0798 -0.0182 0.0242  -0.0003 12 DC  B "O5'" 
374 C "C5'" A DC  B 2  ? 0.1094 0.0916 0.0706 -0.0190 -0.0017 -0.0135 12 DC  B "C5'" 
375 C "C5'" B DC  B 2  ? 0.1380 0.0983 0.0823 -0.0209 0.0218  -0.0039 12 DC  B "C5'" 
376 C "C4'" A DC  B 2  ? 0.1046 0.0850 0.0703 -0.0247 0.0022  -0.0136 12 DC  B "C4'" 
377 C "C4'" B DC  B 2  ? 0.1255 0.0919 0.0842 -0.0221 0.0224  -0.0106 12 DC  B "C4'" 
378 O "O4'" A DC  B 2  ? 0.1008 0.0876 0.0700 -0.0328 -0.0001 -0.0121 12 DC  B "O4'" 
379 O "O4'" B DC  B 2  ? 0.1168 0.0897 0.0872 -0.0274 0.0178  -0.0128 12 DC  B "O4'" 
380 C "C3'" A DC  B 2  ? 0.0974 0.0812 0.0737 -0.0184 0.0082  -0.0114 12 DC  B "C3'" 
381 C "C3'" B DC  B 2  ? 0.1138 0.0927 0.0881 -0.0192 0.0246  -0.0128 12 DC  B "C3'" 
382 O "O3'" A DC  B 2  ? 0.1047 0.0810 0.0833 -0.0037 0.0165  -0.0108 12 DC  B "O3'" 
383 O "O3'" B DC  B 2  ? 0.1158 0.1018 0.0927 -0.0140 0.0268  -0.0131 12 DC  B "O3'" 
384 C "C2'" A DC  B 2  ? 0.0895 0.0820 0.0688 -0.0254 0.0040  -0.0089 12 DC  B "C2'" 
385 C "C2'" B DC  B 2  ? 0.1050 0.0862 0.0872 -0.0195 0.0210  -0.0130 12 DC  B "C2'" 
386 C "C1'" A DC  B 2  ? 0.0914 0.0855 0.0706 -0.0366 0.0042  -0.0086 12 DC  B "C1'" 
387 C "C1'" B DC  B 2  ? 0.1029 0.0827 0.0849 -0.0242 0.0170  -0.0115 12 DC  B "C1'" 
388 N N1    A DC  B 2  ? 0.0845 0.0907 0.0711 -0.0440 0.0032  -0.0043 12 DC  B N1    
389 N N1    B DC  B 2  ? 0.0888 0.0763 0.0774 -0.0152 0.0114  -0.0069 12 DC  B N1    
390 C C2    A DC  B 2  ? 0.0877 0.0930 0.0745 -0.0441 0.0073  -0.0023 12 DC  B C2    
391 C C2    B DC  B 2  ? 0.0637 0.0656 0.0708 -0.0081 0.0157  -0.0066 12 DC  B C2    
392 O O2    A DC  B 2  ? 0.1055 0.0961 0.0778 -0.0354 0.0095  -0.0011 12 DC  B O2    
393 O O2    B DC  B 2  ? 0.0464 0.0601 0.0637 -0.0004 0.0173  -0.0104 12 DC  B O2    
394 N N3    A DC  B 2  ? 0.0849 0.0951 0.0751 -0.0425 0.0054  -0.0013 12 DC  B N3    
395 N N3    B DC  B 2  ? 0.0658 0.0682 0.0717 -0.0066 0.0137  0.0000  12 DC  B N3    
396 C C4    A DC  B 2  ? 0.0823 0.0972 0.0767 -0.0436 0.0031  -0.0001 12 DC  B C4    
397 C C4    B DC  B 2  ? 0.0746 0.0754 0.0737 -0.0106 0.0133  0.0056  12 DC  B C4    
398 N N4    A DC  B 2  ? 0.1022 0.0964 0.0808 -0.0319 -0.0001 -0.0003 12 DC  B N4    
399 N N4    B DC  B 2  ? 0.0849 0.0724 0.0728 -0.0062 0.0153  0.0104  12 DC  B N4    
400 C C5    A DC  B 2  ? 0.0689 0.0967 0.0731 -0.0470 0.0069  -0.0003 12 DC  B C5    
401 C C5    B DC  B 2  ? 0.0888 0.0825 0.0767 -0.0105 0.0102  0.0045  12 DC  B C5    
402 C C6    A DC  B 2  ? 0.0740 0.0979 0.0716 -0.0488 0.0087  0.0005  12 DC  B C6    
403 C C6    B DC  B 2  ? 0.0974 0.0838 0.0810 -0.0121 0.0094  0.0000  12 DC  B C6    
404 P P     A DG  B 3  ? 0.1123 0.0869 0.0945 0.0020  0.0283  -0.0071 13 DG  B P     
405 P P     B DG  B 3  ? 0.1118 0.1120 0.0998 -0.0175 0.0361  -0.0134 13 DG  B P     
406 O OP1   A DG  B 3  ? 0.1166 0.0900 0.1041 0.0036  0.0289  -0.0052 13 DG  B OP1   
407 O OP1   B DG  B 3  ? 0.1191 0.1194 0.1017 -0.0196 0.0389  -0.0117 13 DG  B OP1   
408 O OP2   A DG  B 3  ? 0.1319 0.0910 0.1009 0.0030  0.0272  -0.0011 13 DG  B OP2   
409 O OP2   B DG  B 3  ? 0.1259 0.1163 0.1046 -0.0228 0.0325  -0.0088 13 DG  B OP2   
410 O "O5'" A DG  B 3  ? 0.1015 0.0847 0.1060 0.0025  0.0128  -0.0115 13 DG  B "O5'" 
411 O "O5'" B DG  B 3  ? 0.0964 0.0968 0.1150 -0.0132 0.0213  -0.0203 13 DG  B "O5'" 
412 C "C5'" A DG  B 3  ? 0.0990 0.0769 0.1139 0.0084  0.0038  -0.0173 13 DG  B "C5'" 
413 C "C5'" B DG  B 3  ? 0.0937 0.0871 0.1265 -0.0103 0.0096  -0.0265 13 DG  B "C5'" 
414 C "C4'" A DG  B 3  ? 0.0923 0.0729 0.1201 0.0077  0.0006  -0.0237 13 DG  B "C4'" 
415 C "C4'" B DG  B 3  ? 0.0870 0.0787 0.1356 -0.0080 -0.0008 -0.0313 13 DG  B "C4'" 
416 O "O4'" A DG  B 3  ? 0.0953 0.0697 0.1072 0.0008  0.0039  -0.0202 13 DG  B "O4'" 
417 O "O4'" B DG  B 3  ? 0.0901 0.0731 0.1270 -0.0135 -0.0039 -0.0283 13 DG  B "O4'" 
418 C "C3'" A DG  B 3  ? 0.0842 0.0762 0.1452 0.0107  -0.0016 -0.0313 13 DG  B "C3'" 
419 C "C3'" B DG  B 3  ? 0.0800 0.0783 0.1583 -0.0013 -0.0049 -0.0376 13 DG  B "C3'" 
420 O "O3'" A DG  B 3  ? 0.0775 0.0824 0.1935 0.0172  -0.0019 -0.0491 13 DG  B "O3'" 
421 O "O3'" B DG  B 3  ? 0.0759 0.0844 0.1996 0.0093  -0.0038 -0.0523 13 DG  B "O3'" 
422 C "C2'" A DG  B 3  ? 0.0949 0.0698 0.1235 0.0065  0.0008  -0.0244 13 DG  B "C2'" 
423 C "C2'" B DG  B 3  ? 0.0885 0.0697 0.1409 -0.0070 -0.0071 -0.0318 13 DG  B "C2'" 
424 C "C1'" A DG  B 3  ? 0.0878 0.0651 0.1004 0.0020  0.0100  -0.0184 13 DG  B "C1'" 
425 C "C1'" B DG  B 3  ? 0.0823 0.0687 0.1229 -0.0085 -0.0034 -0.0251 13 DG  B "C1'" 
426 N N9    A DG  B 3  ? 0.0703 0.0641 0.0753 -0.0062 0.0188  -0.0083 13 DG  B N9    
427 N N9    B DG  B 3  ? 0.0709 0.0722 0.1065 -0.0094 -0.0028 -0.0166 13 DG  B N9    
428 C C8    A DG  B 3  ? 0.0744 0.0721 0.0683 -0.0171 0.0241  -0.0026 13 DG  B C8    
429 C C8    B DG  B 3  ? 0.0719 0.0787 0.1053 -0.0134 -0.0045 -0.0129 13 DG  B C8    
430 N N7    A DG  B 3  ? 0.0733 0.0761 0.0644 -0.0178 0.0264  -0.0014 13 DG  B N7    
431 N N7    B DG  B 3  ? 0.0654 0.0819 0.1018 -0.0130 -0.0046 -0.0113 13 DG  B N7    
432 C C5    A DG  B 3  ? 0.0593 0.0732 0.0623 -0.0176 0.0221  0.0027  13 DG  B C5    
433 C C5    B DG  B 3  ? 0.0588 0.0795 0.0976 -0.0117 -0.0051 -0.0075 13 DG  B C5    
434 C C6    A DG  B 3  ? 0.0463 0.0740 0.0648 -0.0190 0.0231  0.0056  13 DG  B C6    
435 C C6    B DG  B 3  ? 0.0570 0.0785 0.0962 -0.0060 -0.0086 -0.0032 13 DG  B C6    
436 O O6    A DG  B 3  ? 0.0547 0.0758 0.0713 -0.0099 0.0123  0.0061  13 DG  B O6    
437 O O6    B DG  B 3  ? 0.0781 0.0816 0.1003 -0.0017 -0.0137 -0.0012 13 DG  B O6    
438 N N1    A DG  B 3  ? 0.0406 0.0669 0.0648 -0.0174 0.0211  0.0044  13 DG  B N1    
439 N N1    B DG  B 3  ? 0.0413 0.0716 0.0947 -0.0031 -0.0058 -0.0051 13 DG  B N1    
440 C C2    A DG  B 3  ? 0.0520 0.0621 0.0649 -0.0107 0.0151  0.0032  13 DG  B C2    
441 C C2    B DG  B 3  ? 0.0437 0.0667 0.0917 -0.0057 -0.0013 -0.0085 13 DG  B C2    
442 N N2    A DG  B 3  ? 0.0650 0.0602 0.0662 0.0004  0.0062  0.0056  13 DG  B N2    
443 N N2    B DG  B 3  ? 0.0392 0.0625 0.0900 -0.0059 -0.0001 -0.0127 13 DG  B N2    
444 N N3    A DG  B 3  ? 0.0612 0.0631 0.0655 -0.0101 0.0157  0.0013  13 DG  B N3    
445 N N3    B DG  B 3  ? 0.0583 0.0705 0.0943 -0.0064 -0.0002 -0.0080 13 DG  B N3    
446 C C4    A DG  B 3  ? 0.0600 0.0636 0.0652 -0.0088 0.0198  -0.0003 13 DG  B C4    
447 C C4    B DG  B 3  ? 0.0651 0.0728 0.0993 -0.0083 -0.0009 -0.0102 13 DG  B C4    
448 P P     . DT  B 4  ? 0.0804 0.1035 0.2338 0.0060  0.0182  -0.0634 14 DT  B P     
449 O OP1   . DT  B 4  ? 0.0979 0.1193 0.2517 0.0031  0.0150  -0.0651 14 DT  B OP1   
450 O OP2   . DT  B 4  ? 0.0991 0.1297 0.2331 -0.0103 0.0465  -0.0657 14 DT  B OP2   
451 O "O5'" . DT  B 4  ? 0.0853 0.0861 0.2185 0.0150  -0.0107 -0.0471 14 DT  B "O5'" 
452 C "C5'" . DT  B 4  ? 0.1018 0.0827 0.1996 0.0161  -0.0291 -0.0254 14 DT  B "C5'" 
453 C "C4'" . DT  B 4  ? 0.1016 0.0741 0.1721 0.0052  -0.0368 -0.0085 14 DT  B "C4'" 
454 O "O4'" . DT  B 4  ? 0.0918 0.0561 0.1390 0.0036  -0.0350 0.0063  14 DT  B "O4'" 
455 C "C3'" . DT  B 4  ? 0.0997 0.0801 0.1678 -0.0076 -0.0328 -0.0022 14 DT  B "C3'" 
456 O "O3'" . DT  B 4  ? 0.1106 0.0857 0.1733 0.0062  -0.0319 0.0104  14 DT  B "O3'" 
457 C "C2'" . DT  B 4  ? 0.0946 0.0659 0.1418 0.0003  -0.0318 0.0009  14 DT  B "C2'" 
458 C "C1'" . DT  B 4  ? 0.0870 0.0547 0.1183 -0.0005 -0.0308 0.0094  14 DT  B "C1'" 
459 N N1    . DT  B 4  ? 0.0660 0.0491 0.0896 -0.0017 -0.0075 0.0061  14 DT  B N1    
460 C C2    . DT  B 4  ? 0.0629 0.0486 0.0777 -0.0048 -0.0017 0.0050  14 DT  B C2    
461 O O2    . DT  B 4  ? 0.0806 0.0501 0.0743 -0.0026 -0.0025 0.0038  14 DT  B O2    
462 N N3    . DT  B 4  ? 0.0619 0.0513 0.0743 -0.0038 0.0058  0.0035  14 DT  B N3    
463 C C4    . DT  B 4  ? 0.0648 0.0594 0.0775 -0.0093 0.0068  0.0024  14 DT  B C4    
464 O O4    . DT  B 4  ? 0.0748 0.0717 0.0767 -0.0027 -0.0052 0.0026  14 DT  B O4    
465 C C5    . DT  B 4  ? 0.0666 0.0630 0.0850 -0.0070 0.0051  -0.0032 14 DT  B C5    
466 C C7    . DT  B 4  ? 0.0921 0.0719 0.0866 -0.0045 0.0128  -0.0104 14 DT  B C7    
467 C C6    . DT  B 4  ? 0.0703 0.0541 0.0900 -0.0054 -0.0036 -0.0012 14 DT  B C6    
468 P P     . DA  B 5  ? 0.1096 0.0922 0.1788 0.0112  -0.0307 0.0131  15 DA  B P     
469 O OP1   . DA  B 5  ? 0.1244 0.1025 0.1878 0.0175  -0.0320 0.0166  15 DA  B OP1   
470 O OP2   . DA  B 5  ? 0.1365 0.1310 0.1869 -0.0207 -0.0120 0.0007  15 DA  B OP2   
471 O "O5'" . DA  B 5  ? 0.1127 0.0895 0.1571 0.0009  -0.0189 0.0205  15 DA  B "O5'" 
472 C "C5'" . DA  B 5  ? 0.0948 0.0731 0.1331 -0.0024 -0.0056 0.0222  15 DA  B "C5'" 
473 C "C4'" . DA  B 5  ? 0.0728 0.0617 0.1094 -0.0055 -0.0057 0.0289  15 DA  B "C4'" 
474 O "O4'" . DA  B 5  ? 0.0742 0.0621 0.1012 -0.0075 -0.0034 0.0323  15 DA  B "O4'" 
475 C "C3'" . DA  B 5  ? 0.0677 0.0643 0.0953 -0.0119 -0.0072 0.0303  15 DA  B "C3'" 
476 O "O3'" . DA  B 5  ? 0.0723 0.0711 0.0873 -0.0120 -0.0135 0.0306  15 DA  B "O3'" 
477 C "C2'" . DA  B 5  ? 0.0722 0.0629 0.0971 -0.0091 -0.0064 0.0299  15 DA  B "C2'" 
478 C "C1'" . DA  B 5  ? 0.0674 0.0568 0.0965 -0.0031 -0.0026 0.0267  15 DA  B "C1'" 
479 N N9    . DA  B 5  ? 0.0602 0.0544 0.0965 -0.0027 0.0069  0.0197  15 DA  B N9    
480 C C8    . DA  B 5  ? 0.0618 0.0557 0.0961 0.0062  0.0080  0.0211  15 DA  B C8    
481 N N7    . DA  B 5  ? 0.0648 0.0607 0.0897 0.0008  0.0098  0.0203  15 DA  B N7    
482 C C5    . DA  B 5  ? 0.0549 0.0570 0.0905 0.0000  0.0099  0.0173  15 DA  B C5    
483 C C6    . DA  B 5  ? 0.0567 0.0559 0.0846 -0.0006 0.0111  0.0158  15 DA  B C6    
484 N N6    . DA  B 5  ? 0.0731 0.0651 0.0887 0.0091  0.0114  0.0118  15 DA  B N6    
485 N N1    . DA  B 5  ? 0.0618 0.0522 0.0909 0.0009  0.0117  0.0134  15 DA  B N1    
486 C C2    . DA  B 5  ? 0.0575 0.0533 0.0962 -0.0064 -0.0007 0.0087  15 DA  B C2    
487 N N3    . DA  B 5  ? 0.0670 0.0511 0.0977 -0.0073 -0.0021 0.0093  15 DA  B N3    
488 C C4    . DA  B 5  ? 0.0595 0.0510 0.0955 -0.0061 0.0031  0.0143  15 DA  B C4    
489 P P     . LSH B 6  ? 0.0724 0.0750 0.0794 -0.0156 -0.0133 0.0260  16 LSH B P     
490 O OP2   . LSH B 6  ? 0.0798 0.0825 0.0955 -0.0123 -0.0058 0.0221  16 LSH B OP2   
491 O "O5'" . LSH B 6  ? 0.0885 0.0602 0.0643 -0.0166 -0.0199 0.0167  16 LSH B "O5'" 
492 C "C5'" . LSH B 6  ? 0.0893 0.0646 0.0626 -0.0241 -0.0163 0.0110  16 LSH B "C5'" 
493 C "C4'" . LSH B 6  ? 0.0939 0.0683 0.0573 -0.0319 -0.0116 0.0079  16 LSH B "C4'" 
494 C "C6'" . LSH B 6  ? 0.1175 0.0794 0.0576 -0.0392 -0.0051 0.0102  16 LSH B "C6'" 
495 S S     . LSH B 6  ? 0.1152 0.0659 0.0658 -0.0333 0.0082  0.0026  16 LSH B S     
496 O "O7'" . LSH B 6  ? 0.1328 0.0704 0.0762 -0.0346 0.0146  -0.0067 16 LSH B "O7'" 
497 O "O8'" . LSH B 6  ? 0.1084 0.0772 0.0752 -0.0312 0.0074  0.0010  16 LSH B "O8'" 
498 N "N2'" . LSH B 6  ? 0.1072 0.0629 0.0749 -0.0242 0.0080  0.0031  16 LSH B "N2'" 
499 C "C2'" . LSH B 6  ? 0.0946 0.0620 0.0627 -0.0206 -0.0095 0.0081  16 LSH B "C2'" 
500 C "C1'" . LSH B 6  ? 0.0930 0.0581 0.0546 -0.0192 -0.0156 0.0099  16 LSH B "C1'" 
501 O "O4'" . LSH B 6  ? 0.0900 0.0583 0.0551 -0.0228 -0.0156 0.0087  16 LSH B "O4'" 
502 N N1    . LSH B 6  ? 0.0785 0.0626 0.0534 -0.0159 -0.0140 0.0106  16 LSH B N1    
503 C C2    . LSH B 6  ? 0.0743 0.0756 0.0613 -0.0162 -0.0058 0.0105  16 LSH B C2    
504 O O2    . LSH B 6  ? 0.0820 0.0898 0.0719 -0.0048 -0.0113 0.0080  16 LSH B O2    
505 N N3    . LSH B 6  ? 0.0708 0.0797 0.0641 -0.0216 -0.0028 0.0079  16 LSH B N3    
506 C C4    . LSH B 6  ? 0.0798 0.0736 0.0590 -0.0318 -0.0088 0.0096  16 LSH B C4    
507 O O4    . LSH B 6  ? 0.0968 0.0783 0.0662 -0.0335 -0.0134 0.0056  16 LSH B O4    
508 C C5    . LSH B 6  ? 0.0859 0.0623 0.0586 -0.0266 -0.0086 0.0087  16 LSH B C5    
509 C C7    . LSH B 6  ? 0.0973 0.0644 0.0683 -0.0176 -0.0042 0.0050  16 LSH B C7    
510 C C6    . LSH B 6  ? 0.0855 0.0558 0.0635 -0.0213 -0.0158 0.0080  16 LSH B C6    
511 C "C3'" . LSH B 6  ? 0.0893 0.0578 0.0602 -0.0315 -0.0066 0.0051  16 LSH B "C3'" 
512 O "O3'" . LSH B 6  ? 0.1018 0.0597 0.0565 -0.0292 -0.0028 0.0012  16 LSH B "O3'" 
513 O OP3   . LSH B 6  ? 0.0855 0.0953 0.0918 -0.0203 -0.0227 0.0272  16 LSH B OP3   
514 P P     . DA  B 7  ? 0.1045 0.0618 0.0535 -0.0288 0.0006  0.0014  17 DA  B P     
515 O OP1   . DA  B 7  ? 0.0991 0.0672 0.0564 -0.0242 -0.0003 0.0024  17 DA  B OP1   
516 O OP2   . DA  B 7  ? 0.1235 0.0679 0.0700 -0.0217 0.0051  0.0055  17 DA  B OP2   
517 O "O5'" . DA  B 7  ? 0.1111 0.0661 0.0562 -0.0298 -0.0011 -0.0037 17 DA  B "O5'" 
518 C "C5'" . DA  B 7  ? 0.0966 0.0692 0.0520 -0.0283 0.0008  -0.0025 17 DA  B "C5'" 
519 C "C4'" . DA  B 7  ? 0.0918 0.0871 0.0557 -0.0290 -0.0088 -0.0007 17 DA  B "C4'" 
520 O "O4'" . DA  B 7  ? 0.0928 0.0961 0.0670 -0.0277 -0.0114 -0.0061 17 DA  B "O4'" 
521 C "C3'" . DA  B 7  ? 0.0944 0.0976 0.0556 -0.0380 0.0007  0.0017  17 DA  B "C3'" 
522 O "O3'" . DA  B 7  ? 0.0988 0.1153 0.0559 -0.0474 0.0027  0.0003  17 DA  B "O3'" 
523 C "C2'" . DA  B 7  ? 0.1019 0.0962 0.0604 -0.0313 -0.0081 0.0002  17 DA  B "C2'" 
524 C "C1'" . DA  B 7  ? 0.0918 0.0940 0.0653 -0.0238 -0.0093 -0.0012 17 DA  B "C1'" 
525 N N9    . DA  B 7  ? 0.0705 0.0853 0.0561 -0.0228 -0.0019 0.0013  17 DA  B N9    
526 C C8    . DA  B 7  ? 0.0828 0.0884 0.0576 -0.0281 -0.0072 0.0097  17 DA  B C8    
527 N N7    . DA  B 7  ? 0.0778 0.0858 0.0567 -0.0242 -0.0122 0.0120  17 DA  B N7    
528 C C5    . DA  B 7  ? 0.0568 0.0807 0.0507 -0.0159 -0.0013 0.0055  17 DA  B C5    
529 C C6    . DA  B 7  ? 0.0534 0.0785 0.0513 -0.0134 -0.0003 0.0044  17 DA  B C6    
530 N N6    . DA  B 7  ? 0.0600 0.0757 0.0608 -0.0118 -0.0048 0.0063  17 DA  B N6    
531 N N1    . DA  B 7  ? 0.0551 0.0768 0.0537 -0.0096 -0.0016 0.0013  17 DA  B N1    
532 C C2    . DA  B 7  ? 0.0661 0.0700 0.0640 -0.0009 -0.0086 0.0000  17 DA  B C2    
533 N N3    . DA  B 7  ? 0.0729 0.0739 0.0671 -0.0080 -0.0153 -0.0019 17 DA  B N3    
534 C C4    . DA  B 7  ? 0.0649 0.0782 0.0568 -0.0143 -0.0033 -0.0005 17 DA  B C4    
535 P P     A DC  B 8  ? 0.0814 0.1024 0.0607 -0.0109 0.0020  0.0005  18 DC  B P     
536 P P     B DC  B 8  ? 0.1068 0.1433 0.0581 -0.0645 -0.0076 0.0064  18 DC  B P     
537 O OP1   A DC  B 8  ? 0.0877 0.1162 0.0552 -0.0192 -0.0056 0.0072  18 DC  B OP1   
538 O OP1   B DC  B 8  ? 0.1247 0.1498 0.0677 -0.0651 0.0010  0.0042  18 DC  B OP1   
539 O OP2   A DC  B 8  ? 0.0828 0.1063 0.0685 -0.0136 0.0055  0.0020  18 DC  B OP2   
540 O OP2   B DC  B 8  ? 0.0940 0.1530 0.0614 -0.0518 -0.0020 0.0143  18 DC  B OP2   
541 O "O5'" A DC  B 8  ? 0.0864 0.0923 0.0621 -0.0084 -0.0051 -0.0028 18 DC  B "O5'" 
542 O "O5'" B DC  B 8  ? 0.0992 0.1151 0.0576 -0.0455 -0.0161 0.0067  18 DC  B "O5'" 
543 C "C5'" A DC  B 8  ? 0.0808 0.0883 0.0581 -0.0084 -0.0023 -0.0040 18 DC  B "C5'" 
544 C "C5'" B DC  B 8  ? 0.0872 0.0969 0.0549 -0.0266 -0.0163 0.0100  18 DC  B "C5'" 
545 C "C4'" A DC  B 8  ? 0.0757 0.0857 0.0507 -0.0099 -0.0008 -0.0008 18 DC  B "C4'" 
546 C "C4'" B DC  B 8  ? 0.0751 0.0844 0.0536 -0.0137 -0.0144 0.0099  18 DC  B "C4'" 
547 O "O4'" A DC  B 8  ? 0.0715 0.0806 0.0467 -0.0077 0.0051  -0.0031 18 DC  B "O4'" 
548 O "O4'" B DC  B 8  ? 0.0738 0.0749 0.0569 -0.0067 -0.0079 0.0022  18 DC  B "O4'" 
549 C "C3'" A DC  B 8  ? 0.0684 0.0939 0.0501 -0.0135 0.0034  0.0021  18 DC  B "C3'" 
550 C "C3'" B DC  B 8  ? 0.0675 0.0836 0.0576 -0.0034 -0.0085 0.0112  18 DC  B "C3'" 
551 O "O3'" A DC  B 8  ? 0.0753 0.1137 0.0599 -0.0236 0.0018  0.0054  18 DC  B "O3'" 
552 O "O3'" B DC  B 8  ? 0.0707 0.0916 0.0622 -0.0095 0.0003  0.0181  18 DC  B "O3'" 
553 C "C2'" A DC  B 8  ? 0.0624 0.0820 0.0436 -0.0054 0.0055  -0.0006 18 DC  B "C2'" 
554 C "C2'" B DC  B 8  ? 0.0666 0.0760 0.0601 -0.0002 -0.0056 0.0033  18 DC  B "C2'" 
555 C "C1'" A DC  B 8  ? 0.0613 0.0750 0.0419 -0.0019 0.0049  -0.0001 18 DC  B "C1'" 
556 C "C1'" B DC  B 8  ? 0.0659 0.0693 0.0615 0.0003  -0.0104 0.0010  18 DC  B "C1'" 
557 N N1    A DC  B 8  ? 0.0589 0.0707 0.0370 -0.0008 0.0068  0.0058  18 DC  B N1    
558 N N1    B DC  B 8  ? 0.0668 0.0676 0.0677 0.0010  -0.0093 -0.0008 18 DC  B N1    
559 C C2    A DC  B 8  ? 0.0598 0.0647 0.0389 0.0036  0.0042  0.0095  18 DC  B C2    
560 C C2    B DC  B 8  ? 0.0666 0.0669 0.0691 0.0012  -0.0065 -0.0014 18 DC  B C2    
561 O O2    A DC  B 8  ? 0.0652 0.0651 0.0472 0.0015  -0.0093 0.0129  18 DC  B O2    
562 O O2    B DC  B 8  ? 0.0711 0.0711 0.0716 -0.0021 -0.0119 0.0019  18 DC  B O2    
563 N N3    A DC  B 8  ? 0.0592 0.0649 0.0411 0.0094  0.0043  0.0120  18 DC  B N3    
564 N N3    B DC  B 8  ? 0.0654 0.0676 0.0729 0.0060  -0.0036 -0.0010 18 DC  B N3    
565 C C4    A DC  B 8  ? 0.0614 0.0714 0.0455 0.0082  0.0001  0.0142  18 DC  B C4    
566 C C4    B DC  B 8  ? 0.0638 0.0703 0.0808 0.0102  -0.0043 -0.0011 18 DC  B C4    
567 N N4    A DC  B 8  ? 0.0704 0.0739 0.0502 0.0080  -0.0090 0.0188  18 DC  B N4    
568 N N4    B DC  B 8  ? 0.0645 0.0693 0.0896 0.0142  -0.0099 -0.0007 18 DC  B N4    
569 C C5    A DC  B 8  ? 0.0547 0.0743 0.0435 0.0015  0.0023  0.0137  18 DC  B C5    
570 C C5    B DC  B 8  ? 0.0649 0.0727 0.0818 0.0077  -0.0052 0.0001  18 DC  B C5    
571 C C6    A DC  B 8  ? 0.0578 0.0756 0.0383 -0.0023 0.0061  0.0111  18 DC  B C6    
572 C C6    B DC  B 8  ? 0.0702 0.0721 0.0743 0.0037  -0.0087 0.0014  18 DC  B C6    
573 P P     A DG  B 9  ? 0.0709 0.1304 0.0700 -0.0267 0.0024  0.0077  19 DG  B P     
574 P P     B DG  B 9  ? 0.0582 0.0951 0.0673 -0.0115 0.0026  0.0214  19 DG  B P     
575 O OP1   A DG  B 9  ? 0.0822 0.1396 0.0833 -0.0346 0.0073  0.0108  19 DG  B OP1   
576 O OP1   B DG  B 9  ? 0.0690 0.1014 0.0803 -0.0184 0.0029  0.0222  19 DG  B OP1   
577 O OP2   A DG  B 9  ? 0.0745 0.1377 0.0826 -0.0156 0.0060  0.0049  19 DG  B OP2   
578 O OP2   B DG  B 9  ? 0.0687 0.0975 0.0682 -0.0010 0.0123  0.0270  19 DG  B OP2   
579 O "O5'" A DG  B 9  ? 0.0601 0.0995 0.0586 -0.0211 0.0107  0.0094  19 DG  B "O5'" 
580 O "O5'" B DG  B 9  ? 0.0705 0.0843 0.0742 -0.0089 0.0068  0.0138  19 DG  B "O5'" 
581 C "C5'" A DG  B 9  ? 0.0649 0.0764 0.0555 -0.0244 0.0069  0.0103  19 DG  B "C5'" 
582 C "C5'" B DG  B 9  ? 0.0906 0.0801 0.0805 -0.0129 -0.0020 0.0085  19 DG  B "C5'" 
583 C "C4'" A DG  B 9  ? 0.0580 0.0590 0.0522 -0.0153 0.0070  0.0100  19 DG  B "C4'" 
584 C "C4'" B DG  B 9  ? 0.1104 0.0849 0.0831 -0.0212 -0.0009 0.0026  19 DG  B "C4'" 
585 O "O4'" A DG  B 9  ? 0.0490 0.0490 0.0540 -0.0075 0.0093  0.0060  19 DG  B "O4'" 
586 O "O4'" B DG  B 9  ? 0.1092 0.0775 0.0835 -0.0164 -0.0009 -0.0010 19 DG  B "O4'" 
587 C "C3'" A DG  B 9  ? 0.0511 0.0550 0.0485 -0.0161 0.0130  0.0126  19 DG  B "C3'" 
588 C "C3'" B DG  B 9  ? 0.1250 0.0942 0.0855 -0.0303 0.0013  0.0007  19 DG  B "C3'" 
589 O "O3'" A DG  B 9  ? 0.0689 0.0597 0.0495 -0.0133 0.0099  0.0160  19 DG  B "O3'" 
590 O "O3'" B DG  B 9  ? 0.1429 0.1099 0.0905 -0.0465 0.0120  -0.0009 19 DG  B "O3'" 
591 C "C2'" A DG  B 9  ? 0.0279 0.0501 0.0572 -0.0106 0.0116  0.0080  19 DG  B "C2'" 
592 C "C2'" B DG  B 9  ? 0.1197 0.0871 0.0865 -0.0223 -0.0067 0.0004  19 DG  B "C2'" 
593 C "C1'" A DG  B 9  ? 0.0310 0.0512 0.0550 -0.0048 0.0136  0.0067  19 DG  B "C1'" 
594 C "C1'" B DG  B 9  ? 0.1008 0.0786 0.0806 -0.0177 -0.0079 -0.0002 19 DG  B "C1'" 
595 N N9    A DG  B 9  ? 0.0569 0.0575 0.0583 0.0002  0.0174  0.0039  19 DG  B N9    
596 N N9    B DG  B 9  ? 0.0630 0.0674 0.0681 -0.0138 -0.0113 -0.0017 19 DG  B N9    
597 C C8    A DG  B 9  ? 0.0614 0.0591 0.0571 0.0064  0.0252  0.0005  19 DG  B C8    
598 C C8    B DG  B 9  ? 0.0631 0.0672 0.0668 -0.0096 -0.0072 -0.0042 19 DG  B C8    
599 N N7    A DG  B 9  ? 0.0608 0.0615 0.0583 0.0061  0.0275  -0.0002 19 DG  B N7    
600 N N7    B DG  B 9  ? 0.0579 0.0622 0.0608 -0.0067 -0.0011 -0.0053 19 DG  B N7    
601 C C5    A DG  B 9  ? 0.0693 0.0647 0.0605 0.0031  0.0259  0.0009  19 DG  B C5    
602 C C5    B DG  B 9  ? 0.0423 0.0543 0.0494 -0.0008 0.0064  -0.0040 19 DG  B C5    
603 C C6    A DG  B 9  ? 0.0928 0.0754 0.0656 -0.0004 0.0196  0.0025  19 DG  B C6    
604 C C6    B DG  B 9  ? 0.0311 0.0480 0.0369 0.0073  0.0184  -0.0044 19 DG  B C6    
605 O O6    A DG  B 9  ? 0.1159 0.0811 0.0750 -0.0063 0.0189  0.0027  19 DG  B O6    
606 O O6    B DG  B 9  ? 0.0379 0.0447 0.0217 0.0019  0.0157  0.0008  19 DG  B O6    
607 N N1    A DG  B 9  ? 0.0864 0.0728 0.0638 -0.0007 0.0156  0.0024  19 DG  B N1    
608 N N1    B DG  B 9  ? 0.0289 0.0414 0.0451 0.0083  0.0165  -0.0080 19 DG  B N1    
609 C C2    A DG  B 9  ? 0.0814 0.0695 0.0625 0.0025  0.0196  0.0039  19 DG  B C2    
610 C C2    B DG  B 9  ? 0.0347 0.0447 0.0562 0.0021  0.0051  -0.0052 19 DG  B C2    
611 N N2    A DG  B 9  ? 0.0854 0.0731 0.0668 0.0006  0.0156  0.0013  19 DG  B N2    
612 N N2    B DG  B 9  ? 0.0410 0.0452 0.0656 -0.0039 -0.0112 -0.0048 19 DG  B N2    
613 N N3    A DG  B 9  ? 0.0774 0.0648 0.0629 0.0025  0.0198  0.0045  19 DG  B N3    
614 N N3    B DG  B 9  ? 0.0362 0.0507 0.0572 -0.0064 -0.0044 -0.0017 19 DG  B N3    
615 C C4    A DG  B 9  ? 0.0648 0.0619 0.0609 0.0041  0.0246  0.0025  19 DG  B C4    
616 C C4    B DG  B 9  ? 0.0390 0.0586 0.0569 -0.0063 -0.0040 -0.0017 19 DG  B C4    
617 P P     A DC  B 10 ? 0.0718 0.0693 0.0518 -0.0036 0.0165  0.0160  20 DC  B P     
618 P P     B DC  B 10 ? 0.1490 0.1267 0.0894 -0.0567 0.0213  -0.0005 20 DC  B P     
619 O OP1   A DC  B 10 ? 0.0813 0.0814 0.0523 -0.0092 0.0227  0.0225  20 DC  B OP1   
620 O OP1   B DC  B 10 ? 0.1696 0.1309 0.0970 -0.0539 0.0278  0.0026  20 DC  B OP1   
621 O OP2   A DC  B 10 ? 0.0873 0.0817 0.0703 0.0014  0.0277  0.0207  20 DC  B OP2   
622 O OP2   B DC  B 10 ? 0.1491 0.1336 0.0986 -0.0581 0.0233  0.0022  20 DC  B OP2   
623 O "O5'" A DC  B 10 ? 0.1098 0.0876 0.0665 -0.0060 0.0075  0.0076  20 DC  B "O5'" 
624 O "O5'" B DC  B 10 ? 0.1360 0.1191 0.0782 -0.0451 0.0143  -0.0054 20 DC  B "O5'" 
625 C "C5'" A DC  B 10 ? 0.1224 0.0922 0.0706 0.0107  0.0060  0.0060  20 DC  B "C5'" 
626 C "C5'" B DC  B 10 ? 0.1189 0.1151 0.0711 -0.0258 0.0135  -0.0057 20 DC  B "C5'" 
627 C "C4'" A DC  B 10 ? 0.1210 0.0986 0.0706 0.0180  0.0010  0.0032  20 DC  B "C4'" 
628 C "C4'" B DC  B 10 ? 0.0841 0.1114 0.0610 -0.0211 0.0133  -0.0074 20 DC  B "C4'" 
629 O "O4'" A DC  B 10 ? 0.1128 0.0912 0.0643 0.0248  0.0012  0.0000  20 DC  B "O4'" 
630 O "O4'" B DC  B 10 ? 0.0781 0.1042 0.0536 -0.0171 0.0163  -0.0068 20 DC  B "O4'" 
631 C "C3'" A DC  B 10 ? 0.1354 0.1046 0.0811 0.0216  0.0007  -0.0031 20 DC  B "C3'" 
632 C "C3'" B DC  B 10 ? 0.0806 0.1136 0.0659 -0.0222 0.0088  -0.0138 20 DC  B "C3'" 
633 O "O3'" A DC  B 10 ? 0.1494 0.1129 0.0979 0.0236  -0.0063 -0.0037 20 DC  B "O3'" 
634 O "O3'" B DC  B 10 ? 0.0957 0.1252 0.0784 -0.0213 -0.0009 -0.0138 20 DC  B "O3'" 
635 C "C2'" A DC  B 10 ? 0.1267 0.0997 0.0777 0.0209  0.0020  -0.0051 20 DC  B "C2'" 
636 C "C2'" B DC  B 10 ? 0.0817 0.1035 0.0636 -0.0191 0.0111  -0.0148 20 DC  B "C2'" 
637 C "C1'" A DC  B 10 ? 0.1172 0.0929 0.0713 0.0229  -0.0018 -0.0041 20 DC  B "C1'" 
638 C "C1'" B DC  B 10 ? 0.0884 0.0990 0.0596 -0.0141 0.0065  -0.0099 20 DC  B "C1'" 
639 N N1    A DC  B 10 ? 0.0957 0.0901 0.0743 0.0201  0.0043  -0.0061 20 DC  B N1    
640 N N1    B DC  B 10 ? 0.0910 0.0917 0.0639 -0.0071 0.0061  -0.0065 20 DC  B N1    
641 C C2    A DC  B 10 ? 0.0823 0.0939 0.0781 0.0181  0.0103  -0.0086 20 DC  B C2    
642 C C2    B DC  B 10 ? 0.0861 0.0839 0.0594 -0.0037 0.0103  -0.0078 20 DC  B C2    
643 O O2    A DC  B 10 ? 0.0752 0.0987 0.0822 0.0168  0.0131  -0.0076 20 DC  B O2    
644 O O2    B DC  B 10 ? 0.0979 0.0753 0.0624 -0.0040 0.0023  -0.0086 20 DC  B O2    
645 N N3    A DC  B 10 ? 0.0799 0.0929 0.0769 0.0174  0.0098  -0.0090 20 DC  B N3    
646 N N3    B DC  B 10 ? 0.0747 0.0849 0.0554 0.0018  0.0158  -0.0070 20 DC  B N3    
647 C C4    A DC  B 10 ? 0.0727 0.0885 0.0798 0.0155  0.0097  -0.0090 20 DC  B C4    
648 C C4    B DC  B 10 ? 0.0602 0.0831 0.0604 0.0051  0.0231  -0.0067 20 DC  B C4    
649 N N4    A DC  B 10 ? 0.0844 0.0927 0.0880 0.0086  -0.0010 -0.0096 20 DC  B N4    
650 N N4    B DC  B 10 ? 0.0560 0.0782 0.0590 0.0147  0.0296  -0.0094 20 DC  B N4    
651 C C5    A DC  B 10 ? 0.0683 0.0856 0.0757 0.0174  0.0157  -0.0092 20 DC  B C5    
652 C C5    B DC  B 10 ? 0.0734 0.0874 0.0717 0.0024  0.0162  -0.0057 20 DC  B C5    
653 C C6    A DC  B 10 ? 0.0799 0.0858 0.0750 0.0184  0.0127  -0.0080 20 DC  B C6    
654 C C6    B DC  B 10 ? 0.0848 0.0915 0.0718 -0.0022 0.0124  -0.0048 20 DC  B C6    
# 
loop_
_pdbx_poly_seq_scheme.asym_id 
_pdbx_poly_seq_scheme.entity_id 
_pdbx_poly_seq_scheme.seq_id 
_pdbx_poly_seq_scheme.mon_id 
_pdbx_poly_seq_scheme.ndb_seq_num 
_pdbx_poly_seq_scheme.pdb_seq_num 
_pdbx_poly_seq_scheme.auth_seq_num 
_pdbx_poly_seq_scheme.pdb_mon_id 
_pdbx_poly_seq_scheme.auth_mon_id 
_pdbx_poly_seq_scheme.pdb_strand_id 
_pdbx_poly_seq_scheme.pdb_ins_code 
_pdbx_poly_seq_scheme.hetero 
A 1 1  DG  1  1  1  DG  DG  A . n 
A 1 2  DC  2  2  2  DC  DC  A . n 
A 1 3  DG  3  3  3  DG  DG  A . n 
A 1 4  DT  4  4  4  DT  DT  A . n 
A 1 5  DA  5  5  5  DA  DA  A . n 
A 1 6  LSH 6  6  6  LSH LSH A . n 
A 1 7  DA  7  7  7  DA  DA  A . n 
A 1 8  DC  8  8  8  DC  DC  A . n 
A 1 9  DG  9  9  9  DG  DG  A . n 
A 1 10 DC  10 10 10 DC  DC  A . n 
B 1 1  DG  1  11 11 DG  DG  B . n 
B 1 2  DC  2  12 12 DC  DC  B . n 
B 1 3  DG  3  13 13 DG  DG  B . n 
B 1 4  DT  4  14 14 DT  DT  B . n 
B 1 5  DA  5  15 15 DA  DA  B . n 
B 1 6  LSH 6  16 16 LSH LSH B . n 
B 1 7  DA  7  17 17 DA  DA  B . n 
B 1 8  DC  8  18 18 DC  DC  B . n 
B 1 9  DG  9  19 19 DG  DG  B . n 
B 1 10 DC  10 20 20 DC  DC  B . n 
# 
loop_
_pdbx_nonpoly_scheme.asym_id 
_pdbx_nonpoly_scheme.entity_id 
_pdbx_nonpoly_scheme.mon_id 
_pdbx_nonpoly_scheme.ndb_seq_num 
_pdbx_nonpoly_scheme.pdb_seq_num 
_pdbx_nonpoly_scheme.auth_seq_num 
_pdbx_nonpoly_scheme.pdb_mon_id 
_pdbx_nonpoly_scheme.auth_mon_id 
_pdbx_nonpoly_scheme.pdb_strand_id 
_pdbx_nonpoly_scheme.pdb_ins_code 
C 2 HOH 1  101 101 HOH HOH A . 
C 2 HOH 2  102 102 HOH HOH A . 
C 2 HOH 3  103 103 HOH HOH A . 
C 2 HOH 4  104 104 HOH HOH A . 
C 2 HOH 5  105 105 HOH HOH A . 
C 2 HOH 6  106 106 HOH HOH A . 
C 2 HOH 7  107 107 HOH HOH A . 
C 2 HOH 8  108 108 HOH HOH A . 
C 2 HOH 9  109 109 HOH HOH A . 
C 2 HOH 10 110 110 HOH HOH A . 
C 2 HOH 11 111 111 HOH HOH A . 
C 2 HOH 12 112 112 HOH HOH A . 
C 2 HOH 13 113 113 HOH HOH A . 
C 2 HOH 14 114 114 HOH HOH A . 
C 2 HOH 15 115 115 HOH HOH A . 
C 2 HOH 16 116 116 HOH HOH A . 
C 2 HOH 17 117 117 HOH HOH A . 
C 2 HOH 18 118 118 HOH HOH A . 
C 2 HOH 19 119 119 HOH HOH A . 
C 2 HOH 20 120 120 HOH HOH A . 
C 2 HOH 21 121 121 HOH HOH A . 
C 2 HOH 22 122 122 HOH HOH A . 
C 2 HOH 23 123 123 HOH HOH A . 
C 2 HOH 24 124 124 HOH HOH A . 
C 2 HOH 25 125 125 HOH HOH A . 
C 2 HOH 26 126 126 HOH HOH A . 
C 2 HOH 27 127 127 HOH HOH A . 
C 2 HOH 28 128 128 HOH HOH A . 
C 2 HOH 29 129 129 HOH HOH A . 
C 2 HOH 30 130 130 HOH HOH A . 
C 2 HOH 31 131 131 HOH HOH A . 
C 2 HOH 32 132 132 HOH HOH A . 
C 2 HOH 33 133 133 HOH HOH A . 
C 2 HOH 34 134 134 HOH HOH A . 
C 2 HOH 35 135 135 HOH HOH A . 
C 2 HOH 36 136 136 HOH HOH A . 
C 2 HOH 37 137 137 HOH HOH A . 
C 2 HOH 38 138 138 HOH HOH A . 
C 2 HOH 39 139 139 HOH HOH A . 
C 2 HOH 40 140 140 HOH HOH A . 
C 2 HOH 41 141 141 HOH HOH A . 
C 2 HOH 42 142 142 HOH HOH A . 
C 2 HOH 43 143 143 HOH HOH A . 
C 2 HOH 44 144 144 HOH HOH A . 
C 2 HOH 45 145 145 HOH HOH A . 
C 2 HOH 46 146 146 HOH HOH A . 
C 2 HOH 47 147 147 HOH HOH A . 
C 2 HOH 48 148 148 HOH HOH A . 
C 2 HOH 49 149 149 HOH HOH A . 
C 2 HOH 50 150 150 HOH HOH A . 
C 2 HOH 51 151 151 HOH HOH A . 
C 2 HOH 52 152 152 HOH HOH A . 
C 2 HOH 53 153 153 HOH HOH A . 
C 2 HOH 54 154 154 HOH HOH A . 
C 2 HOH 55 155 155 HOH HOH A . 
C 2 HOH 56 156 156 HOH HOH A . 
C 2 HOH 57 157 157 HOH HOH A . 
C 2 HOH 58 158 158 HOH HOH A . 
C 2 HOH 59 159 159 HOH HOH A . 
C 2 HOH 60 160 160 HOH HOH A . 
C 2 HOH 61 161 161 HOH HOH A . 
C 2 HOH 62 162 162 HOH HOH A . 
C 2 HOH 63 163 163 HOH HOH A . 
C 2 HOH 64 164 164 HOH HOH A . 
C 2 HOH 65 165 165 HOH HOH A . 
C 2 HOH 66 166 166 HOH HOH A . 
C 2 HOH 67 167 167 HOH HOH A . 
C 2 HOH 68 168 168 HOH HOH A . 
C 2 HOH 69 169 169 HOH HOH A . 
C 2 HOH 70 170 170 HOH HOH A . 
D 2 HOH 1  101 101 HOH HOH B . 
D 2 HOH 2  102 102 HOH HOH B . 
D 2 HOH 3  103 103 HOH HOH B . 
D 2 HOH 4  104 104 HOH HOH B . 
D 2 HOH 5  105 105 HOH HOH B . 
D 2 HOH 6  106 106 HOH HOH B . 
D 2 HOH 7  107 107 HOH HOH B . 
D 2 HOH 8  108 108 HOH HOH B . 
D 2 HOH 9  109 109 HOH HOH B . 
D 2 HOH 10 110 110 HOH HOH B . 
D 2 HOH 11 111 111 HOH HOH B . 
D 2 HOH 12 112 112 HOH HOH B . 
D 2 HOH 13 113 113 HOH HOH B . 
D 2 HOH 14 114 114 HOH HOH B . 
D 2 HOH 15 115 115 HOH HOH B . 
D 2 HOH 16 116 116 HOH HOH B . 
D 2 HOH 17 117 117 HOH HOH B . 
D 2 HOH 18 118 118 HOH HOH B . 
D 2 HOH 19 119 119 HOH HOH B . 
D 2 HOH 20 120 120 HOH HOH B . 
D 2 HOH 21 121 121 HOH HOH B . 
D 2 HOH 22 122 122 HOH HOH B . 
D 2 HOH 23 123 123 HOH HOH B . 
D 2 HOH 24 124 124 HOH HOH B . 
D 2 HOH 25 125 125 HOH HOH B . 
D 2 HOH 26 126 126 HOH HOH B . 
D 2 HOH 27 127 127 HOH HOH B . 
D 2 HOH 28 128 128 HOH HOH B . 
D 2 HOH 29 129 129 HOH HOH B . 
D 2 HOH 30 130 130 HOH HOH B . 
D 2 HOH 31 131 131 HOH HOH B . 
D 2 HOH 32 132 132 HOH HOH B . 
D 2 HOH 33 133 133 HOH HOH B . 
D 2 HOH 34 134 134 HOH HOH B . 
D 2 HOH 35 135 135 HOH HOH B . 
D 2 HOH 36 136 136 HOH HOH B . 
D 2 HOH 37 137 137 HOH HOH B . 
D 2 HOH 38 138 138 HOH HOH B . 
D 2 HOH 39 139 139 HOH HOH B . 
D 2 HOH 40 140 140 HOH HOH B . 
D 2 HOH 41 141 141 HOH HOH B . 
D 2 HOH 42 142 142 HOH HOH B . 
D 2 HOH 43 143 143 HOH HOH B . 
D 2 HOH 44 144 144 HOH HOH B . 
D 2 HOH 45 145 145 HOH HOH B . 
D 2 HOH 46 146 146 HOH HOH B . 
D 2 HOH 47 147 147 HOH HOH B . 
D 2 HOH 48 148 148 HOH HOH B . 
D 2 HOH 49 149 149 HOH HOH B . 
D 2 HOH 50 150 150 HOH HOH B . 
D 2 HOH 51 151 151 HOH HOH B . 
D 2 HOH 52 152 152 HOH HOH B . 
D 2 HOH 53 153 153 HOH HOH B . 
D 2 HOH 54 154 154 HOH HOH B . 
D 2 HOH 55 155 155 HOH HOH B . 
D 2 HOH 56 156 156 HOH HOH B . 
D 2 HOH 57 157 157 HOH HOH B . 
D 2 HOH 58 158 158 HOH HOH B . 
D 2 HOH 59 159 159 HOH HOH B . 
D 2 HOH 60 160 160 HOH HOH B . 
D 2 HOH 61 161 161 HOH HOH B . 
D 2 HOH 62 162 162 HOH HOH B . 
D 2 HOH 63 163 163 HOH HOH B . 
D 2 HOH 64 164 164 HOH HOH B . 
D 2 HOH 65 165 165 HOH HOH B . 
D 2 HOH 66 166 166 HOH HOH B . 
D 2 HOH 67 167 167 HOH HOH B . 
D 2 HOH 68 168 168 HOH HOH B . 
D 2 HOH 69 169 169 HOH HOH B . 
D 2 HOH 70 170 170 HOH HOH B . 
# 
_pdbx_struct_assembly.id                   1 
_pdbx_struct_assembly.details              author_and_software_defined_assembly 
_pdbx_struct_assembly.method_details       PISA 
_pdbx_struct_assembly.oligomeric_details   dimeric 
_pdbx_struct_assembly.oligomeric_count     2 
# 
_pdbx_struct_assembly_gen.assembly_id       1 
_pdbx_struct_assembly_gen.oper_expression   1 
_pdbx_struct_assembly_gen.asym_id_list      A,B,C,D 
# 
loop_
_pdbx_struct_assembly_prop.biol_id 
_pdbx_struct_assembly_prop.type 
_pdbx_struct_assembly_prop.value 
_pdbx_struct_assembly_prop.details 
1 'ABSA (A^2)' 980  ? 
1 MORE         -1   ? 
1 'SSA (A^2)'  3840 ? 
# 
_pdbx_struct_oper_list.id                   1 
_pdbx_struct_oper_list.type                 'identity operation' 
_pdbx_struct_oper_list.name                 1_555 
_pdbx_struct_oper_list.symmetry_operation   x,y,z 
_pdbx_struct_oper_list.matrix[1][1]         1.0000000000 
_pdbx_struct_oper_list.matrix[1][2]         0.0000000000 
_pdbx_struct_oper_list.matrix[1][3]         0.0000000000 
_pdbx_struct_oper_list.vector[1]            0.0000000000 
_pdbx_struct_oper_list.matrix[2][1]         0.0000000000 
_pdbx_struct_oper_list.matrix[2][2]         1.0000000000 
_pdbx_struct_oper_list.matrix[2][3]         0.0000000000 
_pdbx_struct_oper_list.vector[2]            0.0000000000 
_pdbx_struct_oper_list.matrix[3][1]         0.0000000000 
_pdbx_struct_oper_list.matrix[3][2]         0.0000000000 
_pdbx_struct_oper_list.matrix[3][3]         1.0000000000 
_pdbx_struct_oper_list.vector[3]            0.0000000000 
# 
loop_
_pdbx_audit_revision_history.ordinal 
_pdbx_audit_revision_history.data_content_type 
_pdbx_audit_revision_history.major_revision 
_pdbx_audit_revision_history.minor_revision 
_pdbx_audit_revision_history.revision_date 
1 'Structure model' 1 0 2016-07-20 
2 'Structure model' 1 1 2020-02-26 
3 'Structure model' 1 2 2023-11-08 
# 
_pdbx_audit_revision_details.ordinal             1 
_pdbx_audit_revision_details.revision_ordinal    1 
_pdbx_audit_revision_details.data_content_type   'Structure model' 
_pdbx_audit_revision_details.provider            repository 
_pdbx_audit_revision_details.type                'Initial release' 
_pdbx_audit_revision_details.description         ? 
_pdbx_audit_revision_details.details             ? 
# 
loop_
_pdbx_audit_revision_group.ordinal 
_pdbx_audit_revision_group.revision_ordinal 
_pdbx_audit_revision_group.data_content_type 
_pdbx_audit_revision_group.group 
1 2 'Structure model' 'Data collection'        
2 2 'Structure model' 'Derived calculations'   
3 3 'Structure model' 'Data collection'        
4 3 'Structure model' 'Database references'    
5 3 'Structure model' 'Refinement description' 
# 
loop_
_pdbx_audit_revision_category.ordinal 
_pdbx_audit_revision_category.revision_ordinal 
_pdbx_audit_revision_category.data_content_type 
_pdbx_audit_revision_category.category 
1 2 'Structure model' diffrn_source                 
2 2 'Structure model' pdbx_struct_oper_list         
3 3 'Structure model' chem_comp_atom                
4 3 'Structure model' chem_comp_bond                
5 3 'Structure model' database_2                    
6 3 'Structure model' diffrn_radiation_wavelength   
7 3 'Structure model' pdbx_initial_refinement_model 
# 
loop_
_pdbx_audit_revision_item.ordinal 
_pdbx_audit_revision_item.revision_ordinal 
_pdbx_audit_revision_item.data_content_type 
_pdbx_audit_revision_item.item 
1 2 'Structure model' '_diffrn_source.pdbx_synchrotron_site'      
2 2 'Structure model' '_pdbx_struct_oper_list.symmetry_operation' 
3 3 'Structure model' '_database_2.pdbx_DOI'                      
4 3 'Structure model' '_database_2.pdbx_database_accession'       
# 
_phasing.method   MR 
# 
loop_
_software.citation_id 
_software.classification 
_software.compiler_name 
_software.compiler_version 
_software.contact_author 
_software.contact_author_email 
_software.date 
_software.description 
_software.dependencies 
_software.hardware 
_software.language 
_software.location 
_software.mods 
_software.name 
_software.os 
_software.os_version 
_software.type 
_software.version 
_software.pdbx_ordinal 
? refinement        ? ? ? ? ? ? ? ? ? ? ? PHENIX      ? ? ? 1.9_1692 1 
? 'data collection' ? ? ? ? ? ? ? ? ? ? ? MOSFLM      ? ? ? 0.2.17   2 
? 'data scaling'    ? ? ? ? ? ? ? ? ? ? ? Aimless     ? ? ? 0.2.17   3 
? phasing           ? ? ? ? ? ? ? ? ? ? ? PHASER      ? ? ? 2.5.6    4 
? 'data extraction' ? ? ? ? ? ? ? ? ? ? ? PDB_EXTRACT ? ? ? 3.15     5 
# 
loop_
_pdbx_validate_close_contact.id 
_pdbx_validate_close_contact.PDB_model_num 
_pdbx_validate_close_contact.auth_atom_id_1 
_pdbx_validate_close_contact.auth_asym_id_1 
_pdbx_validate_close_contact.auth_comp_id_1 
_pdbx_validate_close_contact.auth_seq_id_1 
_pdbx_validate_close_contact.PDB_ins_code_1 
_pdbx_validate_close_contact.label_alt_id_1 
_pdbx_validate_close_contact.auth_atom_id_2 
_pdbx_validate_close_contact.auth_asym_id_2 
_pdbx_validate_close_contact.auth_comp_id_2 
_pdbx_validate_close_contact.auth_seq_id_2 
_pdbx_validate_close_contact.PDB_ins_code_2 
_pdbx_validate_close_contact.label_alt_id_2 
_pdbx_validate_close_contact.dist 
1 1 O A HOH 170 ? ? O B HOH 160 ? ? 2.04 
2 1 O A HOH 161 ? ? O B HOH 160 ? ? 2.14 
3 1 O A HOH 147 ? ? O A HOH 170 ? ? 2.15 
4 1 O A HOH 104 ? ? O A HOH 125 ? ? 2.17 
5 1 O A HOH 134 ? ? O A HOH 147 ? ? 2.18 
6 1 O B HOH 117 ? ? O B HOH 148 ? ? 2.19 
# 
_pdbx_validate_rmsd_angle.id                         1 
_pdbx_validate_rmsd_angle.PDB_model_num              1 
_pdbx_validate_rmsd_angle.auth_atom_id_1             "O4'" 
_pdbx_validate_rmsd_angle.auth_asym_id_1             A 
_pdbx_validate_rmsd_angle.auth_comp_id_1             DC 
_pdbx_validate_rmsd_angle.auth_seq_id_1              2 
_pdbx_validate_rmsd_angle.PDB_ins_code_1             ? 
_pdbx_validate_rmsd_angle.label_alt_id_1             B 
_pdbx_validate_rmsd_angle.auth_atom_id_2             "C1'" 
_pdbx_validate_rmsd_angle.auth_asym_id_2             A 
_pdbx_validate_rmsd_angle.auth_comp_id_2             DC 
_pdbx_validate_rmsd_angle.auth_seq_id_2              2 
_pdbx_validate_rmsd_angle.PDB_ins_code_2             ? 
_pdbx_validate_rmsd_angle.label_alt_id_2             B 
_pdbx_validate_rmsd_angle.auth_atom_id_3             N1 
_pdbx_validate_rmsd_angle.auth_asym_id_3             A 
_pdbx_validate_rmsd_angle.auth_comp_id_3             DC 
_pdbx_validate_rmsd_angle.auth_seq_id_3              2 
_pdbx_validate_rmsd_angle.PDB_ins_code_3             ? 
_pdbx_validate_rmsd_angle.label_alt_id_3             B 
_pdbx_validate_rmsd_angle.angle_value                110.13 
_pdbx_validate_rmsd_angle.angle_target_value         108.30 
_pdbx_validate_rmsd_angle.angle_deviation            1.83 
_pdbx_validate_rmsd_angle.angle_standard_deviation   0.30 
_pdbx_validate_rmsd_angle.linker_flag                N 
# 
_pdbx_distant_solvent_atoms.id                                1 
_pdbx_distant_solvent_atoms.PDB_model_num                     1 
_pdbx_distant_solvent_atoms.auth_atom_id                      O 
_pdbx_distant_solvent_atoms.label_alt_id                      ? 
_pdbx_distant_solvent_atoms.auth_asym_id                      B 
_pdbx_distant_solvent_atoms.auth_comp_id                      HOH 
_pdbx_distant_solvent_atoms.auth_seq_id                       147 
_pdbx_distant_solvent_atoms.PDB_ins_code                      ? 
_pdbx_distant_solvent_atoms.neighbor_macromolecule_distance   6.23 
_pdbx_distant_solvent_atoms.neighbor_ligand_distance          . 
# 
loop_
_chem_comp_atom.comp_id 
_chem_comp_atom.atom_id 
_chem_comp_atom.type_symbol 
_chem_comp_atom.pdbx_aromatic_flag 
_chem_comp_atom.pdbx_stereo_config 
_chem_comp_atom.pdbx_ordinal 
DA  OP3    O N N 1   
DA  P      P N N 2   
DA  OP1    O N N 3   
DA  OP2    O N N 4   
DA  "O5'"  O N N 5   
DA  "C5'"  C N N 6   
DA  "C4'"  C N R 7   
DA  "O4'"  O N N 8   
DA  "C3'"  C N S 9   
DA  "O3'"  O N N 10  
DA  "C2'"  C N N 11  
DA  "C1'"  C N R 12  
DA  N9     N Y N 13  
DA  C8     C Y N 14  
DA  N7     N Y N 15  
DA  C5     C Y N 16  
DA  C6     C Y N 17  
DA  N6     N N N 18  
DA  N1     N Y N 19  
DA  C2     C Y N 20  
DA  N3     N Y N 21  
DA  C4     C Y N 22  
DA  HOP3   H N N 23  
DA  HOP2   H N N 24  
DA  "H5'"  H N N 25  
DA  "H5''" H N N 26  
DA  "H4'"  H N N 27  
DA  "H3'"  H N N 28  
DA  "HO3'" H N N 29  
DA  "H2'"  H N N 30  
DA  "H2''" H N N 31  
DA  "H1'"  H N N 32  
DA  H8     H N N 33  
DA  H61    H N N 34  
DA  H62    H N N 35  
DA  H2     H N N 36  
DC  OP3    O N N 37  
DC  P      P N N 38  
DC  OP1    O N N 39  
DC  OP2    O N N 40  
DC  "O5'"  O N N 41  
DC  "C5'"  C N N 42  
DC  "C4'"  C N R 43  
DC  "O4'"  O N N 44  
DC  "C3'"  C N S 45  
DC  "O3'"  O N N 46  
DC  "C2'"  C N N 47  
DC  "C1'"  C N R 48  
DC  N1     N N N 49  
DC  C2     C N N 50  
DC  O2     O N N 51  
DC  N3     N N N 52  
DC  C4     C N N 53  
DC  N4     N N N 54  
DC  C5     C N N 55  
DC  C6     C N N 56  
DC  HOP3   H N N 57  
DC  HOP2   H N N 58  
DC  "H5'"  H N N 59  
DC  "H5''" H N N 60  
DC  "H4'"  H N N 61  
DC  "H3'"  H N N 62  
DC  "HO3'" H N N 63  
DC  "H2'"  H N N 64  
DC  "H2''" H N N 65  
DC  "H1'"  H N N 66  
DC  H41    H N N 67  
DC  H42    H N N 68  
DC  H5     H N N 69  
DC  H6     H N N 70  
DG  OP3    O N N 71  
DG  P      P N N 72  
DG  OP1    O N N 73  
DG  OP2    O N N 74  
DG  "O5'"  O N N 75  
DG  "C5'"  C N N 76  
DG  "C4'"  C N R 77  
DG  "O4'"  O N N 78  
DG  "C3'"  C N S 79  
DG  "O3'"  O N N 80  
DG  "C2'"  C N N 81  
DG  "C1'"  C N R 82  
DG  N9     N Y N 83  
DG  C8     C Y N 84  
DG  N7     N Y N 85  
DG  C5     C Y N 86  
DG  C6     C N N 87  
DG  O6     O N N 88  
DG  N1     N N N 89  
DG  C2     C N N 90  
DG  N2     N N N 91  
DG  N3     N N N 92  
DG  C4     C Y N 93  
DG  HOP3   H N N 94  
DG  HOP2   H N N 95  
DG  "H5'"  H N N 96  
DG  "H5''" H N N 97  
DG  "H4'"  H N N 98  
DG  "H3'"  H N N 99  
DG  "HO3'" H N N 100 
DG  "H2'"  H N N 101 
DG  "H2''" H N N 102 
DG  "H1'"  H N N 103 
DG  H8     H N N 104 
DG  H1     H N N 105 
DG  H21    H N N 106 
DG  H22    H N N 107 
DT  OP3    O N N 108 
DT  P      P N N 109 
DT  OP1    O N N 110 
DT  OP2    O N N 111 
DT  "O5'"  O N N 112 
DT  "C5'"  C N N 113 
DT  "C4'"  C N R 114 
DT  "O4'"  O N N 115 
DT  "C3'"  C N S 116 
DT  "O3'"  O N N 117 
DT  "C2'"  C N N 118 
DT  "C1'"  C N R 119 
DT  N1     N N N 120 
DT  C2     C N N 121 
DT  O2     O N N 122 
DT  N3     N N N 123 
DT  C4     C N N 124 
DT  O4     O N N 125 
DT  C5     C N N 126 
DT  C7     C N N 127 
DT  C6     C N N 128 
DT  HOP3   H N N 129 
DT  HOP2   H N N 130 
DT  "H5'"  H N N 131 
DT  "H5''" H N N 132 
DT  "H4'"  H N N 133 
DT  "H3'"  H N N 134 
DT  "HO3'" H N N 135 
DT  "H2'"  H N N 136 
DT  "H2''" H N N 137 
DT  "H1'"  H N N 138 
DT  H3     H N N 139 
DT  H71    H N N 140 
DT  H72    H N N 141 
DT  H73    H N N 142 
DT  H6     H N N 143 
HOH O      O N N 144 
HOH H1     H N N 145 
HOH H2     H N N 146 
LSH P      P N N 147 
LSH OP1    O N N 148 
LSH OP2    O N N 149 
LSH "O5'"  O N N 150 
LSH "C5'"  C N N 151 
LSH "C4'"  C N R 152 
LSH "C6'"  C N N 153 
LSH S      S N N 154 
LSH "O7'"  O N N 155 
LSH "O8'"  O N N 156 
LSH "N2'"  N N N 157 
LSH "C2'"  C N R 158 
LSH "C1'"  C N R 159 
LSH "O4'"  O N N 160 
LSH N1     N N N 161 
LSH C2     C N N 162 
LSH O2     O N N 163 
LSH N3     N N N 164 
LSH C4     C N N 165 
LSH O4     O N N 166 
LSH C5     C N N 167 
LSH C7     C N N 168 
LSH C6     C N N 169 
LSH "C3'"  C N S 170 
LSH "O3'"  O N N 171 
LSH H2     H N N 172 
LSH H3     H N N 173 
LSH H4     H N N 174 
LSH H5     H N N 175 
LSH H6     H N N 176 
LSH H7     H N N 177 
LSH H8     H N N 178 
LSH H9     H N N 179 
LSH H10    H N N 180 
LSH H11    H N N 181 
LSH H12    H N N 182 
LSH H13    H N N 183 
LSH H14    H N N 184 
LSH H15    H N N 185 
LSH H16    H N N 186 
LSH OP3    O N N 187 
LSH H1     H N N 188 
# 
loop_
_chem_comp_bond.comp_id 
_chem_comp_bond.atom_id_1 
_chem_comp_bond.atom_id_2 
_chem_comp_bond.value_order 
_chem_comp_bond.pdbx_aromatic_flag 
_chem_comp_bond.pdbx_stereo_config 
_chem_comp_bond.pdbx_ordinal 
DA  OP3   P      sing N N 1   
DA  OP3   HOP3   sing N N 2   
DA  P     OP1    doub N N 3   
DA  P     OP2    sing N N 4   
DA  P     "O5'"  sing N N 5   
DA  OP2   HOP2   sing N N 6   
DA  "O5'" "C5'"  sing N N 7   
DA  "C5'" "C4'"  sing N N 8   
DA  "C5'" "H5'"  sing N N 9   
DA  "C5'" "H5''" sing N N 10  
DA  "C4'" "O4'"  sing N N 11  
DA  "C4'" "C3'"  sing N N 12  
DA  "C4'" "H4'"  sing N N 13  
DA  "O4'" "C1'"  sing N N 14  
DA  "C3'" "O3'"  sing N N 15  
DA  "C3'" "C2'"  sing N N 16  
DA  "C3'" "H3'"  sing N N 17  
DA  "O3'" "HO3'" sing N N 18  
DA  "C2'" "C1'"  sing N N 19  
DA  "C2'" "H2'"  sing N N 20  
DA  "C2'" "H2''" sing N N 21  
DA  "C1'" N9     sing N N 22  
DA  "C1'" "H1'"  sing N N 23  
DA  N9    C8     sing Y N 24  
DA  N9    C4     sing Y N 25  
DA  C8    N7     doub Y N 26  
DA  C8    H8     sing N N 27  
DA  N7    C5     sing Y N 28  
DA  C5    C6     sing Y N 29  
DA  C5    C4     doub Y N 30  
DA  C6    N6     sing N N 31  
DA  C6    N1     doub Y N 32  
DA  N6    H61    sing N N 33  
DA  N6    H62    sing N N 34  
DA  N1    C2     sing Y N 35  
DA  C2    N3     doub Y N 36  
DA  C2    H2     sing N N 37  
DA  N3    C4     sing Y N 38  
DC  OP3   P      sing N N 39  
DC  OP3   HOP3   sing N N 40  
DC  P     OP1    doub N N 41  
DC  P     OP2    sing N N 42  
DC  P     "O5'"  sing N N 43  
DC  OP2   HOP2   sing N N 44  
DC  "O5'" "C5'"  sing N N 45  
DC  "C5'" "C4'"  sing N N 46  
DC  "C5'" "H5'"  sing N N 47  
DC  "C5'" "H5''" sing N N 48  
DC  "C4'" "O4'"  sing N N 49  
DC  "C4'" "C3'"  sing N N 50  
DC  "C4'" "H4'"  sing N N 51  
DC  "O4'" "C1'"  sing N N 52  
DC  "C3'" "O3'"  sing N N 53  
DC  "C3'" "C2'"  sing N N 54  
DC  "C3'" "H3'"  sing N N 55  
DC  "O3'" "HO3'" sing N N 56  
DC  "C2'" "C1'"  sing N N 57  
DC  "C2'" "H2'"  sing N N 58  
DC  "C2'" "H2''" sing N N 59  
DC  "C1'" N1     sing N N 60  
DC  "C1'" "H1'"  sing N N 61  
DC  N1    C2     sing N N 62  
DC  N1    C6     sing N N 63  
DC  C2    O2     doub N N 64  
DC  C2    N3     sing N N 65  
DC  N3    C4     doub N N 66  
DC  C4    N4     sing N N 67  
DC  C4    C5     sing N N 68  
DC  N4    H41    sing N N 69  
DC  N4    H42    sing N N 70  
DC  C5    C6     doub N N 71  
DC  C5    H5     sing N N 72  
DC  C6    H6     sing N N 73  
DG  OP3   P      sing N N 74  
DG  OP3   HOP3   sing N N 75  
DG  P     OP1    doub N N 76  
DG  P     OP2    sing N N 77  
DG  P     "O5'"  sing N N 78  
DG  OP2   HOP2   sing N N 79  
DG  "O5'" "C5'"  sing N N 80  
DG  "C5'" "C4'"  sing N N 81  
DG  "C5'" "H5'"  sing N N 82  
DG  "C5'" "H5''" sing N N 83  
DG  "C4'" "O4'"  sing N N 84  
DG  "C4'" "C3'"  sing N N 85  
DG  "C4'" "H4'"  sing N N 86  
DG  "O4'" "C1'"  sing N N 87  
DG  "C3'" "O3'"  sing N N 88  
DG  "C3'" "C2'"  sing N N 89  
DG  "C3'" "H3'"  sing N N 90  
DG  "O3'" "HO3'" sing N N 91  
DG  "C2'" "C1'"  sing N N 92  
DG  "C2'" "H2'"  sing N N 93  
DG  "C2'" "H2''" sing N N 94  
DG  "C1'" N9     sing N N 95  
DG  "C1'" "H1'"  sing N N 96  
DG  N9    C8     sing Y N 97  
DG  N9    C4     sing Y N 98  
DG  C8    N7     doub Y N 99  
DG  C8    H8     sing N N 100 
DG  N7    C5     sing Y N 101 
DG  C5    C6     sing N N 102 
DG  C5    C4     doub Y N 103 
DG  C6    O6     doub N N 104 
DG  C6    N1     sing N N 105 
DG  N1    C2     sing N N 106 
DG  N1    H1     sing N N 107 
DG  C2    N2     sing N N 108 
DG  C2    N3     doub N N 109 
DG  N2    H21    sing N N 110 
DG  N2    H22    sing N N 111 
DG  N3    C4     sing N N 112 
DT  OP3   P      sing N N 113 
DT  OP3   HOP3   sing N N 114 
DT  P     OP1    doub N N 115 
DT  P     OP2    sing N N 116 
DT  P     "O5'"  sing N N 117 
DT  OP2   HOP2   sing N N 118 
DT  "O5'" "C5'"  sing N N 119 
DT  "C5'" "C4'"  sing N N 120 
DT  "C5'" "H5'"  sing N N 121 
DT  "C5'" "H5''" sing N N 122 
DT  "C4'" "O4'"  sing N N 123 
DT  "C4'" "C3'"  sing N N 124 
DT  "C4'" "H4'"  sing N N 125 
DT  "O4'" "C1'"  sing N N 126 
DT  "C3'" "O3'"  sing N N 127 
DT  "C3'" "C2'"  sing N N 128 
DT  "C3'" "H3'"  sing N N 129 
DT  "O3'" "HO3'" sing N N 130 
DT  "C2'" "C1'"  sing N N 131 
DT  "C2'" "H2'"  sing N N 132 
DT  "C2'" "H2''" sing N N 133 
DT  "C1'" N1     sing N N 134 
DT  "C1'" "H1'"  sing N N 135 
DT  N1    C2     sing N N 136 
DT  N1    C6     sing N N 137 
DT  C2    O2     doub N N 138 
DT  C2    N3     sing N N 139 
DT  N3    C4     sing N N 140 
DT  N3    H3     sing N N 141 
DT  C4    O4     doub N N 142 
DT  C4    C5     sing N N 143 
DT  C5    C7     sing N N 144 
DT  C5    C6     doub N N 145 
DT  C7    H71    sing N N 146 
DT  C7    H72    sing N N 147 
DT  C7    H73    sing N N 148 
DT  C6    H6     sing N N 149 
HOH O     H1     sing N N 150 
HOH O     H2     sing N N 151 
LSH "O7'" S      doub N N 152 
LSH "O8'" S      doub N N 153 
LSH "C6'" S      sing N N 154 
LSH "C6'" "C4'"  sing N N 155 
LSH S     "N2'"  sing N N 156 
LSH "C5'" "C4'"  sing N N 157 
LSH "C5'" "O5'"  sing N N 158 
LSH "C4'" "O4'"  sing N N 159 
LSH "C4'" "C3'"  sing N N 160 
LSH "N2'" "C2'"  sing N N 161 
LSH "O4'" "C1'"  sing N N 162 
LSH OP1   P      doub N N 163 
LSH "O3'" "C3'"  sing N N 164 
LSH "O5'" P      sing N N 165 
LSH "C3'" "C2'"  sing N N 166 
LSH P     OP2    sing N N 167 
LSH "C2'" "C1'"  sing N N 168 
LSH "C1'" N1     sing N N 169 
LSH N1    C6     sing N N 170 
LSH N1    C2     sing N N 171 
LSH C6    C5     doub N N 172 
LSH O2    C2     doub N N 173 
LSH C2    N3     sing N N 174 
LSH C5    C7     sing N N 175 
LSH C5    C4     sing N N 176 
LSH N3    C4     sing N N 177 
LSH C4    O4     doub N N 178 
LSH OP2   H2     sing N N 179 
LSH "C5'" H3     sing N N 180 
LSH "C5'" H4     sing N N 181 
LSH "C6'" H5     sing N N 182 
LSH "C6'" H6     sing N N 183 
LSH "N2'" H7     sing N N 184 
LSH "C2'" H8     sing N N 185 
LSH "C1'" H9     sing N N 186 
LSH N3    H10    sing N N 187 
LSH C7    H11    sing N N 188 
LSH C7    H12    sing N N 189 
LSH C7    H13    sing N N 190 
LSH C6    H14    sing N N 191 
LSH "C3'" H15    sing N N 192 
LSH "O3'" H16    sing N N 193 
LSH P     OP3    sing N N 194 
LSH OP3   H1     sing N N 195 
# 
_ndb_struct_conf_na.entry_id   5AXE 
_ndb_struct_conf_na.feature    'a-form double helix' 
# 
loop_
_ndb_struct_na_base_pair.model_number 
_ndb_struct_na_base_pair.i_label_asym_id 
_ndb_struct_na_base_pair.i_label_comp_id 
_ndb_struct_na_base_pair.i_label_seq_id 
_ndb_struct_na_base_pair.i_symmetry 
_ndb_struct_na_base_pair.j_label_asym_id 
_ndb_struct_na_base_pair.j_label_comp_id 
_ndb_struct_na_base_pair.j_label_seq_id 
_ndb_struct_na_base_pair.j_symmetry 
_ndb_struct_na_base_pair.shear 
_ndb_struct_na_base_pair.stretch 
_ndb_struct_na_base_pair.stagger 
_ndb_struct_na_base_pair.buckle 
_ndb_struct_na_base_pair.propeller 
_ndb_struct_na_base_pair.opening 
_ndb_struct_na_base_pair.pair_number 
_ndb_struct_na_base_pair.pair_name 
_ndb_struct_na_base_pair.i_auth_asym_id 
_ndb_struct_na_base_pair.i_auth_seq_id 
_ndb_struct_na_base_pair.i_PDB_ins_code 
_ndb_struct_na_base_pair.j_auth_asym_id 
_ndb_struct_na_base_pair.j_auth_seq_id 
_ndb_struct_na_base_pair.j_PDB_ins_code 
_ndb_struct_na_base_pair.hbond_type_28 
_ndb_struct_na_base_pair.hbond_type_12 
1 A DG  1  1_555 B DC  10 1_555 -0.130 -0.076 0.099  0.168  -16.749 -0.473 1  A_DG1:DC20_B  A 1  ? B 20 ? 19 1 
1 A DC  2  1_555 B DG  9  1_555 0.309  -0.063 0.116  12.693 -21.427 4.264  2  A_DC2:DG19_B  A 2  ? B 19 ? 19 1 
1 A DG  3  1_555 B DC  8  1_555 -0.063 -0.090 -0.048 -1.892 -10.159 0.855  3  A_DG3:DC18_B  A 3  ? B 18 ? 19 1 
1 A DT  4  1_555 B DA  7  1_555 0.009  -0.087 -0.112 5.666  -12.566 3.833  4  A_DT4:DA17_B  A 4  ? B 17 ? 20 1 
1 A DA  5  1_555 B LSH 6  1_555 0.110  -0.101 0.298  -6.216 -23.632 3.835  5  A_DA5:LSH16_B A 5  ? B 16 ? 20 1 
1 A LSH 6  1_555 B DA  5  1_555 -0.240 -0.105 0.362  -5.966 -17.697 -4.592 6  A_LSH6:DA15_B A 6  ? B 15 ? 20 1 
1 A DA  7  1_555 B DT  4  1_555 0.107  -0.163 0.244  0.946  -14.200 -0.230 7  A_DA7:DT14_B  A 7  ? B 14 ? 20 1 
1 A DC  8  1_555 B DG  3  1_555 0.101  -0.173 -0.084 7.497  -16.711 1.594  8  A_DC8:DG13_B  A 8  ? B 13 ? 19 1 
1 A DG  9  1_555 B DC  2  1_555 -0.283 -0.080 -0.023 -5.913 -18.658 3.715  9  A_DG9:DC12_B  A 9  ? B 12 ? 19 1 
1 A DC  10 1_555 B DG  1  1_555 0.153  -0.116 0.112  -1.628 3.977   0.192  10 A_DC10:DG11_B A 10 ? B 11 ? 19 1 
# 
loop_
_ndb_struct_na_base_pair_step.model_number 
_ndb_struct_na_base_pair_step.i_label_asym_id_1 
_ndb_struct_na_base_pair_step.i_label_comp_id_1 
_ndb_struct_na_base_pair_step.i_label_seq_id_1 
_ndb_struct_na_base_pair_step.i_symmetry_1 
_ndb_struct_na_base_pair_step.j_label_asym_id_1 
_ndb_struct_na_base_pair_step.j_label_comp_id_1 
_ndb_struct_na_base_pair_step.j_label_seq_id_1 
_ndb_struct_na_base_pair_step.j_symmetry_1 
_ndb_struct_na_base_pair_step.i_label_asym_id_2 
_ndb_struct_na_base_pair_step.i_label_comp_id_2 
_ndb_struct_na_base_pair_step.i_label_seq_id_2 
_ndb_struct_na_base_pair_step.i_symmetry_2 
_ndb_struct_na_base_pair_step.j_label_asym_id_2 
_ndb_struct_na_base_pair_step.j_label_comp_id_2 
_ndb_struct_na_base_pair_step.j_label_seq_id_2 
_ndb_struct_na_base_pair_step.j_symmetry_2 
_ndb_struct_na_base_pair_step.shift 
_ndb_struct_na_base_pair_step.slide 
_ndb_struct_na_base_pair_step.rise 
_ndb_struct_na_base_pair_step.tilt 
_ndb_struct_na_base_pair_step.roll 
_ndb_struct_na_base_pair_step.twist 
_ndb_struct_na_base_pair_step.x_displacement 
_ndb_struct_na_base_pair_step.y_displacement 
_ndb_struct_na_base_pair_step.helical_rise 
_ndb_struct_na_base_pair_step.inclination 
_ndb_struct_na_base_pair_step.tip 
_ndb_struct_na_base_pair_step.helical_twist 
_ndb_struct_na_base_pair_step.step_number 
_ndb_struct_na_base_pair_step.step_name 
_ndb_struct_na_base_pair_step.i_auth_asym_id_1 
_ndb_struct_na_base_pair_step.i_auth_seq_id_1 
_ndb_struct_na_base_pair_step.i_PDB_ins_code_1 
_ndb_struct_na_base_pair_step.j_auth_asym_id_1 
_ndb_struct_na_base_pair_step.j_auth_seq_id_1 
_ndb_struct_na_base_pair_step.j_PDB_ins_code_1 
_ndb_struct_na_base_pair_step.i_auth_asym_id_2 
_ndb_struct_na_base_pair_step.i_auth_seq_id_2 
_ndb_struct_na_base_pair_step.i_PDB_ins_code_2 
_ndb_struct_na_base_pair_step.j_auth_asym_id_2 
_ndb_struct_na_base_pair_step.j_auth_seq_id_2 
_ndb_struct_na_base_pair_step.j_PDB_ins_code_2 
1 A DG  1 1_555 B DC  10 1_555 A DC  2  1_555 B DG  9 1_555 0.691  -1.229 2.920 0.082  2.119  35.896 -2.257 -1.109 2.847 3.435  
-0.133 35.957 1 AA_DG1DC2:DG19DC20_BB   A 1 ? B 20 ? A 2  ? B 19 ? 
1 A DC  2 1_555 B DG  9  1_555 A DG  3  1_555 B DC  8 1_555 0.008  -1.932 3.645 -0.417 7.726  28.743 -5.446 -0.107 3.033 15.218 
0.822  29.745 2 AA_DC2DG3:DC18DG19_BB   A 2 ? B 19 ? A 3  ? B 18 ? 
1 A DG  3 1_555 B DC  8  1_555 A DT  4  1_555 B DA  7 1_555 -1.288 -2.569 3.063 -2.500 6.485  23.256 -7.860 2.392  2.392 15.645 
6.032  24.259 3 AA_DG3DT4:DA17DC18_BB   A 3 ? B 18 ? A 4  ? B 17 ? 
1 A DT  4 1_555 B DA  7  1_555 A DA  5  1_555 B LSH 6 1_555 0.819  -1.603 3.303 1.875  28.118 27.171 -5.228 -1.040 1.231 46.794 
-3.120 38.953 4 AA_DT4DA5:LSH16DA17_BB  A 4 ? B 17 ? A 5  ? B 16 ? 
1 A DA  5 1_555 B LSH 6  1_555 A LSH 6  1_555 B DA  5 1_555 -0.577 -1.763 3.229 -0.544 0.773  33.618 -3.171 0.911  3.197 1.336  
0.940  33.631 5 AA_DA5LSH6:DA15LSH16_BB A 5 ? B 16 ? A 6  ? B 15 ? 
1 A LSH 6 1_555 B DA  5  1_555 A DA  7  1_555 B DT  4 1_555 0.677  -1.608 2.918 2.244  10.365 26.570 -5.170 -0.958 2.197 21.496 
-4.653 28.573 6 AA_LSH6DA7:DT14DA15_BB  A 6 ? B 15 ? A 7  ? B 14 ? 
1 A DA  7 1_555 B DT  4  1_555 A DC  8  1_555 B DG  3 1_555 0.515  -1.352 3.153 3.643  3.179  32.567 -2.903 -0.316 3.049 5.630  
-6.451 32.914 7 AA_DA7DC8:DG13DT14_BB   A 7 ? B 14 ? A 8  ? B 13 ? 
1 A DC  8 1_555 B DG  3  1_555 A DG  9  1_555 B DC  2 1_555 -0.217 -1.676 3.441 0.554  13.467 29.875 -5.182 0.475  2.472 24.607 
-1.012 32.711 8 AA_DC8DG9:DC12DG13_BB   A 8 ? B 13 ? A 9  ? B 12 ? 
1 A DG  9 1_555 B DC  2  1_555 A DC  10 1_555 B DG  1 1_555 0.290  -1.591 3.276 -1.627 0.828  34.860 -2.777 -0.727 3.222 1.381  
2.713  34.907 9 AA_DG9DC10:DG11DC12_BB  A 9 ? B 12 ? A 10 ? B 11 ? 
# 
_pdbx_entity_nonpoly.entity_id   2 
_pdbx_entity_nonpoly.name        water 
_pdbx_entity_nonpoly.comp_id     HOH 
# 
_pdbx_initial_refinement_model.id               1 
_pdbx_initial_refinement_model.entity_id_list   ? 
_pdbx_initial_refinement_model.type             'experimental model' 
_pdbx_initial_refinement_model.source_name      PDB 
_pdbx_initial_refinement_model.accession_code   1I5W 
_pdbx_initial_refinement_model.details          ? 
# 
